data_3LGF
# 
_entry.id   3LGF 
# 
_audit_conform.dict_name       mmcif_pdbx.dic 
_audit_conform.dict_version    5.378 
_audit_conform.dict_location   http://mmcif.pdb.org/dictionaries/ascii/mmcif_pdbx.dic 
# 
loop_
_database_2.database_id 
_database_2.database_code 
_database_2.pdbx_database_accession 
_database_2.pdbx_DOI 
PDB   3LGF         pdb_00003lgf 10.2210/pdb3lgf/pdb 
RCSB  RCSB057246   ?            ?                   
WWPDB D_1000057246 ?            ?                   
# 
loop_
_pdbx_database_related.db_name 
_pdbx_database_related.db_id 
_pdbx_database_related.details 
_pdbx_database_related.content_type 
PDB 3LGL . unspecified 
PDB 3LH0 . unspecified 
# 
_pdbx_database_status.status_code                     REL 
_pdbx_database_status.entry_id                        3LGF 
_pdbx_database_status.recvd_initial_deposition_date   2010-01-20 
_pdbx_database_status.deposit_site                    RCSB 
_pdbx_database_status.process_site                    RCSB 
_pdbx_database_status.status_code_sf                  REL 
_pdbx_database_status.status_code_mr                  ? 
_pdbx_database_status.SG_entry                        ? 
_pdbx_database_status.pdb_format_compatible           Y 
_pdbx_database_status.status_code_cs                  ? 
_pdbx_database_status.status_code_nmr_data            ? 
_pdbx_database_status.methods_development_category    ? 
# 
loop_
_audit_author.name 
_audit_author.pdbx_ordinal 
'Roy, S.'           1 
'Kutateladze, T.G.' 2 
# 
_citation.id                        primary 
_citation.title                     'Structural insight into p53 recognition by the 53BP1 tandem Tudor domain.' 
_citation.journal_abbrev            J.Mol.Biol. 
_citation.journal_volume            398 
_citation.page_first                489 
_citation.page_last                 496 
_citation.year                      2010 
_citation.journal_id_ASTM           JMOBAK 
_citation.country                   UK 
_citation.journal_id_ISSN           0022-2836 
_citation.journal_id_CSD            0070 
_citation.book_publisher            ? 
_citation.pdbx_database_id_PubMed   20307547 
_citation.pdbx_database_id_DOI      10.1016/j.jmb.2010.03.024 
# 
loop_
_citation_author.citation_id 
_citation_author.name 
_citation_author.ordinal 
_citation_author.identifier_ORCID 
primary 'Roy, S.'           1 ? 
primary 'Musselman, C.A.'   2 ? 
primary 'Kachirskaia, I.'   3 ? 
primary 'Hayashi, R.'       4 ? 
primary 'Glass, K.C.'       5 ? 
primary 'Nix, J.C.'         6 ? 
primary 'Gozani, O.'        7 ? 
primary 'Appella, E.'       8 ? 
primary 'Kutateladze, T.G.' 9 ? 
# 
_cell.entry_id           3LGF 
_cell.length_a           56.440 
_cell.length_b           78.100 
_cell.length_c           36.310 
_cell.angle_alpha        90.00 
_cell.angle_beta         121.92 
_cell.angle_gamma        90.00 
_cell.Z_PDB              4 
_cell.pdbx_unique_axis   ? 
_cell.length_a_esd       ? 
_cell.length_b_esd       ? 
_cell.length_c_esd       ? 
_cell.angle_alpha_esd    ? 
_cell.angle_beta_esd     ? 
_cell.angle_gamma_esd    ? 
# 
_symmetry.entry_id                         3LGF 
_symmetry.space_group_name_H-M             'C 1 2 1' 
_symmetry.pdbx_full_space_group_name_H-M   ? 
_symmetry.cell_setting                     ? 
_symmetry.Int_Tables_number                5 
_symmetry.space_group_name_Hall            ? 
# 
loop_
_entity.id 
_entity.type 
_entity.src_method 
_entity.pdbx_description 
_entity.formula_weight 
_entity.pdbx_number_of_molecules 
_entity.pdbx_ec 
_entity.pdbx_mutation 
_entity.pdbx_fragment 
_entity.details 
1 polymer     man 'Tumor suppressor p53-binding protein 1' 14029.840 1   ? ? 'Tandem tudor domains (RESIUDES 1484-1603)' ? 
2 polymer     syn 'DIMETHYLATED p53 Lysine 370 PEPTIDE'    1130.319  1   ? ? ?                                           ? 
3 non-polymer syn 'TRIETHYLENE GLYCOL'                     150.173   2   ? ? ?                                           ? 
4 non-polymer syn 'SULFATE ION'                            96.063    1   ? ? ?                                           ? 
5 water       nat water                                    18.015    145 ? ? ?                                           ? 
# 
_entity_name_com.entity_id   1 
_entity_name_com.name        'p53-binding protein 1, p53BP1, 53BP1' 
# 
loop_
_entity_poly.entity_id 
_entity_poly.type 
_entity_poly.nstd_linkage 
_entity_poly.nstd_monomer 
_entity_poly.pdbx_seq_one_letter_code 
_entity_poly.pdbx_seq_one_letter_code_can 
_entity_poly.pdbx_strand_id 
_entity_poly.pdbx_target_identifier 
1 'polypeptide(L)' no no  
;GPLGSNSFVGLRVVAKWSSNGYFYSGKITRDVGAGKYKLLFDDGYECDVLGKDILLCDPIPLDTEVTALSEDEYFSAGVV
KGHRKESGELYYSIEKEGQRKWYKRMAVILSLEQGNRLREQYGLG
;
;GPLGSNSFVGLRVVAKWSSNGYFYSGKITRDVGAGKYKLLFDDGYECDVLGKDILLCDPIPLDTEVTALSEDEYFSAGVV
KGHRKESGELYYSIEKEGQRKWYKRMAVILSLEQGNRLREQYGLG
;
A ? 
2 'polypeptide(L)' no yes 'SSHL(MLY)SKKGQ' SSHLKSKKGQ B ? 
# 
loop_
_entity_poly_seq.entity_id 
_entity_poly_seq.num 
_entity_poly_seq.mon_id 
_entity_poly_seq.hetero 
1 1   GLY n 
1 2   PRO n 
1 3   LEU n 
1 4   GLY n 
1 5   SER n 
1 6   ASN n 
1 7   SER n 
1 8   PHE n 
1 9   VAL n 
1 10  GLY n 
1 11  LEU n 
1 12  ARG n 
1 13  VAL n 
1 14  VAL n 
1 15  ALA n 
1 16  LYS n 
1 17  TRP n 
1 18  SER n 
1 19  SER n 
1 20  ASN n 
1 21  GLY n 
1 22  TYR n 
1 23  PHE n 
1 24  TYR n 
1 25  SER n 
1 26  GLY n 
1 27  LYS n 
1 28  ILE n 
1 29  THR n 
1 30  ARG n 
1 31  ASP n 
1 32  VAL n 
1 33  GLY n 
1 34  ALA n 
1 35  GLY n 
1 36  LYS n 
1 37  TYR n 
1 38  LYS n 
1 39  LEU n 
1 40  LEU n 
1 41  PHE n 
1 42  ASP n 
1 43  ASP n 
1 44  GLY n 
1 45  TYR n 
1 46  GLU n 
1 47  CYS n 
1 48  ASP n 
1 49  VAL n 
1 50  LEU n 
1 51  GLY n 
1 52  LYS n 
1 53  ASP n 
1 54  ILE n 
1 55  LEU n 
1 56  LEU n 
1 57  CYS n 
1 58  ASP n 
1 59  PRO n 
1 60  ILE n 
1 61  PRO n 
1 62  LEU n 
1 63  ASP n 
1 64  THR n 
1 65  GLU n 
1 66  VAL n 
1 67  THR n 
1 68  ALA n 
1 69  LEU n 
1 70  SER n 
1 71  GLU n 
1 72  ASP n 
1 73  GLU n 
1 74  TYR n 
1 75  PHE n 
1 76  SER n 
1 77  ALA n 
1 78  GLY n 
1 79  VAL n 
1 80  VAL n 
1 81  LYS n 
1 82  GLY n 
1 83  HIS n 
1 84  ARG n 
1 85  LYS n 
1 86  GLU n 
1 87  SER n 
1 88  GLY n 
1 89  GLU n 
1 90  LEU n 
1 91  TYR n 
1 92  TYR n 
1 93  SER n 
1 94  ILE n 
1 95  GLU n 
1 96  LYS n 
1 97  GLU n 
1 98  GLY n 
1 99  GLN n 
1 100 ARG n 
1 101 LYS n 
1 102 TRP n 
1 103 TYR n 
1 104 LYS n 
1 105 ARG n 
1 106 MET n 
1 107 ALA n 
1 108 VAL n 
1 109 ILE n 
1 110 LEU n 
1 111 SER n 
1 112 LEU n 
1 113 GLU n 
1 114 GLN n 
1 115 GLY n 
1 116 ASN n 
1 117 ARG n 
1 118 LEU n 
1 119 ARG n 
1 120 GLU n 
1 121 GLN n 
1 122 TYR n 
1 123 GLY n 
1 124 LEU n 
1 125 GLY n 
2 1   SER n 
2 2   SER n 
2 3   HIS n 
2 4   LEU n 
2 5   MLY n 
2 6   SER n 
2 7   LYS n 
2 8   LYS n 
2 9   GLY n 
2 10  GLN n 
# 
_entity_src_gen.entity_id                          1 
_entity_src_gen.pdbx_src_id                        1 
_entity_src_gen.pdbx_alt_source_flag               sample 
_entity_src_gen.pdbx_seq_type                      ? 
_entity_src_gen.pdbx_beg_seq_num                   ? 
_entity_src_gen.pdbx_end_seq_num                   ? 
_entity_src_gen.gene_src_common_name               human 
_entity_src_gen.gene_src_genus                     ? 
_entity_src_gen.pdbx_gene_src_gene                 TP53BP1 
_entity_src_gen.gene_src_species                   ? 
_entity_src_gen.gene_src_strain                    ? 
_entity_src_gen.gene_src_tissue                    ? 
_entity_src_gen.gene_src_tissue_fraction           ? 
_entity_src_gen.gene_src_details                   ? 
_entity_src_gen.pdbx_gene_src_fragment             ? 
_entity_src_gen.pdbx_gene_src_scientific_name      'Homo sapiens' 
_entity_src_gen.pdbx_gene_src_ncbi_taxonomy_id     9606 
_entity_src_gen.pdbx_gene_src_variant              ? 
_entity_src_gen.pdbx_gene_src_cell_line            ? 
_entity_src_gen.pdbx_gene_src_atcc                 ? 
_entity_src_gen.pdbx_gene_src_organ                ? 
_entity_src_gen.pdbx_gene_src_organelle            ? 
_entity_src_gen.pdbx_gene_src_cell                 ? 
_entity_src_gen.pdbx_gene_src_cellular_location    ? 
_entity_src_gen.host_org_common_name               ? 
_entity_src_gen.pdbx_host_org_scientific_name      'Escherichia coli' 
_entity_src_gen.pdbx_host_org_ncbi_taxonomy_id     562 
_entity_src_gen.host_org_genus                     ? 
_entity_src_gen.pdbx_host_org_gene                 ? 
_entity_src_gen.pdbx_host_org_organ                ? 
_entity_src_gen.host_org_species                   ? 
_entity_src_gen.pdbx_host_org_tissue               ? 
_entity_src_gen.pdbx_host_org_tissue_fraction      ? 
_entity_src_gen.pdbx_host_org_strain               'BL21(DE3)' 
_entity_src_gen.pdbx_host_org_variant              ? 
_entity_src_gen.pdbx_host_org_cell_line            ? 
_entity_src_gen.pdbx_host_org_atcc                 ? 
_entity_src_gen.pdbx_host_org_culture_collection   ? 
_entity_src_gen.pdbx_host_org_cell                 ? 
_entity_src_gen.pdbx_host_org_organelle            ? 
_entity_src_gen.pdbx_host_org_cellular_location    ? 
_entity_src_gen.pdbx_host_org_vector_type          PLASMID 
_entity_src_gen.pdbx_host_org_vector               ? 
_entity_src_gen.host_org_details                   ? 
_entity_src_gen.expression_system_id               ? 
_entity_src_gen.plasmid_name                       pGEX6P1 
_entity_src_gen.plasmid_details                    ? 
_entity_src_gen.pdbx_description                   ? 
# 
_pdbx_entity_src_syn.entity_id              2 
_pdbx_entity_src_syn.pdbx_src_id            1 
_pdbx_entity_src_syn.pdbx_alt_source_flag   sample 
_pdbx_entity_src_syn.pdbx_beg_seq_num       ? 
_pdbx_entity_src_syn.pdbx_end_seq_num       ? 
_pdbx_entity_src_syn.organism_scientific    ? 
_pdbx_entity_src_syn.organism_common_name   ? 
_pdbx_entity_src_syn.ncbi_taxonomy_id       ? 
_pdbx_entity_src_syn.details                'The peptide was chemically synthesized' 
# 
loop_
_struct_ref.id 
_struct_ref.db_name 
_struct_ref.db_code 
_struct_ref.pdbx_db_accession 
_struct_ref.entity_id 
_struct_ref.pdbx_seq_one_letter_code 
_struct_ref.pdbx_align_begin 
_struct_ref.pdbx_db_isoform 
1 UNP TP53B_HUMAN Q12888 1 
;NSFVGLRVVAKWSSNGYFYSGKITRDVGAGKYKLLFDDGYECDVLGKDILLCDPIPLDTEVTALSEDEYFSAGVVKGHRK
ESGELYYSIEKEGQRKWYKRMAVILSLEQGNRLREQYGLG
;
1484 ? 
2 PDB 3LGF        3LGF   2 SSHLKSKKGQ 366  ? 
# 
loop_
_struct_ref_seq.align_id 
_struct_ref_seq.ref_id 
_struct_ref_seq.pdbx_PDB_id_code 
_struct_ref_seq.pdbx_strand_id 
_struct_ref_seq.seq_align_beg 
_struct_ref_seq.pdbx_seq_align_beg_ins_code 
_struct_ref_seq.seq_align_end 
_struct_ref_seq.pdbx_seq_align_end_ins_code 
_struct_ref_seq.pdbx_db_accession 
_struct_ref_seq.db_align_beg 
_struct_ref_seq.pdbx_db_align_beg_ins_code 
_struct_ref_seq.db_align_end 
_struct_ref_seq.pdbx_db_align_end_ins_code 
_struct_ref_seq.pdbx_auth_seq_align_beg 
_struct_ref_seq.pdbx_auth_seq_align_end 
1 1 3LGF A 6 ? 125 ? Q12888 1484 ? 1603 ? 1484 1603 
2 2 3LGF B 1 ? 10  ? 3LGF   366  ? 375  ? 366  375  
# 
loop_
_struct_ref_seq_dif.align_id 
_struct_ref_seq_dif.pdbx_pdb_id_code 
_struct_ref_seq_dif.mon_id 
_struct_ref_seq_dif.pdbx_pdb_strand_id 
_struct_ref_seq_dif.seq_num 
_struct_ref_seq_dif.pdbx_pdb_ins_code 
_struct_ref_seq_dif.pdbx_seq_db_name 
_struct_ref_seq_dif.pdbx_seq_db_accession_code 
_struct_ref_seq_dif.db_mon_id 
_struct_ref_seq_dif.pdbx_seq_db_seq_num 
_struct_ref_seq_dif.details 
_struct_ref_seq_dif.pdbx_auth_seq_num 
_struct_ref_seq_dif.pdbx_ordinal 
1 3LGF GLY A 1 ? UNP Q12888 ? ? 'expression tag' 1479 1 
1 3LGF PRO A 2 ? UNP Q12888 ? ? 'expression tag' 1480 2 
1 3LGF LEU A 3 ? UNP Q12888 ? ? 'expression tag' 1481 3 
1 3LGF GLY A 4 ? UNP Q12888 ? ? 'expression tag' 1482 4 
1 3LGF SER A 5 ? UNP Q12888 ? ? 'expression tag' 1483 5 
# 
loop_
_chem_comp.id 
_chem_comp.type 
_chem_comp.mon_nstd_flag 
_chem_comp.name 
_chem_comp.pdbx_synonyms 
_chem_comp.formula 
_chem_comp.formula_weight 
ALA 'L-peptide linking' y ALANINE              ? 'C3 H7 N O2'     89.093  
ARG 'L-peptide linking' y ARGININE             ? 'C6 H15 N4 O2 1' 175.209 
ASN 'L-peptide linking' y ASPARAGINE           ? 'C4 H8 N2 O3'    132.118 
ASP 'L-peptide linking' y 'ASPARTIC ACID'      ? 'C4 H7 N O4'     133.103 
CYS 'L-peptide linking' y CYSTEINE             ? 'C3 H7 N O2 S'   121.158 
GLN 'L-peptide linking' y GLUTAMINE            ? 'C5 H10 N2 O3'   146.144 
GLU 'L-peptide linking' y 'GLUTAMIC ACID'      ? 'C5 H9 N O4'     147.129 
GLY 'peptide linking'   y GLYCINE              ? 'C2 H5 N O2'     75.067  
HIS 'L-peptide linking' y HISTIDINE            ? 'C6 H10 N3 O2 1' 156.162 
HOH non-polymer         . WATER                ? 'H2 O'           18.015  
ILE 'L-peptide linking' y ISOLEUCINE           ? 'C6 H13 N O2'    131.173 
LEU 'L-peptide linking' y LEUCINE              ? 'C6 H13 N O2'    131.173 
LYS 'L-peptide linking' y LYSINE               ? 'C6 H15 N2 O2 1' 147.195 
MET 'L-peptide linking' y METHIONINE           ? 'C5 H11 N O2 S'  149.211 
MLY 'L-peptide linking' n N-DIMETHYL-LYSINE    ? 'C8 H18 N2 O2'   174.241 
PGE non-polymer         . 'TRIETHYLENE GLYCOL' ? 'C6 H14 O4'      150.173 
PHE 'L-peptide linking' y PHENYLALANINE        ? 'C9 H11 N O2'    165.189 
PRO 'L-peptide linking' y PROLINE              ? 'C5 H9 N O2'     115.130 
SER 'L-peptide linking' y SERINE               ? 'C3 H7 N O3'     105.093 
SO4 non-polymer         . 'SULFATE ION'        ? 'O4 S -2'        96.063  
THR 'L-peptide linking' y THREONINE            ? 'C4 H9 N O3'     119.119 
TRP 'L-peptide linking' y TRYPTOPHAN           ? 'C11 H12 N2 O2'  204.225 
TYR 'L-peptide linking' y TYROSINE             ? 'C9 H11 N O3'    181.189 
VAL 'L-peptide linking' y VALINE               ? 'C5 H11 N O2'    117.146 
# 
_exptl.entry_id          3LGF 
_exptl.method            'X-RAY DIFFRACTION' 
_exptl.crystals_number   1 
# 
_exptl_crystal.id                    1 
_exptl_crystal.density_meas          ? 
_exptl_crystal.density_Matthews      2.24 
_exptl_crystal.density_percent_sol   45.04 
_exptl_crystal.description           ? 
_exptl_crystal.F_000                 ? 
_exptl_crystal.preparation           ? 
# 
_exptl_crystal_grow.crystal_id      1 
_exptl_crystal_grow.method          'VAPOR DIFFUSION, HANGING DROP' 
_exptl_crystal_grow.temp            298 
_exptl_crystal_grow.temp_details    ? 
_exptl_crystal_grow.pH              7.0 
_exptl_crystal_grow.pdbx_details    
'0.1 M HEPES-Na pH 7.0, 2% PEG 400 and 2.4 M ammonium sulphate., VAPOR DIFFUSION, HANGING DROP, temperature 298K' 
_exptl_crystal_grow.pdbx_pH_range   ? 
# 
_diffrn.id                     1 
_diffrn.ambient_temp           100 
_diffrn.ambient_temp_details   ? 
_diffrn.crystal_id             1 
# 
_diffrn_detector.diffrn_id              1 
_diffrn_detector.detector               CCD 
_diffrn_detector.type                   NOIR-1 
_diffrn_detector.pdbx_collection_date   2009-01-10 
_diffrn_detector.details                ? 
# 
_diffrn_radiation.diffrn_id                        1 
_diffrn_radiation.wavelength_id                    1 
_diffrn_radiation.pdbx_monochromatic_or_laue_m_l   M 
_diffrn_radiation.monochromator                    'Double crystal' 
_diffrn_radiation.pdbx_diffrn_protocol             'SINGLE WAVELENGTH' 
_diffrn_radiation.pdbx_scattering_type             x-ray 
# 
_diffrn_radiation_wavelength.id           1 
_diffrn_radiation_wavelength.wavelength   1.0 
_diffrn_radiation_wavelength.wt           1.0 
# 
_diffrn_source.diffrn_id                   1 
_diffrn_source.source                      SYNCHROTRON 
_diffrn_source.type                        'ALS BEAMLINE 4.2.2' 
_diffrn_source.pdbx_synchrotron_site       ALS 
_diffrn_source.pdbx_synchrotron_beamline   4.2.2 
_diffrn_source.pdbx_wavelength             ? 
_diffrn_source.pdbx_wavelength_list        1.0 
# 
_reflns.entry_id                     3LGF 
_reflns.observed_criterion_sigma_I   ? 
_reflns.observed_criterion_sigma_F   2 
_reflns.d_resolution_low             39.05 
_reflns.d_resolution_high            1.50 
_reflns.number_obs                   21342 
_reflns.number_all                   75227 
_reflns.percent_possible_obs         99.1 
_reflns.pdbx_Rmerge_I_obs            0.061 
_reflns.pdbx_Rsym_value              ? 
_reflns.pdbx_netI_over_sigmaI        9.1 
_reflns.B_iso_Wilson_estimate        ? 
_reflns.pdbx_redundancy              3.52 
_reflns.R_free_details               ? 
_reflns.limit_h_max                  ? 
_reflns.limit_h_min                  ? 
_reflns.limit_k_max                  ? 
_reflns.limit_k_min                  ? 
_reflns.limit_l_max                  ? 
_reflns.limit_l_min                  ? 
_reflns.observed_criterion_F_max     ? 
_reflns.observed_criterion_F_min     ? 
_reflns.pdbx_chi_squared             ? 
_reflns.pdbx_scaling_rejects         ? 
_reflns.pdbx_diffrn_id               1 
_reflns.pdbx_ordinal                 1 
# 
_reflns_shell.d_res_high             1.50 
_reflns_shell.d_res_low              1.55 
_reflns_shell.percent_possible_all   99.8 
_reflns_shell.Rmerge_I_obs           0.372 
_reflns_shell.pdbx_Rsym_value        ? 
_reflns_shell.meanI_over_sigI_obs    2.5 
_reflns_shell.pdbx_redundancy        3.35 
_reflns_shell.percent_possible_obs   ? 
_reflns_shell.number_unique_all      2136 
_reflns_shell.number_measured_all    ? 
_reflns_shell.number_measured_obs    ? 
_reflns_shell.number_unique_obs      ? 
_reflns_shell.pdbx_chi_squared       ? 
_reflns_shell.pdbx_diffrn_id         ? 
_reflns_shell.pdbx_ordinal           1 
# 
_refine.entry_id                                 3LGF 
_refine.ls_number_reflns_obs                     21283 
_refine.ls_number_reflns_all                     21342 
_refine.pdbx_ls_sigma_I                          ? 
_refine.pdbx_ls_sigma_F                          1.33 
_refine.pdbx_data_cutoff_high_absF               ? 
_refine.pdbx_data_cutoff_low_absF                ? 
_refine.pdbx_data_cutoff_high_rms_absF           ? 
_refine.ls_d_res_low                             39.050 
_refine.ls_d_res_high                            1.500 
_refine.ls_percent_reflns_obs                    99.51 
_refine.ls_R_factor_obs                          0.2174 
_refine.ls_R_factor_all                          0.224 
_refine.ls_R_factor_R_work                       0.2166 
_refine.ls_R_factor_R_free                       0.2322 
_refine.ls_R_factor_R_free_error                 ? 
_refine.ls_R_factor_R_free_error_details         ? 
_refine.ls_percent_reflns_R_free                 5.13 
_refine.ls_number_reflns_R_free                  1092 
_refine.ls_number_parameters                     ? 
_refine.ls_number_restraints                     ? 
_refine.occupancy_min                            ? 
_refine.occupancy_max                            ? 
_refine.correlation_coeff_Fo_to_Fc               ? 
_refine.correlation_coeff_Fo_to_Fc_free          ? 
_refine.B_iso_mean                               ? 
_refine.aniso_B[1][1]                            -3.3683 
_refine.aniso_B[2][2]                            -6.0044 
_refine.aniso_B[3][3]                            9.3727 
_refine.aniso_B[1][2]                            -0.0000 
_refine.aniso_B[1][3]                            -6.2167 
_refine.aniso_B[2][3]                            0.0000 
_refine.solvent_model_details                    'FLAT BULK SOLVENT MODEL' 
_refine.solvent_model_param_ksol                 0.360 
_refine.solvent_model_param_bsol                 56.114 
_refine.pdbx_solvent_vdw_probe_radii             1.11 
_refine.pdbx_solvent_ion_probe_radii             ? 
_refine.pdbx_solvent_shrinkage_radii             0.90 
_refine.pdbx_ls_cross_valid_method               THROUGHOUT 
_refine.details                                  ? 
_refine.pdbx_starting_model                      'PDB entry 2G3R' 
_refine.pdbx_method_to_determine_struct          'MOLECULAR REPLACEMENT' 
_refine.pdbx_isotropic_thermal_model             Isotropic 
_refine.pdbx_stereochemistry_target_values       'Engh & Huber' 
_refine.pdbx_stereochem_target_val_spec_case     ? 
_refine.pdbx_R_Free_selection_details            RANDOM 
_refine.pdbx_overall_ESU_R_Free                  ? 
_refine.overall_SU_ML                            0.51 
_refine.overall_SU_B                             ? 
_refine.ls_redundancy_reflns_obs                 ? 
_refine.B_iso_min                                ? 
_refine.B_iso_max                                ? 
_refine.overall_SU_R_Cruickshank_DPI             ? 
_refine.overall_SU_R_free                        ? 
_refine.ls_wR_factor_R_free                      ? 
_refine.ls_wR_factor_R_work                      ? 
_refine.overall_FOM_free_R_set                   ? 
_refine.overall_FOM_work_R_set                   ? 
_refine.pdbx_overall_phase_error                 ? 
_refine.pdbx_refine_id                           'X-RAY DIFFRACTION' 
_refine.pdbx_overall_ESU_R                       ? 
_refine.pdbx_diffrn_id                           1 
_refine.pdbx_TLS_residual_ADP_flag               ? 
_refine.pdbx_overall_SU_R_free_Cruickshank_DPI   ? 
_refine.pdbx_overall_SU_R_Blow_DPI               ? 
_refine.pdbx_overall_SU_R_free_Blow_DPI          ? 
# 
_refine_analyze.entry_id                        3LGF 
_refine_analyze.Luzzati_coordinate_error_obs    ? 
_refine_analyze.Luzzati_sigma_a_obs             0.208 
_refine_analyze.Luzzati_d_res_low_obs           ? 
_refine_analyze.Luzzati_coordinate_error_free   ? 
_refine_analyze.Luzzati_sigma_a_free            ? 
_refine_analyze.Luzzati_d_res_low_free          ? 
_refine_analyze.number_disordered_residues      ? 
_refine_analyze.occupancy_sum_hydrogen          ? 
_refine_analyze.occupancy_sum_non_hydrogen      ? 
_refine_analyze.pdbx_Luzzati_d_res_high_obs     ? 
_refine_analyze.pdbx_refine_id                  'X-RAY DIFFRACTION' 
# 
_refine_hist.pdbx_refine_id                   'X-RAY DIFFRACTION' 
_refine_hist.cycle_id                         LAST 
_refine_hist.pdbx_number_atoms_protein        963 
_refine_hist.pdbx_number_atoms_nucleic_acid   0 
_refine_hist.pdbx_number_atoms_ligand         25 
_refine_hist.number_atoms_solvent             145 
_refine_hist.number_atoms_total               1133 
_refine_hist.d_res_high                       1.500 
_refine_hist.d_res_low                        39.050 
# 
loop_
_refine_ls_restr.type 
_refine_ls_restr.dev_ideal 
_refine_ls_restr.dev_ideal_target 
_refine_ls_restr.weight 
_refine_ls_restr.number 
_refine_ls_restr.pdbx_refine_id 
_refine_ls_restr.pdbx_restraint_function 
f_bond_d           0.013  ? ? 1058 'X-RAY DIFFRACTION' ? 
f_angle_d          1.411  ? ? 1420 'X-RAY DIFFRACTION' ? 
f_dihedral_angle_d 17.640 ? ? 397  'X-RAY DIFFRACTION' ? 
f_chiral_restr     0.099  ? ? 143  'X-RAY DIFFRACTION' ? 
f_plane_restr      0.006  ? ? 181  'X-RAY DIFFRACTION' ? 
# 
loop_
_refine_ls_shell.pdbx_total_number_of_bins_used 
_refine_ls_shell.d_res_high 
_refine_ls_shell.d_res_low 
_refine_ls_shell.number_reflns_R_work 
_refine_ls_shell.R_factor_R_work 
_refine_ls_shell.percent_reflns_obs 
_refine_ls_shell.R_factor_R_free 
_refine_ls_shell.R_factor_R_free_error 
_refine_ls_shell.percent_reflns_R_free 
_refine_ls_shell.number_reflns_R_free 
_refine_ls_shell.number_reflns_all 
_refine_ls_shell.R_factor_all 
_refine_ls_shell.number_reflns_obs 
_refine_ls_shell.redundancy_reflns_obs 
_refine_ls_shell.pdbx_refine_id 
. 1.5000 1.5683  2525 0.3059 100.00 0.3133 . . 136 . . . . 'X-RAY DIFFRACTION' 
. 1.5683 1.6510  2504 0.2538 100.00 0.3139 . . 141 . . . . 'X-RAY DIFFRACTION' 
. 1.6510 1.7544  2514 0.2286 100.00 0.2680 . . 137 . . . . 'X-RAY DIFFRACTION' 
. 1.7544 1.8899  2552 0.2219 100.00 0.2310 . . 121 . . . . 'X-RAY DIFFRACTION' 
. 1.8899 2.0800  2471 0.2358 99.00  0.2802 . . 153 . . . . 'X-RAY DIFFRACTION' 
. 2.0800 2.3810  2534 0.2349 99.00  0.2530 . . 130 . . . . 'X-RAY DIFFRACTION' 
. 2.3810 2.9996  2557 0.2085 100.00 0.2257 . . 134 . . . . 'X-RAY DIFFRACTION' 
. 2.9996 39.0632 2534 0.1886 99.00  0.1870 . . 140 . . . . 'X-RAY DIFFRACTION' 
# 
_struct.entry_id                  3LGF 
_struct.title                     'Crystal structure of the 53BP1 tandem tudor domain in complex with p53K370me2' 
_struct.pdbx_model_details        ? 
_struct.pdbx_CASP_flag            N 
_struct.pdbx_model_type_details   ? 
# 
_struct_keywords.entry_id        3LGF 
_struct_keywords.pdbx_keywords   'CELL CYCLE' 
_struct_keywords.text            
;tandem tudor domains, dimethylated p53 peptide, dna repair, cell cycle, DNA damage, DNA-binding, Methylation, Transcription, Transcription regulation
;
# 
loop_
_struct_asym.id 
_struct_asym.pdbx_blank_PDB_chainid_flag 
_struct_asym.pdbx_modified 
_struct_asym.entity_id 
_struct_asym.details 
A N N 1 ? 
B N N 2 ? 
C N N 3 ? 
D N N 3 ? 
E N N 4 ? 
F N N 5 ? 
G N N 5 ? 
# 
_struct_biol.id        1 
_struct_biol.details   ? 
# 
loop_
_struct_conf.conf_type_id 
_struct_conf.id 
_struct_conf.pdbx_PDB_helix_id 
_struct_conf.beg_label_comp_id 
_struct_conf.beg_label_asym_id 
_struct_conf.beg_label_seq_id 
_struct_conf.pdbx_beg_PDB_ins_code 
_struct_conf.end_label_comp_id 
_struct_conf.end_label_asym_id 
_struct_conf.end_label_seq_id 
_struct_conf.pdbx_end_PDB_ins_code 
_struct_conf.beg_auth_comp_id 
_struct_conf.beg_auth_asym_id 
_struct_conf.beg_auth_seq_id 
_struct_conf.end_auth_comp_id 
_struct_conf.end_auth_asym_id 
_struct_conf.end_auth_seq_id 
_struct_conf.pdbx_PDB_helix_class 
_struct_conf.details 
_struct_conf.pdbx_PDB_helix_length 
HELX_P HELX_P1 1 SER A 111 ? ARG A 117 ? SER A 1589 ARG A 1595 1 ? 7 
HELX_P HELX_P2 2 LEU A 118 ? GLY A 123 ? LEU A 1596 GLY A 1601 1 ? 6 
# 
_struct_conf_type.id          HELX_P 
_struct_conf_type.criteria    ? 
_struct_conf_type.reference   ? 
# 
_struct_mon_prot_cis.pdbx_id                1 
_struct_mon_prot_cis.label_comp_id          ASP 
_struct_mon_prot_cis.label_seq_id           58 
_struct_mon_prot_cis.label_asym_id          A 
_struct_mon_prot_cis.label_alt_id           . 
_struct_mon_prot_cis.pdbx_PDB_ins_code      ? 
_struct_mon_prot_cis.auth_comp_id           ASP 
_struct_mon_prot_cis.auth_seq_id            1536 
_struct_mon_prot_cis.auth_asym_id           A 
_struct_mon_prot_cis.pdbx_label_comp_id_2   PRO 
_struct_mon_prot_cis.pdbx_label_seq_id_2    59 
_struct_mon_prot_cis.pdbx_label_asym_id_2   A 
_struct_mon_prot_cis.pdbx_PDB_ins_code_2    ? 
_struct_mon_prot_cis.pdbx_auth_comp_id_2    PRO 
_struct_mon_prot_cis.pdbx_auth_seq_id_2     1537 
_struct_mon_prot_cis.pdbx_auth_asym_id_2    A 
_struct_mon_prot_cis.pdbx_PDB_model_num     1 
_struct_mon_prot_cis.pdbx_omega_angle       4.60 
# 
loop_
_struct_sheet.id 
_struct_sheet.type 
_struct_sheet.number_strands 
_struct_sheet.details 
A ? 5 ? 
B ? 5 ? 
# 
loop_
_struct_sheet_order.sheet_id 
_struct_sheet_order.range_id_1 
_struct_sheet_order.range_id_2 
_struct_sheet_order.offset 
_struct_sheet_order.sense 
A 1 2 ? anti-parallel 
A 2 3 ? anti-parallel 
A 3 4 ? anti-parallel 
A 4 5 ? anti-parallel 
B 1 2 ? anti-parallel 
B 2 3 ? anti-parallel 
B 3 4 ? anti-parallel 
B 4 5 ? anti-parallel 
# 
loop_
_struct_sheet_range.sheet_id 
_struct_sheet_range.id 
_struct_sheet_range.beg_label_comp_id 
_struct_sheet_range.beg_label_asym_id 
_struct_sheet_range.beg_label_seq_id 
_struct_sheet_range.pdbx_beg_PDB_ins_code 
_struct_sheet_range.end_label_comp_id 
_struct_sheet_range.end_label_asym_id 
_struct_sheet_range.end_label_seq_id 
_struct_sheet_range.pdbx_end_PDB_ins_code 
_struct_sheet_range.beg_auth_comp_id 
_struct_sheet_range.beg_auth_asym_id 
_struct_sheet_range.beg_auth_seq_id 
_struct_sheet_range.end_auth_comp_id 
_struct_sheet_range.end_auth_asym_id 
_struct_sheet_range.end_auth_seq_id 
A 1 GLU A 46  ? LEU A 50  ? GLU A 1524 LEU A 1528 
A 2 LYS A 36  ? PHE A 41  ? LYS A 1514 PHE A 1519 
A 3 PHE A 23  ? GLY A 33  ? PHE A 1501 GLY A 1511 
A 4 ARG A 12  ? LYS A 16  ? ARG A 1490 LYS A 1494 
A 5 ILE A 54  ? LEU A 55  ? ILE A 1532 LEU A 1533 
B 1 GLN A 99  ? LYS A 104 ? GLN A 1577 LYS A 1582 
B 2 GLU A 89  ? LYS A 96  ? GLU A 1567 LYS A 1574 
B 3 PHE A 75  ? GLU A 86  ? PHE A 1553 GLU A 1564 
B 4 GLU A 65  ? LEU A 69  ? GLU A 1543 LEU A 1547 
B 5 VAL A 108 ? ILE A 109 ? VAL A 1586 ILE A 1587 
# 
loop_
_pdbx_struct_sheet_hbond.sheet_id 
_pdbx_struct_sheet_hbond.range_id_1 
_pdbx_struct_sheet_hbond.range_id_2 
_pdbx_struct_sheet_hbond.range_1_label_atom_id 
_pdbx_struct_sheet_hbond.range_1_label_comp_id 
_pdbx_struct_sheet_hbond.range_1_label_asym_id 
_pdbx_struct_sheet_hbond.range_1_label_seq_id 
_pdbx_struct_sheet_hbond.range_1_PDB_ins_code 
_pdbx_struct_sheet_hbond.range_1_auth_atom_id 
_pdbx_struct_sheet_hbond.range_1_auth_comp_id 
_pdbx_struct_sheet_hbond.range_1_auth_asym_id 
_pdbx_struct_sheet_hbond.range_1_auth_seq_id 
_pdbx_struct_sheet_hbond.range_2_label_atom_id 
_pdbx_struct_sheet_hbond.range_2_label_comp_id 
_pdbx_struct_sheet_hbond.range_2_label_asym_id 
_pdbx_struct_sheet_hbond.range_2_label_seq_id 
_pdbx_struct_sheet_hbond.range_2_PDB_ins_code 
_pdbx_struct_sheet_hbond.range_2_auth_atom_id 
_pdbx_struct_sheet_hbond.range_2_auth_comp_id 
_pdbx_struct_sheet_hbond.range_2_auth_asym_id 
_pdbx_struct_sheet_hbond.range_2_auth_seq_id 
A 1 2 O CYS A 47  ? O CYS A 1525 N LEU A 39  ? N LEU A 1517 
A 2 3 O LEU A 40  ? O LEU A 1518 N LYS A 27  ? N LYS A 1505 
A 3 4 O TYR A 24  ? O TYR A 1502 N ALA A 15  ? N ALA A 1493 
A 4 5 N VAL A 14  ? N VAL A 1492 O LEU A 55  ? O LEU A 1533 
B 1 2 O LYS A 101 ? O LYS A 1579 N ILE A 94  ? N ILE A 1572 
B 2 3 O SER A 93  ? O SER A 1571 N LYS A 81  ? N LYS A 1559 
B 3 4 O GLY A 78  ? O GLY A 1556 N VAL A 66  ? N VAL A 1544 
B 4 5 N THR A 67  ? N THR A 1545 O ILE A 109 ? O ILE A 1587 
# 
loop_
_struct_site.id 
_struct_site.pdbx_evidence_code 
_struct_site.pdbx_auth_asym_id 
_struct_site.pdbx_auth_comp_id 
_struct_site.pdbx_auth_seq_id 
_struct_site.pdbx_auth_ins_code 
_struct_site.pdbx_num_residues 
_struct_site.details 
AC1 Software A PGE 201 ? 9 'BINDING SITE FOR RESIDUE PGE A 201' 
AC2 Software A PGE 202 ? 6 'BINDING SITE FOR RESIDUE PGE A 202' 
AC3 Software A SO4 203 ? 6 'BINDING SITE FOR RESIDUE SO4 A 203' 
# 
loop_
_struct_site_gen.id 
_struct_site_gen.site_id 
_struct_site_gen.pdbx_num_res 
_struct_site_gen.label_comp_id 
_struct_site_gen.label_asym_id 
_struct_site_gen.label_seq_id 
_struct_site_gen.pdbx_auth_ins_code 
_struct_site_gen.auth_comp_id 
_struct_site_gen.auth_asym_id 
_struct_site_gen.auth_seq_id 
_struct_site_gen.label_atom_id 
_struct_site_gen.label_alt_id 
_struct_site_gen.symmetry 
_struct_site_gen.details 
1  AC1 9 HOH F .   ? HOH A 97   . ? 1_555 ? 
2  AC1 9 HOH F .   ? HOH A 110  . ? 1_555 ? 
3  AC1 9 HOH F .   ? HOH A 110  . ? 2_656 ? 
4  AC1 9 HOH F .   ? HOH A 137  . ? 1_555 ? 
5  AC1 9 HOH F .   ? HOH A 143  . ? 1_555 ? 
6  AC1 9 LEU A 56  ? LEU A 1534 . ? 2_656 ? 
7  AC1 9 GLN A 121 ? GLN A 1599 . ? 2_656 ? 
8  AC1 9 GLN A 121 ? GLN A 1599 . ? 1_555 ? 
9  AC1 9 GLY A 123 ? GLY A 1601 . ? 2_656 ? 
10 AC2 6 LYS A 36  ? LYS A 1514 . ? 4_556 ? 
11 AC2 6 LEU A 50  ? LEU A 1528 . ? 4_556 ? 
12 AC2 6 ARG A 84  ? ARG A 1562 . ? 1_555 ? 
13 AC2 6 GLU A 86  ? GLU A 1564 . ? 1_555 ? 
14 AC2 6 TYR A 91  ? TYR A 1569 . ? 1_555 ? 
15 AC2 6 TRP A 102 ? TRP A 1580 . ? 1_555 ? 
16 AC3 6 HOH F .   ? HOH A 136  . ? 1_555 ? 
17 AC3 6 LYS A 81  ? LYS A 1559 . ? 2_656 ? 
18 AC3 6 LYS A 85  ? LYS A 1563 . ? 1_555 ? 
19 AC3 6 SER A 87  ? SER A 1565 . ? 1_555 ? 
20 AC3 6 GLU A 95  ? GLU A 1573 . ? 2_656 ? 
21 AC3 6 ARG A 100 ? ARG A 1578 . ? 2_656 ? 
# 
_atom_sites.entry_id                    3LGF 
_atom_sites.fract_transf_matrix[1][1]   -0.01234623 
_atom_sites.fract_transf_matrix[1][2]   0.01579091 
_atom_sites.fract_transf_matrix[1][3]   0.00582760 
_atom_sites.fract_transf_matrix[2][1]   0.00777228 
_atom_sites.fract_transf_matrix[2][2]   0.00826638 
_atom_sites.fract_transf_matrix[2][3]   -0.00593304 
_atom_sites.fract_transf_matrix[3][1]   -0.02476444 
_atom_sites.fract_transf_matrix[3][2]   0.01009710 
_atom_sites.fract_transf_matrix[3][3]   -0.01837332 
_atom_sites.fract_transf_vector[1]      0.245854 
_atom_sites.fract_transf_vector[2]      -0.011805 
_atom_sites.fract_transf_vector[3]      0.383400 
# 
loop_
_atom_type.symbol 
C 
N 
O 
S 
# 
loop_
_atom_site.group_PDB 
_atom_site.id 
_atom_site.type_symbol 
_atom_site.label_atom_id 
_atom_site.label_alt_id 
_atom_site.label_comp_id 
_atom_site.label_asym_id 
_atom_site.label_entity_id 
_atom_site.label_seq_id 
_atom_site.pdbx_PDB_ins_code 
_atom_site.Cartn_x 
_atom_site.Cartn_y 
_atom_site.Cartn_z 
_atom_site.occupancy 
_atom_site.B_iso_or_equiv 
_atom_site.pdbx_formal_charge 
_atom_site.auth_seq_id 
_atom_site.auth_comp_id 
_atom_site.auth_asym_id 
_atom_site.auth_atom_id 
_atom_site.pdbx_PDB_model_num 
ATOM   1    N N   . SER A 1 7   ? -20.902 -1.978  1.782   1.00 51.56 ? 1485 SER A N   1 
ATOM   2    C CA  . SER A 1 7   ? -19.895 -3.011  1.557   1.00 49.40 ? 1485 SER A CA  1 
ATOM   3    C C   . SER A 1 7   ? -18.504 -2.414  1.355   1.00 41.65 ? 1485 SER A C   1 
ATOM   4    O O   . SER A 1 7   ? -18.361 -1.223  1.075   1.00 45.59 ? 1485 SER A O   1 
ATOM   5    C CB  . SER A 1 7   ? -20.274 -3.880  0.356   1.00 48.91 ? 1485 SER A CB  1 
ATOM   6    O OG  . SER A 1 7   ? -20.556 -3.091  -0.784  1.00 50.29 ? 1485 SER A OG  1 
ATOM   7    N N   . PHE A 1 8   ? -17.481 -3.249  1.505   1.00 43.38 ? 1486 PHE A N   1 
ATOM   8    C CA  . PHE A 1 8   ? -16.103 -2.816  1.315   1.00 42.20 ? 1486 PHE A CA  1 
ATOM   9    C C   . PHE A 1 8   ? -15.740 -2.783  -0.160  1.00 30.73 ? 1486 PHE A C   1 
ATOM   10   O O   . PHE A 1 8   ? -14.637 -2.379  -0.526  1.00 29.68 ? 1486 PHE A O   1 
ATOM   11   C CB  . PHE A 1 8   ? -15.131 -3.734  2.065   1.00 39.25 ? 1486 PHE A CB  1 
ATOM   12   C CG  . PHE A 1 8   ? -15.245 -3.644  3.558   1.00 41.24 ? 1486 PHE A CG  1 
ATOM   13   C CD1 . PHE A 1 8   ? -15.253 -2.414  4.188   1.00 46.83 ? 1486 PHE A CD1 1 
ATOM   14   C CD2 . PHE A 1 8   ? -15.333 -4.788  4.330   1.00 41.76 ? 1486 PHE A CD2 1 
ATOM   15   C CE1 . PHE A 1 8   ? -15.358 -2.321  5.562   1.00 54.63 ? 1486 PHE A CE1 1 
ATOM   16   C CE2 . PHE A 1 8   ? -15.436 -4.705  5.706   1.00 55.41 ? 1486 PHE A CE2 1 
ATOM   17   C CZ  . PHE A 1 8   ? -15.450 -3.470  6.324   1.00 51.13 ? 1486 PHE A CZ  1 
ATOM   18   N N   . VAL A 1 9   ? -16.662 -3.232  -1.005  1.00 31.36 ? 1487 VAL A N   1 
ATOM   19   C CA  . VAL A 1 9   ? -16.400 -3.313  -2.438  1.00 37.38 ? 1487 VAL A CA  1 
ATOM   20   C C   . VAL A 1 9   ? -16.207 -1.930  -3.056  1.00 32.75 ? 1487 VAL A C   1 
ATOM   21   O O   . VAL A 1 9   ? -17.034 -1.040  -2.875  1.00 35.84 ? 1487 VAL A O   1 
ATOM   22   C CB  . VAL A 1 9   ? -17.520 -4.071  -3.180  1.00 40.10 ? 1487 VAL A CB  1 
ATOM   23   C CG1 . VAL A 1 9   ? -17.322 -3.972  -4.681  1.00 37.75 ? 1487 VAL A CG1 1 
ATOM   24   C CG2 . VAL A 1 9   ? -17.550 -5.526  -2.736  1.00 37.12 ? 1487 VAL A CG2 1 
ATOM   25   N N   . GLY A 1 10  ? -15.107 -1.761  -3.786  1.00 30.21 ? 1488 GLY A N   1 
ATOM   26   C CA  . GLY A 1 10  ? -14.785 -0.491  -4.415  1.00 33.85 ? 1488 GLY A CA  1 
ATOM   27   C C   . GLY A 1 10  ? -13.775 0.338   -3.644  1.00 29.33 ? 1488 GLY A C   1 
ATOM   28   O O   . GLY A 1 10  ? -13.247 1.321   -4.155  1.00 33.82 ? 1488 GLY A O   1 
ATOM   29   N N   . LEU A 1 11  ? -13.497 -0.058  -2.407  1.00 23.72 ? 1489 LEU A N   1 
ATOM   30   C CA  . LEU A 1 11  ? -12.551 0.673   -1.574  1.00 27.79 ? 1489 LEU A CA  1 
ATOM   31   C C   . LEU A 1 11  ? -11.108 0.451   -2.014  1.00 24.02 ? 1489 LEU A C   1 
ATOM   32   O O   . LEU A 1 11  ? -10.713 -0.666  -2.356  1.00 21.24 ? 1489 LEU A O   1 
ATOM   33   C CB  . LEU A 1 11  ? -12.701 0.264   -0.107  1.00 24.36 ? 1489 LEU A CB  1 
ATOM   34   C CG  . LEU A 1 11  ? -14.002 0.584   0.635   1.00 27.28 ? 1489 LEU A CG  1 
ATOM   35   C CD1 . LEU A 1 11  ? -13.965 -0.060  2.011   1.00 32.53 ? 1489 LEU A CD1 1 
ATOM   36   C CD2 . LEU A 1 11  ? -14.205 2.087   0.748   1.00 36.18 ? 1489 LEU A CD2 1 
ATOM   37   N N   . ARG A 1 12  ? -10.319 1.519   -2.018  1.00 21.63 ? 1490 ARG A N   1 
ATOM   38   C CA  . ARG A 1 12  ? -8.887  1.388   -2.238  1.00 19.71 ? 1490 ARG A CA  1 
ATOM   39   C C   . ARG A 1 12  ? -8.207  1.053   -0.924  1.00 21.36 ? 1490 ARG A C   1 
ATOM   40   O O   . ARG A 1 12  ? -8.478  1.661   0.116   1.00 24.37 ? 1490 ARG A O   1 
ATOM   41   C CB  . ARG A 1 12  ? -8.305  2.679   -2.803  1.00 27.29 ? 1490 ARG A CB  1 
ATOM   42   C CG  . ARG A 1 12  ? -8.379  2.785   -4.302  1.00 30.36 ? 1490 ARG A CG  1 
ATOM   43   C CD  . ARG A 1 12  ? -7.816  4.121   -4.732  1.00 42.89 ? 1490 ARG A CD  1 
ATOM   44   N NE  . ARG A 1 12  ? -6.831  4.059   -5.813  1.00 35.69 ? 1490 ARG A NE  1 
ATOM   45   C CZ  . ARG A 1 12  ? -6.092  3.006   -6.152  1.00 41.26 ? 1490 ARG A CZ  1 
ATOM   46   N NH1 . ARG A 1 12  ? -6.187  1.846   -5.510  1.00 41.08 ? 1490 ARG A NH1 1 
ATOM   47   N NH2 . ARG A 1 12  ? -5.236  3.126   -7.159  1.00 36.60 ? 1490 ARG A NH2 1 
ATOM   48   N N   . VAL A 1 13  ? -7.309  0.078   -0.986  1.00 17.91 ? 1491 VAL A N   1 
ATOM   49   C CA  . VAL A 1 13  ? -6.702  -0.486  0.200   1.00 16.17 ? 1491 VAL A CA  1 
ATOM   50   C C   . VAL A 1 13  ? -5.240  -0.795  -0.110  1.00 15.39 ? 1491 VAL A C   1 
ATOM   51   O O   . VAL A 1 13  ? -4.790  -0.633  -1.246  1.00 16.87 ? 1491 VAL A O   1 
ATOM   52   C CB  . VAL A 1 13  ? -7.427  -1.796  0.598   1.00 15.07 ? 1491 VAL A CB  1 
ATOM   53   C CG1 . VAL A 1 13  ? -8.888  -1.501  0.891   1.00 18.57 ? 1491 VAL A CG1 1 
ATOM   54   C CG2 . VAL A 1 13  ? -7.290  -2.835  -0.521  1.00 16.86 ? 1491 VAL A CG2 1 
ATOM   55   N N   . VAL A 1 14  ? -4.506  -1.249  0.897   1.00 15.34 ? 1492 VAL A N   1 
ATOM   56   C CA  . VAL A 1 14  ? -3.155  -1.762  0.689   1.00 15.08 ? 1492 VAL A CA  1 
ATOM   57   C C   . VAL A 1 14  ? -3.199  -3.164  1.265   1.00 19.87 ? 1492 VAL A C   1 
ATOM   58   O O   . VAL A 1 14  ? -3.489  -3.348  2.443   1.00 18.25 ? 1492 VAL A O   1 
ATOM   59   C CB  . VAL A 1 14  ? -2.104  -0.911  1.426   1.00 16.02 ? 1492 VAL A CB  1 
ATOM   60   C CG1 . VAL A 1 14  ? -0.702  -1.314  1.019   1.00 16.85 ? 1492 VAL A CG1 1 
ATOM   61   C CG2 . VAL A 1 14  ? -2.310  0.574   1.120   1.00 20.26 ? 1492 VAL A CG2 1 
ATOM   62   N N   . ALA A 1 15  ? -2.962  -4.153  0.418   1.00 13.89 ? 1493 ALA A N   1 
ATOM   63   C CA  . ALA A 1 15  ? -3.224  -5.538  0.799   1.00 18.15 ? 1493 ALA A CA  1 
ATOM   64   C C   . ALA A 1 15  ? -2.023  -6.445  0.593   1.00 16.19 ? 1493 ALA A C   1 
ATOM   65   O O   . ALA A 1 15  ? -1.235  -6.265  -0.337  1.00 16.63 ? 1493 ALA A O   1 
ATOM   66   C CB  . ALA A 1 15  ? -4.404  -6.074  0.036   1.00 18.05 ? 1493 ALA A CB  1 
ATOM   67   N N   . LYS A 1 16  ? -1.922  -7.459  1.445   1.00 16.05 ? 1494 LYS A N   1 
ATOM   68   C CA  . LYS A 1 16  ? -0.775  -8.339  1.431   1.00 15.82 ? 1494 LYS A CA  1 
ATOM   69   C C   . LYS A 1 16  ? -0.813  -9.302  0.258   1.00 15.77 ? 1494 LYS A C   1 
ATOM   70   O O   . LYS A 1 16  ? -1.850  -9.921  -0.039  1.00 18.42 ? 1494 LYS A O   1 
ATOM   71   C CB  . LYS A 1 16  ? -0.684  -9.112  2.742   1.00 16.90 ? 1494 LYS A CB  1 
ATOM   72   C CG  . LYS A 1 16  ? 0.561   -9.978  2.824   1.00 23.98 ? 1494 LYS A CG  1 
ATOM   73   C CD  . LYS A 1 16  ? 0.388   -11.050 3.879   1.00 27.57 ? 1494 LYS A CD  1 
ATOM   74   C CE  . LYS A 1 16  ? 1.051   -10.663 5.171   1.00 29.59 ? 1494 LYS A CE  1 
ATOM   75   N NZ  . LYS A 1 16  ? 1.128   -11.846 6.083   1.00 31.24 ? 1494 LYS A NZ  1 
ATOM   76   N N   . TRP A 1 17  ? 0.325   -9.402  -0.414  1.00 16.40 ? 1495 TRP A N   1 
ATOM   77   C CA  . TRP A 1 17  ? 0.578   -10.433 -1.407  1.00 20.71 ? 1495 TRP A CA  1 
ATOM   78   C C   . TRP A 1 17  ? 1.235   -11.609 -0.693  1.00 22.26 ? 1495 TRP A C   1 
ATOM   79   O O   . TRP A 1 17  ? 2.355   -11.504 -0.197  1.00 22.86 ? 1495 TRP A O   1 
ATOM   80   C CB  . TRP A 1 17  ? 1.512   -9.882  -2.479  1.00 20.99 ? 1495 TRP A CB  1 
ATOM   81   C CG  . TRP A 1 17  ? 1.730   -10.827 -3.607  1.00 28.22 ? 1495 TRP A CG  1 
ATOM   82   C CD1 . TRP A 1 17  ? 2.864   -11.538 -3.875  1.00 32.25 ? 1495 TRP A CD1 1 
ATOM   83   C CD2 . TRP A 1 17  ? 0.787   -11.170 -4.627  1.00 32.95 ? 1495 TRP A CD2 1 
ATOM   84   N NE1 . TRP A 1 17  ? 2.682   -12.309 -4.999  1.00 39.95 ? 1495 TRP A NE1 1 
ATOM   85   C CE2 . TRP A 1 17  ? 1.416   -12.096 -5.484  1.00 37.57 ? 1495 TRP A CE2 1 
ATOM   86   C CE3 . TRP A 1 17  ? -0.528  -10.776 -4.907  1.00 30.69 ? 1495 TRP A CE3 1 
ATOM   87   C CZ2 . TRP A 1 17  ? 0.775   -12.641 -6.597  1.00 48.84 ? 1495 TRP A CZ2 1 
ATOM   88   C CZ3 . TRP A 1 17  ? -1.164  -11.317 -6.013  1.00 36.64 ? 1495 TRP A CZ3 1 
ATOM   89   C CH2 . TRP A 1 17  ? -0.510  -12.238 -6.846  1.00 41.38 ? 1495 TRP A CH2 1 
ATOM   90   N N   . SER A 1 18  ? 0.534   -12.733 -0.640  1.00 23.93 ? 1496 SER A N   1 
ATOM   91   C CA  . SER A 1 18  ? 0.947   -13.842 0.216   1.00 31.57 ? 1496 SER A CA  1 
ATOM   92   C C   . SER A 1 18  ? 2.343   -14.391 -0.071  1.00 24.46 ? 1496 SER A C   1 
ATOM   93   O O   . SER A 1 18  ? 3.083   -14.721 0.853   1.00 25.78 ? 1496 SER A O   1 
ATOM   94   C CB  . SER A 1 18  ? -0.079  -14.982 0.153   1.00 30.92 ? 1496 SER A CB  1 
ATOM   95   O OG  . SER A 1 18  ? 0.087   -15.858 1.250   1.00 51.06 ? 1496 SER A OG  1 
ATOM   96   N N   . SER A 1 19  ? 2.696   -14.488 -1.345  1.00 30.43 ? 1497 SER A N   1 
ATOM   97   C CA  . SER A 1 19  ? 3.954   -15.113 -1.730  1.00 29.99 ? 1497 SER A CA  1 
ATOM   98   C C   . SER A 1 19  ? 5.169   -14.385 -1.151  1.00 28.10 ? 1497 SER A C   1 
ATOM   99   O O   . SER A 1 19  ? 6.162   -15.013 -0.787  1.00 26.92 ? 1497 SER A O   1 
ATOM   100  C CB  . SER A 1 19  ? 4.063   -15.194 -3.249  1.00 34.52 ? 1497 SER A CB  1 
ATOM   101  O OG  . SER A 1 19  ? 5.019   -16.170 -3.625  1.00 47.18 ? 1497 SER A OG  1 
ATOM   102  N N   . ASN A 1 20  ? 5.095   -13.062 -1.043  1.00 20.33 ? 1498 ASN A N   1 
ATOM   103  C CA  . ASN A 1 20  ? 6.271   -12.319 -0.608  1.00 20.73 ? 1498 ASN A CA  1 
ATOM   104  C C   . ASN A 1 20  ? 6.124   -11.490 0.681   1.00 18.75 ? 1498 ASN A C   1 
ATOM   105  O O   . ASN A 1 20  ? 7.108   -10.957 1.188   1.00 20.48 ? 1498 ASN A O   1 
ATOM   106  C CB  . ASN A 1 20  ? 6.866   -11.490 -1.761  1.00 22.84 ? 1498 ASN A CB  1 
ATOM   107  C CG  . ASN A 1 20  ? 6.015   -10.268 -2.134  1.00 23.27 ? 1498 ASN A CG  1 
ATOM   108  O OD1 . ASN A 1 20  ? 5.084   -9.882  -1.417  1.00 18.19 ? 1498 ASN A OD1 1 
ATOM   109  N ND2 . ASN A 1 20  ? 6.335   -9.662  -3.271  1.00 24.29 ? 1498 ASN A ND2 1 
ATOM   110  N N   . GLY A 1 21  ? 4.909   -11.422 1.222   1.00 15.69 ? 1499 GLY A N   1 
ATOM   111  C CA  . GLY A 1 21  ? 4.651   -10.750 2.495   1.00 19.21 ? 1499 GLY A CA  1 
ATOM   112  C C   . GLY A 1 21  ? 4.501   -9.236  2.421   1.00 20.92 ? 1499 GLY A C   1 
ATOM   113  O O   . GLY A 1 21  ? 4.143   -8.602  3.415   1.00 20.03 ? 1499 GLY A O   1 
ATOM   114  N N   . TYR A 1 22  ? 4.743   -8.666  1.249   1.00 16.58 ? 1500 TYR A N   1 
ATOM   115  C CA  . TYR A 1 22  ? 4.588   -7.220  1.063   1.00 13.42 ? 1500 TYR A CA  1 
ATOM   116  C C   . TYR A 1 22  ? 3.133   -6.834  0.798   1.00 16.03 ? 1500 TYR A C   1 
ATOM   117  O O   . TYR A 1 22  ? 2.354   -7.634  0.279   1.00 16.61 ? 1500 TYR A O   1 
ATOM   118  C CB  . TYR A 1 22  ? 5.484   -6.743  -0.095  1.00 15.44 ? 1500 TYR A CB  1 
ATOM   119  C CG  . TYR A 1 22  ? 6.926   -6.505  0.290   1.00 14.57 ? 1500 TYR A CG  1 
ATOM   120  C CD1 . TYR A 1 22  ? 7.423   -5.218  0.409   1.00 15.00 ? 1500 TYR A CD1 1 
ATOM   121  C CD2 . TYR A 1 22  ? 7.792   -7.566  0.534   1.00 22.51 ? 1500 TYR A CD2 1 
ATOM   122  C CE1 . TYR A 1 22  ? 8.733   -4.990  0.769   1.00 16.35 ? 1500 TYR A CE1 1 
ATOM   123  C CE2 . TYR A 1 22  ? 9.106   -7.348  0.887   1.00 23.43 ? 1500 TYR A CE2 1 
ATOM   124  C CZ  . TYR A 1 22  ? 9.572   -6.051  1.004   1.00 18.75 ? 1500 TYR A CZ  1 
ATOM   125  O OH  . TYR A 1 22  ? 10.886  -5.822  1.351   1.00 19.81 ? 1500 TYR A OH  1 
ATOM   126  N N   . PHE A 1 23  ? 2.776   -5.599  1.153   1.00 15.00 ? 1501 PHE A N   1 
ATOM   127  C CA  . PHE A 1 23  ? 1.429   -5.068  0.928   1.00 13.94 ? 1501 PHE A CA  1 
ATOM   128  C C   . PHE A 1 23  ? 1.489   -4.065  -0.228  1.00 13.26 ? 1501 PHE A C   1 
ATOM   129  O O   . PHE A 1 23  ? 2.375   -3.198  -0.261  1.00 15.33 ? 1501 PHE A O   1 
ATOM   130  C CB  . PHE A 1 23  ? 0.891   -4.322  2.168   1.00 14.66 ? 1501 PHE A CB  1 
ATOM   131  C CG  . PHE A 1 23  ? 0.707   -5.176  3.408   1.00 14.70 ? 1501 PHE A CG  1 
ATOM   132  C CD1 . PHE A 1 23  ? -0.562  -5.368  3.941   1.00 16.12 ? 1501 PHE A CD1 1 
ATOM   133  C CD2 . PHE A 1 23  ? 1.802   -5.707  4.081   1.00 14.91 ? 1501 PHE A CD2 1 
ATOM   134  C CE1 . PHE A 1 23  ? -0.740  -6.114  5.103   1.00 17.78 ? 1501 PHE A CE1 1 
ATOM   135  C CE2 . PHE A 1 23  ? 1.637   -6.477  5.237   1.00 18.08 ? 1501 PHE A CE2 1 
ATOM   136  C CZ  . PHE A 1 23  ? 0.356   -6.671  5.747   1.00 18.31 ? 1501 PHE A CZ  1 
ATOM   137  N N   . TYR A 1 24  ? 0.537   -4.168  -1.151  1.00 15.08 ? 1502 TYR A N   1 
ATOM   138  C CA  . TYR A 1 24  ? 0.495   -3.353  -2.365  1.00 15.01 ? 1502 TYR A CA  1 
ATOM   139  C C   . TYR A 1 24  ? -0.842  -2.643  -2.520  1.00 16.67 ? 1502 TYR A C   1 
ATOM   140  O O   . TYR A 1 24  ? -1.865  -3.133  -2.054  1.00 14.69 ? 1502 TYR A O   1 
ATOM   141  C CB  . TYR A 1 24  ? 0.734   -4.251  -3.591  1.00 15.52 ? 1502 TYR A CB  1 
ATOM   142  C CG  . TYR A 1 24  ? 2.078   -4.951  -3.625  1.00 16.52 ? 1502 TYR A CG  1 
ATOM   143  C CD1 . TYR A 1 24  ? 3.140   -4.402  -4.333  1.00 18.88 ? 1502 TYR A CD1 1 
ATOM   144  C CD2 . TYR A 1 24  ? 2.289   -6.143  -2.934  1.00 16.63 ? 1502 TYR A CD2 1 
ATOM   145  C CE1 . TYR A 1 24  ? 4.370   -5.023  -4.350  1.00 16.51 ? 1502 TYR A CE1 1 
ATOM   146  C CE2 . TYR A 1 24  ? 3.514   -6.788  -2.966  1.00 17.49 ? 1502 TYR A CE2 1 
ATOM   147  C CZ  . TYR A 1 24  ? 4.547   -6.221  -3.674  1.00 20.96 ? 1502 TYR A CZ  1 
ATOM   148  O OH  . TYR A 1 24  ? 5.780   -6.842  -3.711  1.00 22.54 ? 1502 TYR A OH  1 
ATOM   149  N N   A SER A 1 25  ? -0.840  -1.479  -3.172  0.50 16.11 ? 1503 SER A N   1 
ATOM   150  N N   B SER A 1 25  ? -0.869  -1.475  -3.152  0.50 16.11 ? 1503 SER A N   1 
ATOM   151  C CA  A SER A 1 25  ? -2.082  -0.760  -3.432  0.50 14.75 ? 1503 SER A CA  1 
ATOM   152  C CA  B SER A 1 25  ? -2.152  -0.848  -3.372  0.50 14.71 ? 1503 SER A CA  1 
ATOM   153  C C   A SER A 1 25  ? -2.994  -1.559  -4.369  0.50 18.22 ? 1503 SER A C   1 
ATOM   154  C C   B SER A 1 25  ? -3.029  -1.578  -4.377  0.50 18.22 ? 1503 SER A C   1 
ATOM   155  O O   A SER A 1 25  ? -2.535  -2.184  -5.334  0.50 19.23 ? 1503 SER A O   1 
ATOM   156  O O   B SER A 1 25  ? -2.598  -2.151  -5.320  0.50 19.29 ? 1503 SER A O   1 
ATOM   157  C CB  A SER A 1 25  ? -1.775  0.640   -4.006  0.50 18.61 ? 1503 SER A CB  1 
ATOM   158  C CB  B SER A 1 25  ? -2.073  0.613   -3.710  0.50 20.72 ? 1503 SER A CB  1 
ATOM   159  O OG  A SER A 1 25  ? -2.974  1.338   -4.323  0.50 14.06 ? 1503 SER A OG  1 
ATOM   160  O OG  B SER A 1 25  ? -1.281  0.725   -4.776  0.50 22.00 ? 1503 SER A OG  1 
ATOM   161  N N   . GLY A 1 26  ? -4.288  -1.564  -4.059  1.00 16.61 ? 1504 GLY A N   1 
ATOM   162  C CA  . GLY A 1 26  ? -5.271  -2.239  -4.885  1.00 19.99 ? 1504 GLY A CA  1 
ATOM   163  C C   . GLY A 1 26  ? -6.682  -1.833  -4.484  1.00 19.04 ? 1504 GLY A C   1 
ATOM   164  O O   . GLY A 1 26  ? -6.882  -0.891  -3.722  1.00 17.54 ? 1504 GLY A O   1 
ATOM   165  N N   . LYS A 1 27  ? -7.666  -2.544  -5.027  1.00 18.23 ? 1505 LYS A N   1 
ATOM   166  C CA  . LYS A 1 27  ? -9.069  -2.287  -4.734  1.00 20.74 ? 1505 LYS A CA  1 
ATOM   167  C C   . LYS A 1 27  ? -9.779  -3.587  -4.437  1.00 17.15 ? 1505 LYS A C   1 
ATOM   168  O O   . LYS A 1 27  ? -9.535  -4.612  -5.083  1.00 20.39 ? 1505 LYS A O   1 
ATOM   169  C CB  . LYS A 1 27  ? -9.763  -1.619  -5.922  1.00 25.48 ? 1505 LYS A CB  1 
ATOM   170  C CG  . LYS A 1 27  ? -9.530  -0.128  -6.038  1.00 35.23 ? 1505 LYS A CG  1 
ATOM   171  C CD  . LYS A 1 27  ? -10.652 0.513   -6.840  1.00 36.13 ? 1505 LYS A CD  1 
ATOM   172  C CE  . LYS A 1 27  ? -10.306 1.929   -7.246  1.00 49.02 ? 1505 LYS A CE  1 
ATOM   173  N NZ  . LYS A 1 27  ? -9.095  1.975   -8.112  1.00 43.32 ? 1505 LYS A NZ  1 
ATOM   174  N N   . ILE A 1 28  ? -10.681 -3.556  -3.466  1.00 19.92 ? 1506 ILE A N   1 
ATOM   175  C CA  . ILE A 1 28  ? -11.539 -4.712  -3.227  1.00 19.16 ? 1506 ILE A CA  1 
ATOM   176  C C   . ILE A 1 28  ? -12.605 -4.766  -4.321  1.00 23.81 ? 1506 ILE A C   1 
ATOM   177  O O   . ILE A 1 28  ? -13.290 -3.776  -4.588  1.00 25.38 ? 1506 ILE A O   1 
ATOM   178  C CB  . ILE A 1 28  ? -12.207 -4.638  -1.853  1.00 22.34 ? 1506 ILE A CB  1 
ATOM   179  C CG1 . ILE A 1 28  ? -11.158 -4.694  -0.741  1.00 22.68 ? 1506 ILE A CG1 1 
ATOM   180  C CG2 . ILE A 1 28  ? -13.199 -5.780  -1.698  1.00 20.47 ? 1506 ILE A CG2 1 
ATOM   181  C CD1 . ILE A 1 28  ? -11.722 -4.484  0.655   1.00 23.42 ? 1506 ILE A CD1 1 
ATOM   182  N N   . THR A 1 29  ? -12.734 -5.915  -4.968  1.00 21.87 ? 1507 THR A N   1 
ATOM   183  C CA  . THR A 1 29  ? -13.705 -6.053  -6.046  1.00 26.35 ? 1507 THR A CA  1 
ATOM   184  C C   . THR A 1 29  ? -14.869 -6.985  -5.707  1.00 27.64 ? 1507 THR A C   1 
ATOM   185  O O   . THR A 1 29  ? -15.907 -6.947  -6.362  1.00 29.33 ? 1507 THR A O   1 
ATOM   186  C CB  . THR A 1 29  ? -13.039 -6.505  -7.340  1.00 26.47 ? 1507 THR A CB  1 
ATOM   187  O OG1 . THR A 1 29  ? -12.422 -7.781  -7.144  1.00 31.10 ? 1507 THR A OG1 1 
ATOM   188  C CG2 . THR A 1 29  ? -11.988 -5.482  -7.769  1.00 27.42 ? 1507 THR A CG2 1 
ATOM   189  N N   . ARG A 1 30  ? -14.700 -7.862  -4.739  1.00 27.74 ? 1508 ARG A N   1 
ATOM   190  C CA  . ARG A 1 30  ? -15.753 -8.777  -4.312  1.00 23.91 ? 1508 ARG A CA  1 
ATOM   191  C C   . ARG A 1 30  ? -15.601 -9.159  -2.854  1.00 25.24 ? 1508 ARG A C   1 
ATOM   192  O O   . ARG A 1 30  ? -14.526 -9.301  -2.381  1.00 23.98 ? 1508 ARG A O   1 
ATOM   193  C CB  . ARG A 1 30  ? -15.770 -10.048 -5.144  1.00 28.57 ? 1508 ARG A CB  1 
ATOM   194  C CG  . ARG A 1 30  ? -17.079 -10.888 -5.039  1.00 33.02 ? 1508 ARG A CG  1 
ATOM   195  C CD  . ARG A 1 30  ? -16.876 -12.306 -5.548  1.00 42.61 ? 1508 ARG A CD  1 
ATOM   196  N NE  . ARG A 1 30  ? -18.103 -13.059 -5.755  1.00 58.43 ? 1508 ARG A NE  1 
ATOM   197  C CZ  . ARG A 1 30  ? -18.894 -13.618 -4.823  1.00 52.25 ? 1508 ARG A CZ  1 
ATOM   198  N NH1 . ARG A 1 30  ? -18.663 -13.514 -3.534  1.00 43.03 ? 1508 ARG A NH1 1 
ATOM   199  N NH2 . ARG A 1 30  ? -19.996 -14.249 -5.176  1.00 47.85 ? 1508 ARG A NH2 1 
ATOM   200  N N   . ASP A 1 31  ? -16.707 -9.338  -2.162  1.00 26.73 ? 1509 ASP A N   1 
ATOM   201  C CA  . ASP A 1 31  ? -16.707 -9.956  -0.848  1.00 26.05 ? 1509 ASP A CA  1 
ATOM   202  C C   . ASP A 1 31  ? -16.895 -11.449 -1.078  1.00 29.01 ? 1509 ASP A C   1 
ATOM   203  O O   . ASP A 1 31  ? -17.976 -11.890 -1.472  1.00 30.89 ? 1509 ASP A O   1 
ATOM   204  C CB  . ASP A 1 31  ? -17.853 -9.394  0.002   1.00 24.74 ? 1509 ASP A CB  1 
ATOM   205  C CG  . ASP A 1 31  ? -17.871 -9.952  1.416   1.00 31.36 ? 1509 ASP A CG  1 
ATOM   206  O OD1 . ASP A 1 31  ? -17.192 -10.964 1.682   1.00 27.63 ? 1509 ASP A OD1 1 
ATOM   207  O OD2 . ASP A 1 31  ? -18.581 -9.375  2.265   1.00 38.14 ? 1509 ASP A OD2 1 
ATOM   208  N N   . VAL A 1 32  ? -15.831 -12.216 -0.868  1.00 20.63 ? 1510 VAL A N   1 
ATOM   209  C CA  . VAL A 1 32  ? -15.831 -13.646 -1.162  1.00 21.52 ? 1510 VAL A CA  1 
ATOM   210  C C   . VAL A 1 32  ? -16.509 -14.426 -0.038  1.00 25.77 ? 1510 VAL A C   1 
ATOM   211  O O   . VAL A 1 32  ? -16.834 -15.611 -0.204  1.00 21.87 ? 1510 VAL A O   1 
ATOM   212  C CB  . VAL A 1 32  ? -14.383 -14.155 -1.407  1.00 23.88 ? 1510 VAL A CB  1 
ATOM   213  C CG1 . VAL A 1 32  ? -14.336 -15.666 -1.496  1.00 30.31 ? 1510 VAL A CG1 1 
ATOM   214  C CG2 . VAL A 1 32  ? -13.818 -13.547 -2.683  1.00 26.20 ? 1510 VAL A CG2 1 
ATOM   215  N N   . GLY A 1 33  ? -16.741 -13.752 1.088   1.00 21.14 ? 1511 GLY A N   1 
ATOM   216  C CA  . GLY A 1 33  ? -17.391 -14.362 2.247   1.00 19.77 ? 1511 GLY A CA  1 
ATOM   217  C C   . GLY A 1 33  ? -16.425 -14.846 3.319   1.00 17.73 ? 1511 GLY A C   1 
ATOM   218  O O   . GLY A 1 33  ? -15.259 -15.140 3.045   1.00 18.32 ? 1511 GLY A O   1 
ATOM   219  N N   . ALA A 1 34  ? -16.912 -14.921 4.553   1.00 19.24 ? 1512 ALA A N   1 
ATOM   220  C CA  . ALA A 1 34  ? -16.168 -15.513 5.665   1.00 20.99 ? 1512 ALA A CA  1 
ATOM   221  C C   . ALA A 1 34  ? -14.812 -14.871 5.901   1.00 25.49 ? 1512 ALA A C   1 
ATOM   222  O O   . ALA A 1 34  ? -13.865 -15.535 6.311   1.00 26.38 ? 1512 ALA A O   1 
ATOM   223  C CB  . ALA A 1 34  ? -16.019 -17.030 5.474   1.00 23.88 ? 1512 ALA A CB  1 
ATOM   224  N N   . GLY A 1 35  ? -14.730 -13.570 5.662   1.00 22.79 ? 1513 GLY A N   1 
ATOM   225  C CA  . GLY A 1 35  ? -13.504 -12.843 5.935   1.00 28.96 ? 1513 GLY A CA  1 
ATOM   226  C C   . GLY A 1 35  ? -12.547 -12.779 4.767   1.00 25.78 ? 1513 GLY A C   1 
ATOM   227  O O   . GLY A 1 35  ? -11.411 -12.346 4.932   1.00 31.30 ? 1513 GLY A O   1 
ATOM   228  N N   . LYS A 1 36  ? -12.992 -13.206 3.592   1.00 24.02 ? 1514 LYS A N   1 
ATOM   229  C CA  . LYS A 1 36  ? -12.149 -13.149 2.398   1.00 24.96 ? 1514 LYS A CA  1 
ATOM   230  C C   . LYS A 1 36  ? -12.683 -12.179 1.353   1.00 24.24 ? 1514 LYS A C   1 
ATOM   231  O O   . LYS A 1 36  ? -13.889 -12.035 1.174   1.00 22.35 ? 1514 LYS A O   1 
ATOM   232  C CB  . LYS A 1 36  ? -11.958 -14.534 1.793   1.00 26.16 ? 1514 LYS A CB  1 
ATOM   233  C CG  . LYS A 1 36  ? -11.095 -15.435 2.647   1.00 35.43 ? 1514 LYS A CG  1 
ATOM   234  C CD  . LYS A 1 36  ? -10.499 -16.578 1.845   1.00 41.46 ? 1514 LYS A CD  1 
ATOM   235  C CE  . LYS A 1 36  ? -9.712  -17.525 2.738   1.00 53.19 ? 1514 LYS A CE  1 
ATOM   236  N NZ  . LYS A 1 36  ? -9.328  -18.773 2.025   1.00 46.17 ? 1514 LYS A NZ  1 
ATOM   237  N N   . TYR A 1 37  ? -11.759 -11.497 0.678   1.00 22.41 ? 1515 TYR A N   1 
ATOM   238  C CA  . TYR A 1 37  ? -12.115 -10.504 -0.327  1.00 22.82 ? 1515 TYR A CA  1 
ATOM   239  C C   . TYR A 1 37  ? -11.323 -10.751 -1.582  1.00 21.89 ? 1515 TYR A C   1 
ATOM   240  O O   . TYR A 1 37  ? -10.191 -11.223 -1.515  1.00 25.30 ? 1515 TYR A O   1 
ATOM   241  C CB  . TYR A 1 37  ? -11.832 -9.095  0.205   1.00 18.90 ? 1515 TYR A CB  1 
ATOM   242  C CG  . TYR A 1 37  ? -12.646 -8.814  1.425   1.00 19.48 ? 1515 TYR A CG  1 
ATOM   243  C CD1 . TYR A 1 37  ? -13.918 -8.274  1.318   1.00 20.46 ? 1515 TYR A CD1 1 
ATOM   244  C CD2 . TYR A 1 37  ? -12.182 -9.169  2.688   1.00 19.19 ? 1515 TYR A CD2 1 
ATOM   245  C CE1 . TYR A 1 37  ? -14.695 -8.055  2.441   1.00 26.52 ? 1515 TYR A CE1 1 
ATOM   246  C CE2 . TYR A 1 37  ? -12.950 -8.962  3.809   1.00 25.41 ? 1515 TYR A CE2 1 
ATOM   247  C CZ  . TYR A 1 37  ? -14.201 -8.395  3.685   1.00 26.14 ? 1515 TYR A CZ  1 
ATOM   248  O OH  . TYR A 1 37  ? -14.969 -8.185  4.810   1.00 34.10 ? 1515 TYR A OH  1 
ATOM   249  N N   . LYS A 1 38  ? -11.910 -10.483 -2.739  1.00 19.97 ? 1516 LYS A N   1 
ATOM   250  C CA  . LYS A 1 38  ? -11.171 -10.486 -3.984  1.00 20.18 ? 1516 LYS A CA  1 
ATOM   251  C C   . LYS A 1 38  ? -10.531 -9.120  -4.166  1.00 20.43 ? 1516 LYS A C   1 
ATOM   252  O O   . LYS A 1 38  ? -11.162 -8.135  -3.926  1.00 21.47 ? 1516 LYS A O   1 
ATOM   253  C CB  . LYS A 1 38  ? -12.038 -10.781 -5.196  1.00 28.88 ? 1516 LYS A CB  1 
ATOM   254  C CG  . LYS A 1 38  ? -11.221 -11.061 -6.382  1.00 28.23 ? 1516 LYS A CG  1 
ATOM   255  C CD  . LYS A 1 38  ? -11.839 -12.192 -7.132  1.00 47.15 ? 1516 LYS A CD  1 
ATOM   256  C CE  . LYS A 1 38  ? -12.097 -13.327 -6.185  1.00 44.43 ? 1516 LYS A CE  1 
ATOM   257  N NZ  . LYS A 1 38  ? -11.743 -14.653 -6.604  1.00 39.36 ? 1516 LYS A NZ  1 
ATOM   258  N N   . LEU A 1 39  ? -9.267  -9.134  -4.560  1.00 20.58 ? 1517 LEU A N   1 
ATOM   259  C CA  . LEU A 1 39  ? -8.520  -7.900  -4.653  1.00 21.50 ? 1517 LEU A CA  1 
ATOM   260  C C   . LEU A 1 39  ? -7.993  -7.722  -6.061  1.00 25.45 ? 1517 LEU A C   1 
ATOM   261  O O   . LEU A 1 39  ? -7.389  -8.633  -6.626  1.00 25.72 ? 1517 LEU A O   1 
ATOM   262  C CB  . LEU A 1 39  ? -7.347  -7.933  -3.686  1.00 24.84 ? 1517 LEU A CB  1 
ATOM   263  C CG  . LEU A 1 39  ? -7.216  -6.662  -2.856  1.00 33.54 ? 1517 LEU A CG  1 
ATOM   264  C CD1 . LEU A 1 39  ? -7.821  -6.887  -1.480  1.00 37.74 ? 1517 LEU A CD1 1 
ATOM   265  C CD2 . LEU A 1 39  ? -5.765  -6.272  -2.755  1.00 43.31 ? 1517 LEU A CD2 1 
ATOM   266  N N   . LEU A 1 40  ? -8.228  -6.552  -6.632  1.00 21.39 ? 1518 LEU A N   1 
ATOM   267  C CA  . LEU A 1 40  ? -7.578  -6.202  -7.881  1.00 21.41 ? 1518 LEU A CA  1 
ATOM   268  C C   . LEU A 1 40  ? -6.452  -5.249  -7.541  1.00 21.23 ? 1518 LEU A C   1 
ATOM   269  O O   . LEU A 1 40  ? -6.687  -4.109  -7.127  1.00 20.57 ? 1518 LEU A O   1 
ATOM   270  C CB  . LEU A 1 40  ? -8.562  -5.546  -8.841  1.00 24.76 ? 1518 LEU A CB  1 
ATOM   271  C CG  . LEU A 1 40  ? -7.933  -5.019  -10.129 1.00 25.45 ? 1518 LEU A CG  1 
ATOM   272  C CD1 . LEU A 1 40  ? -7.311  -6.156  -10.941 1.00 26.02 ? 1518 LEU A CD1 1 
ATOM   273  C CD2 . LEU A 1 40  ? -8.966  -4.274  -10.946 1.00 33.34 ? 1518 LEU A CD2 1 
ATOM   274  N N   . PHE A 1 41  ? -5.219  -5.721  -7.696  1.00 20.16 ? 1519 PHE A N   1 
ATOM   275  C CA  . PHE A 1 41  ? -4.077  -4.859  -7.424  1.00 21.87 ? 1519 PHE A CA  1 
ATOM   276  C C   . PHE A 1 41  ? -3.892  -3.855  -8.560  1.00 25.39 ? 1519 PHE A C   1 
ATOM   277  O O   . PHE A 1 41  ? -4.339  -4.070  -9.687  1.00 22.97 ? 1519 PHE A O   1 
ATOM   278  C CB  . PHE A 1 41  ? -2.821  -5.682  -7.161  1.00 23.11 ? 1519 PHE A CB  1 
ATOM   279  C CG  . PHE A 1 41  ? -2.871  -6.462  -5.880  1.00 20.96 ? 1519 PHE A CG  1 
ATOM   280  C CD1 . PHE A 1 41  ? -2.463  -5.884  -4.691  1.00 23.19 ? 1519 PHE A CD1 1 
ATOM   281  C CD2 . PHE A 1 41  ? -3.322  -7.772  -5.864  1.00 22.24 ? 1519 PHE A CD2 1 
ATOM   282  C CE1 . PHE A 1 41  ? -2.506  -6.594  -3.504  1.00 22.41 ? 1519 PHE A CE1 1 
ATOM   283  C CE2 . PHE A 1 41  ? -3.368  -8.490  -4.685  1.00 25.61 ? 1519 PHE A CE2 1 
ATOM   284  C CZ  . PHE A 1 41  ? -2.962  -7.904  -3.502  1.00 26.21 ? 1519 PHE A CZ  1 
ATOM   285  N N   . ASP A 1 42  ? -3.268  -2.726  -8.254  1.00 20.82 ? 1520 ASP A N   1 
ATOM   286  C CA  . ASP A 1 42  ? -3.131  -1.680  -9.252  1.00 20.66 ? 1520 ASP A CA  1 
ATOM   287  C C   . ASP A 1 42  ? -2.306  -2.090  -10.474 1.00 26.46 ? 1520 ASP A C   1 
ATOM   288  O O   . ASP A 1 42  ? -2.412  -1.454  -11.517 1.00 28.73 ? 1520 ASP A O   1 
ATOM   289  C CB  . ASP A 1 42  ? -2.543  -0.420  -8.623  1.00 20.98 ? 1520 ASP A CB  1 
ATOM   290  C CG  . ASP A 1 42  ? -3.516  0.285   -7.694  1.00 20.42 ? 1520 ASP A CG  1 
ATOM   291  O OD1 . ASP A 1 42  ? -4.702  -0.117  -7.628  1.00 23.98 ? 1520 ASP A OD1 1 
ATOM   292  O OD2 . ASP A 1 42  ? -3.092  1.243   -7.013  1.00 24.58 ? 1520 ASP A OD2 1 
ATOM   293  N N   . ASP A 1 43  ? -1.503  -3.143  -10.352 1.00 26.78 ? 1521 ASP A N   1 
ATOM   294  C CA  . ASP A 1 43  ? -0.741  -3.624  -11.508 1.00 26.55 ? 1521 ASP A CA  1 
ATOM   295  C C   . ASP A 1 43  ? -1.543  -4.629  -12.331 1.00 35.75 ? 1521 ASP A C   1 
ATOM   296  O O   . ASP A 1 43  ? -1.070  -5.130  -13.357 1.00 35.06 ? 1521 ASP A O   1 
ATOM   297  C CB  . ASP A 1 43  ? 0.639   -4.175  -11.111 1.00 34.04 ? 1521 ASP A CB  1 
ATOM   298  C CG  . ASP A 1 43  ? 0.570   -5.281  -10.067 1.00 38.83 ? 1521 ASP A CG  1 
ATOM   299  O OD1 . ASP A 1 43  ? -0.537  -5.781  -9.762  1.00 31.30 ? 1521 ASP A OD1 1 
ATOM   300  O OD2 . ASP A 1 43  ? 1.648   -5.654  -9.549  1.00 36.67 ? 1521 ASP A OD2 1 
ATOM   301  N N   . GLY A 1 44  ? -2.761  -4.918  -11.885 1.00 28.64 ? 1522 GLY A N   1 
ATOM   302  C CA  . GLY A 1 44  ? -3.657  -5.786  -12.630 1.00 29.45 ? 1522 GLY A CA  1 
ATOM   303  C C   . GLY A 1 44  ? -3.743  -7.217  -12.131 1.00 28.75 ? 1522 GLY A C   1 
ATOM   304  O O   . GLY A 1 44  ? -4.542  -8.003  -12.647 1.00 36.64 ? 1522 GLY A O   1 
ATOM   305  N N   . TYR A 1 45  ? -2.934  -7.564  -11.132 1.00 26.72 ? 1523 TYR A N   1 
ATOM   306  C CA  . TYR A 1 45  ? -2.971  -8.910  -10.561 1.00 25.57 ? 1523 TYR A CA  1 
ATOM   307  C C   . TYR A 1 45  ? -4.203  -9.043  -9.660  1.00 30.34 ? 1523 TYR A C   1 
ATOM   308  O O   . TYR A 1 45  ? -4.618  -8.082  -9.012  1.00 25.25 ? 1523 TYR A O   1 
ATOM   309  C CB  . TYR A 1 45  ? -1.704  -9.199  -9.740  1.00 31.14 ? 1523 TYR A CB  1 
ATOM   310  C CG  . TYR A 1 45  ? -0.425  -9.417  -10.538 1.00 41.71 ? 1523 TYR A CG  1 
ATOM   311  C CD1 . TYR A 1 45  ? 0.144   -10.685 -10.645 1.00 45.94 ? 1523 TYR A CD1 1 
ATOM   312  C CD2 . TYR A 1 45  ? 0.226   -8.356  -11.161 1.00 40.81 ? 1523 TYR A CD2 1 
ATOM   313  C CE1 . TYR A 1 45  ? 1.318   -10.889 -11.362 1.00 45.13 ? 1523 TYR A CE1 1 
ATOM   314  C CE2 . TYR A 1 45  ? 1.403   -8.553  -11.880 1.00 42.31 ? 1523 TYR A CE2 1 
ATOM   315  C CZ  . TYR A 1 45  ? 1.942   -9.818  -11.975 1.00 52.27 ? 1523 TYR A CZ  1 
ATOM   316  O OH  . TYR A 1 45  ? 3.107   -10.010 -12.688 1.00 47.69 ? 1523 TYR A OH  1 
ATOM   317  N N   . GLU A 1 46  ? -4.805  -10.218 -9.624  1.00 36.67 ? 1524 GLU A N   1 
ATOM   318  C CA  . GLU A 1 46  ? -5.915  -10.420 -8.705  1.00 31.43 ? 1524 GLU A CA  1 
ATOM   319  C C   . GLU A 1 46  ? -5.742  -11.681 -7.894  1.00 43.50 ? 1524 GLU A C   1 
ATOM   320  O O   . GLU A 1 46  ? -5.208  -12.684 -8.372  1.00 39.40 ? 1524 GLU A O   1 
ATOM   321  C CB  . GLU A 1 46  ? -7.242  -10.491 -9.447  1.00 35.67 ? 1524 GLU A CB  1 
ATOM   322  C CG  . GLU A 1 46  ? -7.341  -9.574  -10.633 1.00 43.72 ? 1524 GLU A CG  1 
ATOM   323  C CD  . GLU A 1 46  ? -8.652  -9.743  -11.367 1.00 56.00 ? 1524 GLU A CD  1 
ATOM   324  O OE1 . GLU A 1 46  ? -9.701  -9.813  -10.691 1.00 56.26 ? 1524 GLU A OE1 1 
ATOM   325  O OE2 . GLU A 1 46  ? -8.633  -9.806  -12.615 1.00 51.89 ? 1524 GLU A OE2 1 
ATOM   326  N N   . CYS A 1 47  ? -6.214  -11.624 -6.661  1.00 28.98 ? 1525 CYS A N   1 
ATOM   327  C CA  . CYS A 1 47  ? -6.280  -12.808 -5.840  1.00 34.23 ? 1525 CYS A CA  1 
ATOM   328  C C   . CYS A 1 47  ? -7.211  -12.552 -4.679  1.00 35.40 ? 1525 CYS A C   1 
ATOM   329  O O   . CYS A 1 47  ? -7.654  -11.422 -4.450  1.00 25.44 ? 1525 CYS A O   1 
ATOM   330  C CB  . CYS A 1 47  ? -4.893  -13.195 -5.331  1.00 35.41 ? 1525 CYS A CB  1 
ATOM   331  S SG  . CYS A 1 47  ? -4.183  -12.042 -4.154  1.00 41.25 ? 1525 CYS A SG  1 
ATOM   332  N N   . ASP A 1 48  ? -7.510  -13.615 -3.952  1.00 28.28 ? 1526 ASP A N   1 
ATOM   333  C CA  . ASP A 1 48  ? -8.278  -13.504 -2.728  1.00 26.22 ? 1526 ASP A CA  1 
ATOM   334  C C   . ASP A 1 48  ? -7.322  -13.241 -1.579  1.00 26.26 ? 1526 ASP A C   1 
ATOM   335  O O   . ASP A 1 48  ? -6.236  -13.832 -1.511  1.00 28.86 ? 1526 ASP A O   1 
ATOM   336  C CB  . ASP A 1 48  ? -9.051  -14.799 -2.476  1.00 28.44 ? 1526 ASP A CB  1 
ATOM   337  C CG  . ASP A 1 48  ? -10.160 -15.022 -3.489  1.00 34.01 ? 1526 ASP A CG  1 
ATOM   338  O OD1 . ASP A 1 48  ? -10.290 -14.210 -4.425  1.00 36.91 ? 1526 ASP A OD1 1 
ATOM   339  O OD2 . ASP A 1 48  ? -10.904 -16.009 -3.342  1.00 42.54 ? 1526 ASP A OD2 1 
ATOM   340  N N   . VAL A 1 49  ? -7.732  -12.354 -0.681  1.00 25.42 ? 1527 VAL A N   1 
ATOM   341  C CA  . VAL A 1 49  ? -6.915  -11.962 0.446   1.00 20.60 ? 1527 VAL A CA  1 
ATOM   342  C C   . VAL A 1 49  ? -7.802  -11.962 1.691   1.00 20.93 ? 1527 VAL A C   1 
ATOM   343  O O   . VAL A 1 49  ? -8.956  -11.544 1.629   1.00 21.27 ? 1527 VAL A O   1 
ATOM   344  C CB  . VAL A 1 49  ? -6.337  -10.531 0.223   1.00 19.97 ? 1527 VAL A CB  1 
ATOM   345  C CG1 . VAL A 1 49  ? -5.529  -10.086 1.422   1.00 24.31 ? 1527 VAL A CG1 1 
ATOM   346  C CG2 . VAL A 1 49  ? -5.502  -10.479 -1.047  1.00 23.37 ? 1527 VAL A CG2 1 
ATOM   347  N N   . LEU A 1 50  ? -7.260  -12.402 2.820   1.00 23.25 ? 1528 LEU A N   1 
ATOM   348  C CA  . LEU A 1 50  ? -7.973  -12.329 4.091   1.00 22.97 ? 1528 LEU A CA  1 
ATOM   349  C C   . LEU A 1 50  ? -8.138  -10.881 4.545   1.00 19.62 ? 1528 LEU A C   1 
ATOM   350  O O   . LEU A 1 50  ? -7.237  -10.056 4.357   1.00 23.07 ? 1528 LEU A O   1 
ATOM   351  C CB  . LEU A 1 50  ? -7.204  -13.095 5.164   1.00 24.92 ? 1528 LEU A CB  1 
ATOM   352  C CG  . LEU A 1 50  ? -7.007  -14.593 4.920   1.00 32.62 ? 1528 LEU A CG  1 
ATOM   353  C CD1 . LEU A 1 50  ? -5.985  -15.159 5.892   1.00 38.25 ? 1528 LEU A CD1 1 
ATOM   354  C CD2 . LEU A 1 50  ? -8.331  -15.314 5.038   1.00 38.53 ? 1528 LEU A CD2 1 
ATOM   355  N N   . GLY A 1 51  ? -9.265  -10.557 5.168   1.00 22.45 ? 1529 GLY A N   1 
ATOM   356  C CA  . GLY A 1 51  ? -9.461  -9.193  5.630   1.00 20.21 ? 1529 GLY A CA  1 
ATOM   357  C C   . GLY A 1 51  ? -8.379  -8.756  6.597   1.00 21.43 ? 1529 GLY A C   1 
ATOM   358  O O   . GLY A 1 51  ? -8.041  -7.567  6.654   1.00 20.08 ? 1529 GLY A O   1 
ATOM   359  N N   . LYS A 1 52  ? -7.810  -9.704  7.342   1.00 23.66 ? 1530 LYS A N   1 
ATOM   360  C CA  . LYS A 1 52  ? -6.758  -9.373  8.305   1.00 26.93 ? 1530 LYS A CA  1 
ATOM   361  C C   . LYS A 1 52  ? -5.464  -8.941  7.610   1.00 24.11 ? 1530 LYS A C   1 
ATOM   362  O O   . LYS A 1 52  ? -4.565  -8.390  8.245   1.00 28.96 ? 1530 LYS A O   1 
ATOM   363  C CB  . LYS A 1 52  ? -6.483  -10.545 9.255   1.00 30.32 ? 1530 LYS A CB  1 
ATOM   364  C CG  . LYS A 1 52  ? -5.691  -11.694 8.646   1.00 31.67 ? 1530 LYS A CG  1 
ATOM   365  C CD  . LYS A 1 52  ? -5.044  -12.541 9.738   1.00 36.70 ? 1530 LYS A CD  1 
ATOM   366  C CE  . LYS A 1 52  ? -3.963  -13.450 9.175   1.00 45.63 ? 1530 LYS A CE  1 
ATOM   367  N NZ  . LYS A 1 52  ? -2.814  -12.682 8.610   1.00 45.77 ? 1530 LYS A NZ  1 
ATOM   368  N N   . ASP A 1 53  ? -5.384  -9.188  6.308   1.00 22.11 ? 1531 ASP A N   1 
ATOM   369  C CA  . ASP A 1 53  ? -4.202  -8.804  5.526   1.00 21.08 ? 1531 ASP A CA  1 
ATOM   370  C C   . ASP A 1 53  ? -4.505  -7.620  4.616   1.00 23.16 ? 1531 ASP A C   1 
ATOM   371  O O   . ASP A 1 53  ? -3.744  -7.323  3.690   1.00 19.98 ? 1531 ASP A O   1 
ATOM   372  C CB  . ASP A 1 53  ? -3.681  -9.987  4.709   1.00 24.94 ? 1531 ASP A CB  1 
ATOM   373  C CG  . ASP A 1 53  ? -3.136  -11.115 5.584   1.00 23.74 ? 1531 ASP A CG  1 
ATOM   374  O OD1 . ASP A 1 53  ? -2.679  -10.834 6.708   1.00 32.09 ? 1531 ASP A OD1 1 
ATOM   375  O OD2 . ASP A 1 53  ? -3.159  -12.274 5.136   1.00 33.94 ? 1531 ASP A OD2 1 
ATOM   376  N N   . ILE A 1 54  ? -5.628  -6.957  4.871   1.00 19.97 ? 1532 ILE A N   1 
ATOM   377  C CA  . ILE A 1 54  ? -6.034  -5.799  4.092   1.00 19.11 ? 1532 ILE A CA  1 
ATOM   378  C C   . ILE A 1 54  ? -6.025  -4.556  4.972   1.00 21.30 ? 1532 ILE A C   1 
ATOM   379  O O   . ILE A 1 54  ? -6.609  -4.553  6.046   1.00 21.63 ? 1532 ILE A O   1 
ATOM   380  C CB  . ILE A 1 54  ? -7.450  -5.998  3.499   1.00 18.89 ? 1532 ILE A CB  1 
ATOM   381  C CG1 . ILE A 1 54  ? -7.459  -7.188  2.538   1.00 17.36 ? 1532 ILE A CG1 1 
ATOM   382  C CG2 . ILE A 1 54  ? -7.941  -4.726  2.820   1.00 20.15 ? 1532 ILE A CG2 1 
ATOM   383  C CD1 . ILE A 1 54  ? -8.843  -7.590  2.065   1.00 22.08 ? 1532 ILE A CD1 1 
ATOM   384  N N   . LEU A 1 55  ? -5.342  -3.504  4.526   1.00 18.12 ? 1533 LEU A N   1 
ATOM   385  C CA  . LEU A 1 55  ? -5.272  -2.258  5.281   1.00 18.82 ? 1533 LEU A CA  1 
ATOM   386  C C   . LEU A 1 55  ? -6.117  -1.193  4.601   1.00 19.33 ? 1533 LEU A C   1 
ATOM   387  O O   . LEU A 1 55  ? -5.967  -0.907  3.404   1.00 16.99 ? 1533 LEU A O   1 
ATOM   388  C CB  . LEU A 1 55  ? -3.816  -1.778  5.405   1.00 15.56 ? 1533 LEU A CB  1 
ATOM   389  C CG  . LEU A 1 55  ? -2.853  -2.790  6.025   1.00 16.99 ? 1533 LEU A CG  1 
ATOM   390  C CD1 . LEU A 1 55  ? -1.399  -2.321  5.804   1.00 17.73 ? 1533 LEU A CD1 1 
ATOM   391  C CD2 . LEU A 1 55  ? -3.143  -3.015  7.502   1.00 21.38 ? 1533 LEU A CD2 1 
ATOM   392  N N   . LEU A 1 56  ? -7.010  -0.590  5.378   1.00 21.14 ? 1534 LEU A N   1 
ATOM   393  C CA  . LEU A 1 56  ? -7.885  0.441   4.856   1.00 18.71 ? 1534 LEU A CA  1 
ATOM   394  C C   . LEU A 1 56  ? -7.212  1.816   4.932   1.00 24.71 ? 1534 LEU A C   1 
ATOM   395  O O   . LEU A 1 56  ? -7.723  2.736   5.582   1.00 31.82 ? 1534 LEU A O   1 
ATOM   396  C CB  . LEU A 1 56  ? -9.197  0.443   5.645   1.00 28.52 ? 1534 LEU A CB  1 
ATOM   397  C CG  . LEU A 1 56  ? -10.436 0.971   4.934   1.00 30.68 ? 1534 LEU A CG  1 
ATOM   398  C CD1 . LEU A 1 56  ? -10.583 0.344   3.561   1.00 39.59 ? 1534 LEU A CD1 1 
ATOM   399  C CD2 . LEU A 1 56  ? -11.664 0.689   5.790   1.00 36.90 ? 1534 LEU A CD2 1 
ATOM   400  N N   A CYS A 1 57  ? -6.074  1.985   4.283   0.60 21.17 ? 1535 CYS A N   1 
ATOM   401  N N   B CYS A 1 57  ? -6.049  1.900   4.280   0.40 21.27 ? 1535 CYS A N   1 
ATOM   402  C CA  A CYS A 1 57  ? -5.448  3.303   4.293   0.60 19.71 ? 1535 CYS A CA  1 
ATOM   403  C CA  B CYS A 1 57  ? -5.267  3.125   4.111   0.40 21.37 ? 1535 CYS A CA  1 
ATOM   404  C C   A CYS A 1 57  ? -5.125  3.786   2.887   0.60 18.90 ? 1535 CYS A C   1 
ATOM   405  C C   B CYS A 1 57  ? -5.312  3.579   2.667   0.40 19.05 ? 1535 CYS A C   1 
ATOM   406  O O   A CYS A 1 57  ? -4.172  3.335   2.254   0.60 20.89 ? 1535 CYS A O   1 
ATOM   407  O O   B CYS A 1 57  ? -4.753  2.925   1.790   0.40 23.46 ? 1535 CYS A O   1 
ATOM   408  C CB  A CYS A 1 57  ? -4.210  3.314   5.188   0.60 17.28 ? 1535 CYS A CB  1 
ATOM   409  C CB  B CYS A 1 57  ? -3.784  2.878   4.404   0.40 21.36 ? 1535 CYS A CB  1 
ATOM   410  S SG  A CYS A 1 57  ? -3.036  2.007   4.797   0.60 16.82 ? 1535 CYS A SG  1 
ATOM   411  S SG  B CYS A 1 57  ? -3.365  2.155   5.977   0.40 21.83 ? 1535 CYS A SG  1 
ATOM   412  N N   . ASP A 1 58  ? -5.956  4.707   2.410   1.00 18.27 ? 1536 ASP A N   1 
ATOM   413  C CA  . ASP A 1 58  ? -5.760  5.388   1.146   1.00 16.58 ? 1536 ASP A CA  1 
ATOM   414  C C   . ASP A 1 58  ? -5.822  6.869   1.491   1.00 17.10 ? 1536 ASP A C   1 
ATOM   415  O O   . ASP A 1 58  ? -6.908  7.406   1.690   1.00 21.12 ? 1536 ASP A O   1 
ATOM   416  C CB  . ASP A 1 58  ? -6.855  5.032   0.143   1.00 18.24 ? 1536 ASP A CB  1 
ATOM   417  C CG  . ASP A 1 58  ? -6.757  5.847   -1.130  1.00 19.89 ? 1536 ASP A CG  1 
ATOM   418  O OD1 . ASP A 1 58  ? -5.640  6.304   -1.461  1.00 23.89 ? 1536 ASP A OD1 1 
ATOM   419  O OD2 . ASP A 1 58  ? -7.791  6.032   -1.806  1.00 30.48 ? 1536 ASP A OD2 1 
ATOM   420  N N   . PRO A 1 59  ? -4.661  7.524   1.612   1.00 16.12 ? 1537 PRO A N   1 
ATOM   421  C CA  . PRO A 1 59  ? -3.288  7.053   1.373   1.00 13.01 ? 1537 PRO A CA  1 
ATOM   422  C C   . PRO A 1 59  ? -2.695  6.358   2.588   1.00 14.81 ? 1537 PRO A C   1 
ATOM   423  O O   . PRO A 1 59  ? -3.287  6.353   3.668   1.00 17.27 ? 1537 PRO A O   1 
ATOM   424  C CB  . PRO A 1 59  ? -2.508  8.355   1.156   1.00 14.99 ? 1537 PRO A CB  1 
ATOM   425  C CG  . PRO A 1 59  ? -3.308  9.397   1.864   1.00 18.33 ? 1537 PRO A CG  1 
ATOM   426  C CD  . PRO A 1 59  ? -4.676  8.895   2.140   1.00 17.98 ? 1537 PRO A CD  1 
ATOM   427  N N   . ILE A 1 60  ? -1.520  5.757   2.402   1.00 15.15 ? 1538 ILE A N   1 
ATOM   428  C CA  . ILE A 1 60  ? -0.728  5.274   3.520   1.00 13.59 ? 1538 ILE A CA  1 
ATOM   429  C C   . ILE A 1 60  ? -0.400  6.487   4.397   1.00 14.80 ? 1538 ILE A C   1 
ATOM   430  O O   . ILE A 1 60  ? -0.102  7.566   3.881   1.00 15.63 ? 1538 ILE A O   1 
ATOM   431  C CB  . ILE A 1 60  ? 0.555   4.623   2.997   1.00 14.46 ? 1538 ILE A CB  1 
ATOM   432  C CG1 . ILE A 1 60  ? 0.169   3.403   2.151   1.00 17.09 ? 1538 ILE A CG1 1 
ATOM   433  C CG2 . ILE A 1 60  ? 1.451   4.222   4.139   1.00 16.44 ? 1538 ILE A CG2 1 
ATOM   434  C CD1 . ILE A 1 60  ? 1.291   2.893   1.250   1.00 15.72 ? 1538 ILE A CD1 1 
ATOM   435  N N   . PRO A 1 61  ? -0.499  6.335   5.721   1.00 14.14 ? 1539 PRO A N   1 
ATOM   436  C CA  . PRO A 1 61  ? -0.495  7.519   6.601   1.00 15.60 ? 1539 PRO A CA  1 
ATOM   437  C C   . PRO A 1 61  ? 0.839   8.248   6.725   1.00 14.97 ? 1539 PRO A C   1 
ATOM   438  O O   . PRO A 1 61  ? 1.928   7.664   6.619   1.00 17.16 ? 1539 PRO A O   1 
ATOM   439  C CB  . PRO A 1 61  ? -0.898  6.938   7.968   1.00 15.53 ? 1539 PRO A CB  1 
ATOM   440  C CG  . PRO A 1 61  ? -1.614  5.655   7.648   1.00 16.85 ? 1539 PRO A CG  1 
ATOM   441  C CD  . PRO A 1 61  ? -0.907  5.109   6.430   1.00 14.58 ? 1539 PRO A CD  1 
ATOM   442  N N   . LEU A 1 62  ? 0.738   9.559   6.958   1.00 16.21 ? 1540 LEU A N   1 
ATOM   443  C CA  . LEU A 1 62  ? 1.885   10.342  7.373   1.00 15.62 ? 1540 LEU A CA  1 
ATOM   444  C C   . LEU A 1 62  ? 2.627   9.664   8.515   1.00 17.27 ? 1540 LEU A C   1 
ATOM   445  O O   . LEU A 1 62  ? 2.022   9.043   9.406   1.00 19.83 ? 1540 LEU A O   1 
ATOM   446  C CB  . LEU A 1 62  ? 1.457   11.749  7.826   1.00 16.09 ? 1540 LEU A CB  1 
ATOM   447  C CG  . LEU A 1 62  ? 0.813   12.647  6.784   1.00 14.74 ? 1540 LEU A CG  1 
ATOM   448  C CD1 . LEU A 1 62  ? 0.326   13.915  7.461   1.00 18.31 ? 1540 LEU A CD1 1 
ATOM   449  C CD2 . LEU A 1 62  ? 1.825   12.995  5.731   1.00 16.59 ? 1540 LEU A CD2 1 
ATOM   450  N N   . ASP A 1 63  ? 3.947   9.794   8.472   1.00 15.97 ? 1541 ASP A N   1 
ATOM   451  C CA  . ASP A 1 63  ? 4.844   9.289   9.505   1.00 20.19 ? 1541 ASP A CA  1 
ATOM   452  C C   . ASP A 1 63  ? 4.964   7.761   9.549   1.00 20.09 ? 1541 ASP A C   1 
ATOM   453  O O   . ASP A 1 63  ? 5.569   7.213   10.471  1.00 34.49 ? 1541 ASP A O   1 
ATOM   454  C CB  . ASP A 1 63  ? 4.493   9.906   10.861  1.00 26.17 ? 1541 ASP A CB  1 
ATOM   455  C CG  . ASP A 1 63  ? 4.857   11.386  10.929  1.00 31.73 ? 1541 ASP A CG  1 
ATOM   456  O OD1 . ASP A 1 63  ? 5.985   11.739  10.514  1.00 30.78 ? 1541 ASP A OD1 1 
ATOM   457  O OD2 . ASP A 1 63  ? 4.016   12.194  11.376  1.00 40.84 ? 1541 ASP A OD2 1 
ATOM   458  N N   . THR A 1 64  ? 4.405   7.095   8.537   1.00 18.83 ? 1542 THR A N   1 
ATOM   459  C CA  . THR A 1 64  ? 4.521   5.644   8.374   1.00 20.10 ? 1542 THR A CA  1 
ATOM   460  C C   . THR A 1 64  ? 5.857   5.316   7.710   1.00 17.41 ? 1542 THR A C   1 
ATOM   461  O O   . THR A 1 64  ? 6.273   6.000   6.780   1.00 17.33 ? 1542 THR A O   1 
ATOM   462  C CB  . THR A 1 64  ? 3.403   5.065   7.447   1.00 12.09 ? 1542 THR A CB  1 
ATOM   463  O OG1 . THR A 1 64  ? 2.103   5.415   7.934   1.00 24.76 ? 1542 THR A OG1 1 
ATOM   464  C CG2 . THR A 1 64  ? 3.510   3.532   7.335   1.00 23.02 ? 1542 THR A CG2 1 
ATOM   465  N N   . GLU A 1 65  ? 6.532   4.271   8.182   1.00 16.92 ? 1543 GLU A N   1 
ATOM   466  C CA  . GLU A 1 65  ? 7.690   3.750   7.460   1.00 18.48 ? 1543 GLU A CA  1 
ATOM   467  C C   . GLU A 1 65  ? 7.221   2.862   6.307   1.00 16.68 ? 1543 GLU A C   1 
ATOM   468  O O   . GLU A 1 65  ? 6.414   1.963   6.497   1.00 17.16 ? 1543 GLU A O   1 
ATOM   469  C CB  . GLU A 1 65  ? 8.613   2.968   8.387   1.00 22.48 ? 1543 GLU A CB  1 
ATOM   470  C CG  . GLU A 1 65  ? 9.915   2.558   7.710   1.00 22.83 ? 1543 GLU A CG  1 
ATOM   471  C CD  . GLU A 1 65  ? 10.682  1.538   8.513   1.00 35.56 ? 1543 GLU A CD  1 
ATOM   472  O OE1 . GLU A 1 65  ? 11.196  1.893   9.595   1.00 49.08 ? 1543 GLU A OE1 1 
ATOM   473  O OE2 . GLU A 1 65  ? 10.774  0.383   8.063   1.00 29.66 ? 1543 GLU A OE2 1 
ATOM   474  N N   . VAL A 1 66  ? 7.707   3.161   5.113   1.00 16.30 ? 1544 VAL A N   1 
ATOM   475  C CA  . VAL A 1 66  ? 7.286   2.472   3.906   1.00 14.88 ? 1544 VAL A CA  1 
ATOM   476  C C   . VAL A 1 66  ? 8.518   1.986   3.154   1.00 15.36 ? 1544 VAL A C   1 
ATOM   477  O O   . VAL A 1 66  ? 9.651   2.263   3.553   1.00 15.97 ? 1544 VAL A O   1 
ATOM   478  C CB  . VAL A 1 66  ? 6.452   3.398   2.988   1.00 11.91 ? 1544 VAL A CB  1 
ATOM   479  C CG1 . VAL A 1 66  ? 5.170   3.828   3.685   1.00 13.30 ? 1544 VAL A CG1 1 
ATOM   480  C CG2 . VAL A 1 66  ? 7.273   4.629   2.581   1.00 14.92 ? 1544 VAL A CG2 1 
ATOM   481  N N   . THR A 1 67  ? 8.282   1.262   2.066   1.00 12.54 ? 1545 THR A N   1 
ATOM   482  C CA  . THR A 1 67  ? 9.346   0.836   1.159   1.00 12.65 ? 1545 THR A CA  1 
ATOM   483  C C   . THR A 1 67  ? 9.147   1.565   -0.162  1.00 16.65 ? 1545 THR A C   1 
ATOM   484  O O   . THR A 1 67  ? 8.090   1.477   -0.787  1.00 15.87 ? 1545 THR A O   1 
ATOM   485  C CB  . THR A 1 67  ? 9.323   -0.688  0.965   1.00 14.60 ? 1545 THR A CB  1 
ATOM   486  O OG1 . THR A 1 67  ? 9.550   -1.321  2.229   1.00 16.64 ? 1545 THR A OG1 1 
ATOM   487  C CG2 . THR A 1 67  ? 10.396  -1.139  -0.025  1.00 14.75 ? 1545 THR A CG2 1 
ATOM   488  N N   . ALA A 1 68  ? 10.151  2.346   -0.546  1.00 14.23 ? 1546 ALA A N   1 
ATOM   489  C CA  . ALA A 1 68  ? 10.109  3.126   -1.784  1.00 13.34 ? 1546 ALA A CA  1 
ATOM   490  C C   . ALA A 1 68  ? 10.843  2.411   -2.898  1.00 13.82 ? 1546 ALA A C   1 
ATOM   491  O O   . ALA A 1 68  ? 11.911  1.826   -2.672  1.00 17.74 ? 1546 ALA A O   1 
ATOM   492  C CB  . ALA A 1 68  ? 10.716  4.507   -1.568  1.00 15.60 ? 1546 ALA A CB  1 
ATOM   493  N N   . LEU A 1 69  ? 10.271  2.489   -4.099  1.00 17.34 ? 1547 LEU A N   1 
ATOM   494  C CA  . LEU A 1 69  ? 10.795  1.768   -5.262  1.00 15.34 ? 1547 LEU A CA  1 
ATOM   495  C C   . LEU A 1 69  ? 11.490  2.718   -6.229  1.00 22.31 ? 1547 LEU A C   1 
ATOM   496  O O   . LEU A 1 69  ? 10.897  3.701   -6.686  1.00 19.15 ? 1547 LEU A O   1 
ATOM   497  C CB  . LEU A 1 69  ? 9.657   1.039   -5.985  1.00 17.18 ? 1547 LEU A CB  1 
ATOM   498  C CG  . LEU A 1 69  ? 9.216   -0.299  -5.389  1.00 27.55 ? 1547 LEU A CG  1 
ATOM   499  C CD1 . LEU A 1 69  ? 9.068   -0.195  -3.892  1.00 27.53 ? 1547 LEU A CD1 1 
ATOM   500  C CD2 . LEU A 1 69  ? 7.925   -0.813  -6.036  1.00 24.01 ? 1547 LEU A CD2 1 
ATOM   501  N N   A SER A 1 70  ? 12.750  2.419   -6.536  0.50 18.56 ? 1548 SER A N   1 
ATOM   502  N N   B SER A 1 70  ? 12.743  2.403   -6.536  0.50 18.55 ? 1548 SER A N   1 
ATOM   503  C CA  A SER A 1 70  ? 13.497  3.177   -7.543  0.50 18.47 ? 1548 SER A CA  1 
ATOM   504  C CA  B SER A 1 70  ? 13.508  3.084   -7.587  0.50 18.53 ? 1548 SER A CA  1 
ATOM   505  C C   A SER A 1 70  ? 13.262  2.568   -8.923  0.50 20.76 ? 1548 SER A C   1 
ATOM   506  C C   B SER A 1 70  ? 13.225  2.549   -8.947  0.50 20.73 ? 1548 SER A C   1 
ATOM   507  O O   A SER A 1 70  ? 12.818  1.433   -9.045  0.50 23.42 ? 1548 SER A O   1 
ATOM   508  O O   B SER A 1 70  ? 12.764  1.475   -9.082  0.50 23.43 ? 1548 SER A O   1 
ATOM   509  C CB  A SER A 1 70  ? 14.992  3.188   -7.219  0.50 22.83 ? 1548 SER A CB  1 
ATOM   510  C CB  B SER A 1 70  ? 15.000  2.966   -7.378  0.50 24.00 ? 1548 SER A CB  1 
ATOM   511  O OG  A SER A 1 70  ? 15.647  2.057   -7.790  0.50 16.60 ? 1548 SER A OG  1 
ATOM   512  O OG  B SER A 1 70  ? 15.275  3.764   -6.342  0.50 30.61 ? 1548 SER A OG  1 
ATOM   513  N N   . GLU A 1 71  ? 13.549  3.332   -9.956  1.00 34.15 ? 1549 GLU A N   1 
ATOM   514  C CA  . GLU A 1 71  ? 13.240  2.874   -11.271 1.00 33.60 ? 1549 GLU A CA  1 
ATOM   515  C C   . GLU A 1 71  ? 14.129  1.682   -11.728 1.00 34.60 ? 1549 GLU A C   1 
ATOM   516  O O   . GLU A 1 71  ? 13.676  0.878   -12.495 1.00 41.80 ? 1549 GLU A O   1 
ATOM   517  C CB  . GLU A 1 71  ? 13.066  4.029   -12.281 1.00 43.52 ? 1549 GLU A CB  1 
ATOM   518  C CG  . GLU A 1 71  ? 11.580  4.162   -12.695 1.00 49.86 ? 1549 GLU A CG  1 
ATOM   519  C CD  . GLU A 1 71  ? 10.596  4.442   -11.526 1.00 52.38 ? 1549 GLU A CD  1 
ATOM   520  O OE1 . GLU A 1 71  ? 10.498  5.584   -11.107 1.00 57.59 ? 1549 GLU A OE1 1 
ATOM   521  O OE2 . GLU A 1 71  ? 9.892   3.544   -11.051 1.00 55.87 ? 1549 GLU A OE2 1 
ATOM   522  N N   . ASP A 1 72  ? 15.321  1.539   -11.173 1.00 24.67 ? 1550 ASP A N   1 
ATOM   523  C CA  . ASP A 1 72  ? 16.232  0.471   -11.574 1.00 29.86 ? 1550 ASP A CA  1 
ATOM   524  C C   . ASP A 1 72  ? 16.139  -0.746  -10.654 1.00 30.83 ? 1550 ASP A C   1 
ATOM   525  O O   . ASP A 1 72  ? 17.112  -1.467  -10.452 1.00 27.67 ? 1550 ASP A O   1 
ATOM   526  C CB  . ASP A 1 72  ? 17.678  0.989   -11.677 1.00 31.68 ? 1550 ASP A CB  1 
ATOM   527  C CG  . ASP A 1 72  ? 18.014  2.037   -10.622 1.00 31.58 ? 1550 ASP A CG  1 
ATOM   528  O OD1 . ASP A 1 72  ? 17.112  2.445   -9.863  1.00 34.33 ? 1550 ASP A OD1 1 
ATOM   529  O OD2 . ASP A 1 72  ? 19.189  2.461   -10.553 1.00 39.52 ? 1550 ASP A OD2 1 
ATOM   530  N N   . GLU A 1 73  ? 14.948  -0.947  -10.090 1.00 24.18 ? 1551 GLU A N   1 
ATOM   531  C CA  . GLU A 1 73  ? 14.634  -2.097  -9.250  1.00 27.74 ? 1551 GLU A CA  1 
ATOM   532  C C   . GLU A 1 73  ? 15.408  -2.162  -7.930  1.00 26.22 ? 1551 GLU A C   1 
ATOM   533  O O   . GLU A 1 73  ? 15.712  -3.241  -7.415  1.00 28.07 ? 1551 GLU A O   1 
ATOM   534  C CB  . GLU A 1 73  ? 14.761  -3.390  -10.053 1.00 29.56 ? 1551 GLU A CB  1 
ATOM   535  C CG  . GLU A 1 73  ? 13.775  -3.442  -11.203 1.00 32.76 ? 1551 GLU A CG  1 
ATOM   536  C CD  . GLU A 1 73  ? 13.903  -4.698  -12.022 1.00 48.12 ? 1551 GLU A CD  1 
ATOM   537  O OE1 . GLU A 1 73  ? 15.032  -5.014  -12.450 1.00 47.38 ? 1551 GLU A OE1 1 
ATOM   538  O OE2 . GLU A 1 73  ? 12.872  -5.365  -12.245 1.00 55.15 ? 1551 GLU A OE2 1 
ATOM   539  N N   . TYR A 1 74  ? 15.723  -0.998  -7.383  1.00 20.17 ? 1552 TYR A N   1 
ATOM   540  C CA  . TYR A 1 74  ? 16.259  -0.933  -6.036  1.00 18.05 ? 1552 TYR A CA  1 
ATOM   541  C C   . TYR A 1 74  ? 15.131  -0.531  -5.117  1.00 18.71 ? 1552 TYR A C   1 
ATOM   542  O O   . TYR A 1 74  ? 14.150  0.070   -5.554  1.00 21.36 ? 1552 TYR A O   1 
ATOM   543  C CB  . TYR A 1 74  ? 17.432  0.055   -5.931  1.00 18.76 ? 1552 TYR A CB  1 
ATOM   544  C CG  . TYR A 1 74  ? 18.659  -0.425  -6.664  1.00 22.71 ? 1552 TYR A CG  1 
ATOM   545  C CD1 . TYR A 1 74  ? 19.576  -1.268  -6.051  1.00 20.16 ? 1552 TYR A CD1 1 
ATOM   546  C CD2 . TYR A 1 74  ? 18.881  -0.062  -7.983  1.00 23.18 ? 1552 TYR A CD2 1 
ATOM   547  C CE1 . TYR A 1 74  ? 20.702  -1.727  -6.741  1.00 21.20 ? 1552 TYR A CE1 1 
ATOM   548  C CE2 . TYR A 1 74  ? 19.995  -0.511  -8.670  1.00 22.97 ? 1552 TYR A CE2 1 
ATOM   549  C CZ  . TYR A 1 74  ? 20.894  -1.344  -8.051  1.00 25.94 ? 1552 TYR A CZ  1 
ATOM   550  O OH  . TYR A 1 74  ? 21.998  -1.787  -8.750  1.00 25.21 ? 1552 TYR A OH  1 
ATOM   551  N N   A PHE A 1 75  ? 15.233  -0.910  -3.854  0.54 16.48 ? 1553 PHE A N   1 
ATOM   552  N N   B PHE A 1 75  ? 15.289  -0.870  -3.842  0.46 16.44 ? 1553 PHE A N   1 
ATOM   553  C CA  A PHE A 1 75  ? 14.277  -0.419  -2.872  0.54 13.77 ? 1553 PHE A CA  1 
ATOM   554  C CA  B PHE A 1 75  ? 14.299  -0.569  -2.814  0.46 14.03 ? 1553 PHE A CA  1 
ATOM   555  C C   A PHE A 1 75  ? 14.928  -0.099  -1.530  0.54 17.10 ? 1553 PHE A C   1 
ATOM   556  C C   B PHE A 1 75  ? 14.996  0.037   -1.602  0.46 17.22 ? 1553 PHE A C   1 
ATOM   557  O O   A PHE A 1 75  ? 16.042  -0.520  -1.236  0.54 15.87 ? 1553 PHE A O   1 
ATOM   558  O O   B PHE A 1 75  ? 16.206  -0.103  -1.446  0.46 16.03 ? 1553 PHE A O   1 
ATOM   559  C CB  A PHE A 1 75  ? 13.023  -1.313  -2.753  0.54 19.67 ? 1553 PHE A CB  1 
ATOM   560  C CB  B PHE A 1 75  ? 13.602  -1.850  -2.362  0.46 16.41 ? 1553 PHE A CB  1 
ATOM   561  C CG  A PHE A 1 75  ? 13.309  -2.771  -2.541  0.54 18.87 ? 1553 PHE A CG  1 
ATOM   562  C CG  B PHE A 1 75  ? 12.983  -2.642  -3.474  0.46 16.04 ? 1553 PHE A CG  1 
ATOM   563  C CD1 A PHE A 1 75  ? 14.077  -3.492  -3.436  0.54 19.55 ? 1553 PHE A CD1 1 
ATOM   564  C CD1 B PHE A 1 75  ? 11.622  -2.566  -3.719  0.46 22.09 ? 1553 PHE A CD1 1 
ATOM   565  C CD2 A PHE A 1 75  ? 12.757  -3.433  -1.465  0.54 20.32 ? 1553 PHE A CD2 1 
ATOM   566  C CD2 B PHE A 1 75  ? 13.752  -3.501  -4.247  0.46 14.52 ? 1553 PHE A CD2 1 
ATOM   567  C CE1 A PHE A 1 75  ? 14.322  -4.826  -3.238  0.54 20.62 ? 1553 PHE A CE1 1 
ATOM   568  C CE1 B PHE A 1 75  ? 11.045  -3.310  -4.732  0.46 22.66 ? 1553 PHE A CE1 1 
ATOM   569  C CE2 A PHE A 1 75  ? 12.981  -4.783  -1.274  0.54 20.99 ? 1553 PHE A CE2 1 
ATOM   570  C CE2 B PHE A 1 75  ? 13.177  -4.244  -5.259  0.46 22.11 ? 1553 PHE A CE2 1 
ATOM   571  C CZ  A PHE A 1 75  ? 13.780  -5.476  -2.158  0.54 21.25 ? 1553 PHE A CZ  1 
ATOM   572  C CZ  B PHE A 1 75  ? 11.824  -4.149  -5.502  0.46 21.92 ? 1553 PHE A CZ  1 
ATOM   573  N N   . SER A 1 76  ? 14.229  0.701   -0.740  1.00 15.55 ? 1554 SER A N   1 
ATOM   574  C CA  . SER A 1 76  ? 14.776  1.233   0.498   1.00 16.60 ? 1554 SER A CA  1 
ATOM   575  C C   . SER A 1 76  ? 13.635  1.622   1.404   1.00 15.91 ? 1554 SER A C   1 
ATOM   576  O O   . SER A 1 76  ? 12.508  1.799   0.941   1.00 18.28 ? 1554 SER A O   1 
ATOM   577  C CB  . SER A 1 76  ? 15.664  2.462   0.235   1.00 20.71 ? 1554 SER A CB  1 
ATOM   578  O OG  . SER A 1 76  ? 14.988  3.466   -0.512  1.00 18.47 ? 1554 SER A OG  1 
ATOM   579  N N   . ALA A 1 77  ? 13.921  1.731   2.693   1.00 16.02 ? 1555 ALA A N   1 
ATOM   580  C CA  . ALA A 1 77  ? 12.919  2.218   3.630   1.00 16.02 ? 1555 ALA A CA  1 
ATOM   581  C C   . ALA A 1 77  ? 12.930  3.734   3.638   1.00 16.49 ? 1555 ALA A C   1 
ATOM   582  O O   . ALA A 1 77  ? 13.950  4.374   3.356   1.00 19.40 ? 1555 ALA A O   1 
ATOM   583  C CB  . ALA A 1 77  ? 13.184  1.683   5.017   1.00 14.83 ? 1555 ALA A CB  1 
ATOM   584  N N   . GLY A 1 78  ? 11.783  4.309   3.958   1.00 16.96 ? 1556 GLY A N   1 
ATOM   585  C CA  . GLY A 1 78  ? 11.655  5.755   4.070   1.00 16.26 ? 1556 GLY A CA  1 
ATOM   586  C C   . GLY A 1 78  ? 10.443  6.073   4.919   1.00 16.08 ? 1556 GLY A C   1 
ATOM   587  O O   . GLY A 1 78  ? 9.639   5.198   5.205   1.00 16.56 ? 1556 GLY A O   1 
ATOM   588  N N   . VAL A 1 79  ? 10.303  7.335   5.315   1.00 16.40 ? 1557 VAL A N   1 
ATOM   589  C CA  . VAL A 1 79  ? 9.158   7.747   6.124   1.00 18.58 ? 1557 VAL A CA  1 
ATOM   590  C C   . VAL A 1 79  ? 8.275   8.723   5.355   1.00 14.46 ? 1557 VAL A C   1 
ATOM   591  O O   . VAL A 1 79  ? 8.769   9.671   4.760   1.00 15.55 ? 1557 VAL A O   1 
ATOM   592  C CB  . VAL A 1 79  ? 9.610   8.382   7.458   1.00 23.53 ? 1557 VAL A CB  1 
ATOM   593  C CG1 . VAL A 1 79  ? 8.402   8.942   8.217   1.00 20.66 ? 1557 VAL A CG1 1 
ATOM   594  C CG2 . VAL A 1 79  ? 10.358  7.361   8.303   1.00 22.68 ? 1557 VAL A CG2 1 
ATOM   595  N N   . VAL A 1 80  ? 6.963   8.492   5.359   1.00 15.20 ? 1558 VAL A N   1 
ATOM   596  C CA  . VAL A 1 80  ? 6.025   9.382   4.673   1.00 13.48 ? 1558 VAL A CA  1 
ATOM   597  C C   . VAL A 1 80  ? 5.947   10.734  5.368   1.00 16.48 ? 1558 VAL A C   1 
ATOM   598  O O   . VAL A 1 80  ? 5.583   10.820  6.543   1.00 17.20 ? 1558 VAL A O   1 
ATOM   599  C CB  . VAL A 1 80  ? 4.603   8.769   4.589   1.00 13.55 ? 1558 VAL A CB  1 
ATOM   600  C CG1 . VAL A 1 80  ? 3.666   9.663   3.820   1.00 14.98 ? 1558 VAL A CG1 1 
ATOM   601  C CG2 . VAL A 1 80  ? 4.672   7.395   3.916   1.00 14.10 ? 1558 VAL A CG2 1 
ATOM   602  N N   . LYS A 1 81  ? 6.294   11.789  4.645   1.00 14.26 ? 1559 LYS A N   1 
ATOM   603  C CA  . LYS A 1 81  ? 6.236   13.142  5.217   1.00 17.09 ? 1559 LYS A CA  1 
ATOM   604  C C   . LYS A 1 81  ? 5.231   14.041  4.507   1.00 20.91 ? 1559 LYS A C   1 
ATOM   605  O O   . LYS A 1 81  ? 4.976   15.160  4.952   1.00 18.43 ? 1559 LYS A O   1 
ATOM   606  C CB  . LYS A 1 81  ? 7.623   13.786  5.192   1.00 16.64 ? 1559 LYS A CB  1 
ATOM   607  C CG  . LYS A 1 81  ? 8.652   13.135  6.110   1.00 20.62 ? 1559 LYS A CG  1 
ATOM   608  C CD  . LYS A 1 81  ? 8.199   13.159  7.555   1.00 25.43 ? 1559 LYS A CD  1 
ATOM   609  C CE  . LYS A 1 81  ? 9.311   12.735  8.493   1.00 31.27 ? 1559 LYS A CE  1 
ATOM   610  N NZ  . LYS A 1 81  ? 8.834   12.747  9.905   1.00 30.60 ? 1559 LYS A NZ  1 
ATOM   611  N N   . GLY A 1 82  ? 4.674   13.575  3.398   1.00 15.30 ? 1560 GLY A N   1 
ATOM   612  C CA  . GLY A 1 82  ? 3.668   14.339  2.678   1.00 15.43 ? 1560 GLY A CA  1 
ATOM   613  C C   . GLY A 1 82  ? 2.829   13.538  1.712   1.00 13.10 ? 1560 GLY A C   1 
ATOM   614  O O   . GLY A 1 82  ? 3.238   12.445  1.277   1.00 12.98 ? 1560 GLY A O   1 
ATOM   615  N N   . HIS A 1 83  ? 1.632   14.051  1.434   1.00 14.07 ? 1561 HIS A N   1 
ATOM   616  C CA  . HIS A 1 83  ? 0.767   13.554  0.374   1.00 13.78 ? 1561 HIS A CA  1 
ATOM   617  C C   . HIS A 1 83  ? 0.424   14.728  -0.516  1.00 16.33 ? 1561 HIS A C   1 
ATOM   618  O O   . HIS A 1 83  ? 0.238   15.850  -0.027  1.00 16.03 ? 1561 HIS A O   1 
ATOM   619  C CB  . HIS A 1 83  ? -0.582  13.018  0.875   1.00 13.75 ? 1561 HIS A CB  1 
ATOM   620  C CG  . HIS A 1 83  ? -0.534  12.102  2.065   1.00 13.26 ? 1561 HIS A CG  1 
ATOM   621  N ND1 . HIS A 1 83  ? 0.105   10.868  2.052   1.00 18.99 ? 1561 HIS A ND1 1 
ATOM   622  C CD2 . HIS A 1 83  ? -1.148  12.193  3.258   1.00 10.79 ? 1561 HIS A CD2 1 
ATOM   623  C CE1 . HIS A 1 83  ? -0.099  10.278  3.230   1.00 13.89 ? 1561 HIS A CE1 1 
ATOM   624  N NE2 . HIS A 1 83  ? -0.842  11.056  3.972   1.00 19.54 ? 1561 HIS A NE2 1 
ATOM   625  N N   A ARG A 1 84  ? 0.311   14.459  -1.788  0.50 15.69 ? 1562 ARG A N   1 
ATOM   626  N N   B ARG A 1 84  ? 0.326   14.458  -1.791  0.50 15.70 ? 1562 ARG A N   1 
ATOM   627  C CA  A ARG A 1 84  ? -0.091  15.483  -2.736  0.50 15.79 ? 1562 ARG A CA  1 
ATOM   628  C CA  B ARG A 1 84  ? -0.095  15.474  -2.729  0.50 15.79 ? 1562 ARG A CA  1 
ATOM   629  C C   A ARG A 1 84  ? -1.013  14.918  -3.800  0.50 18.56 ? 1562 ARG A C   1 
ATOM   630  C C   B ARG A 1 84  ? -1.002  14.912  -3.786  0.50 18.56 ? 1562 ARG A C   1 
ATOM   631  O O   A ARG A 1 84  ? -0.701  13.945  -4.339  0.50 19.34 ? 1562 ARG A O   1 
ATOM   632  O O   B ARG A 1 84  ? -0.686  13.945  -4.328  0.50 19.34 ? 1562 ARG A O   1 
ATOM   633  C CB  A ARG A 1 84  ? 1.140   16.132  -3.364  0.50 18.46 ? 1562 ARG A CB  1 
ATOM   634  C CB  B ARG A 1 84  ? 1.088   16.161  -3.386  0.50 18.45 ? 1562 ARG A CB  1 
ATOM   635  C CG  A ARG A 1 84  ? 0.878   17.009  -4.536  0.50 25.39 ? 1562 ARG A CG  1 
ATOM   636  C CG  B ARG A 1 84  ? 0.681   17.336  -4.236  0.50 21.42 ? 1562 ARG A CG  1 
ATOM   637  C CD  A ARG A 1 84  ? 0.527   18.287  -4.087  0.50 25.91 ? 1562 ARG A CD  1 
ATOM   638  C CD  B ARG A 1 84  ? 1.732   17.681  -5.147  0.50 23.23 ? 1562 ARG A CD  1 
ATOM   639  N NE  A ARG A 1 84  ? 0.640   18.341  -2.638  0.50 25.31 ? 1562 ARG A NE  1 
ATOM   640  N NE  B ARG A 1 84  ? 1.272   18.429  -6.308  0.50 33.75 ? 1562 ARG A NE  1 
ATOM   641  C CZ  A ARG A 1 84  ? 1.507   19.078  -1.971  0.50 16.06 ? 1562 ARG A CZ  1 
ATOM   642  C CZ  B ARG A 1 84  ? 1.175   19.732  -6.305  0.50 29.63 ? 1562 ARG A CZ  1 
ATOM   643  N NH1 A ARG A 1 84  ? 1.540   19.009  -0.669  0.50 26.27 ? 1562 ARG A NH1 1 
ATOM   644  N NH1 B ARG A 1 84  ? 1.537   20.391  -5.244  0.50 35.25 ? 1562 ARG A NH1 1 
ATOM   645  N NH2 A ARG A 1 84  ? 2.300   19.868  -2.581  0.50 24.46 ? 1562 ARG A NH2 1 
ATOM   646  N NH2 B ARG A 1 84  ? 0.781   20.355  -7.362  0.50 38.16 ? 1562 ARG A NH2 1 
ATOM   647  N N   . LYS A 1 85  ? -2.102  15.582  -4.079  1.00 20.27 ? 1563 LYS A N   1 
ATOM   648  C CA  . LYS A 1 85  ? -2.930  15.213  -5.218  1.00 20.86 ? 1563 LYS A CA  1 
ATOM   649  C C   . LYS A 1 85  ? -2.614  16.135  -6.378  1.00 29.13 ? 1563 LYS A C   1 
ATOM   650  O O   . LYS A 1 85  ? -2.550  17.343  -6.222  1.00 30.64 ? 1563 LYS A O   1 
ATOM   651  C CB  . LYS A 1 85  ? -4.412  15.336  -4.906  1.00 28.22 ? 1563 LYS A CB  1 
ATOM   652  C CG  . LYS A 1 85  ? -4.965  14.373  -3.954  1.00 29.16 ? 1563 LYS A CG  1 
ATOM   653  C CD  . LYS A 1 85  ? -5.063  13.023  -4.473  1.00 32.46 ? 1563 LYS A CD  1 
ATOM   654  C CE  . LYS A 1 85  ? -6.013  12.888  -5.657  1.00 40.12 ? 1563 LYS A CE  1 
ATOM   655  N NZ  . LYS A 1 85  ? -6.848  14.043  -6.197  1.00 43.53 ? 1563 LYS A NZ  1 
ATOM   656  N N   . GLU A 1 86  ? -2.472  15.550  -7.564  1.00 26.91 ? 1564 GLU A N   1 
ATOM   657  C CA  . GLU A 1 86  ? -2.310  16.349  -8.770  1.00 38.88 ? 1564 GLU A CA  1 
ATOM   658  C C   . GLU A 1 86  ? -2.923  15.624  -9.956  1.00 41.09 ? 1564 GLU A C   1 
ATOM   659  O O   . GLU A 1 86  ? -2.582  14.472  -10.236 1.00 35.44 ? 1564 GLU A O   1 
ATOM   660  C CB  . GLU A 1 86  ? -0.842  16.656  -9.037  1.00 33.95 ? 1564 GLU A CB  1 
ATOM   661  C CG  . GLU A 1 86  ? -0.634  17.611  -10.195 1.00 47.68 ? 1564 GLU A CG  1 
ATOM   662  C CD  . GLU A 1 86  ? 0.550   18.524  -9.980  1.00 53.01 ? 1564 GLU A CD  1 
ATOM   663  O OE1 . GLU A 1 86  ? 1.476   18.133  -9.235  1.00 53.89 ? 1564 GLU A OE1 1 
ATOM   664  O OE2 . GLU A 1 86  ? 0.556   19.634  -10.555 1.00 66.73 ? 1564 GLU A OE2 1 
ATOM   665  N N   . SER A 1 87  ? -3.844  16.302  -10.632 1.00 41.10 ? 1565 SER A N   1 
ATOM   666  C CA  . SER A 1 87  ? -4.572  15.723  -11.752 1.00 47.84 ? 1565 SER A CA  1 
ATOM   667  C C   . SER A 1 87  ? -5.196  14.391  -11.364 1.00 39.27 ? 1565 SER A C   1 
ATOM   668  O O   . SER A 1 87  ? -5.208  13.447  -12.158 1.00 40.57 ? 1565 SER A O   1 
ATOM   669  C CB  . SER A 1 87  ? -3.647  15.539  -12.955 1.00 46.73 ? 1565 SER A CB  1 
ATOM   670  O OG  . SER A 1 87  ? -2.961  16.741  -13.256 1.00 56.07 ? 1565 SER A OG  1 
ATOM   671  N N   . GLY A 1 88  ? -5.697  14.316  -10.135 1.00 40.43 ? 1566 GLY A N   1 
ATOM   672  C CA  . GLY A 1 88  ? -6.387  13.130  -9.668  1.00 34.78 ? 1566 GLY A CA  1 
ATOM   673  C C   . GLY A 1 88  ? -5.471  11.978  -9.303  1.00 30.21 ? 1566 GLY A C   1 
ATOM   674  O O   . GLY A 1 88  ? -5.939  10.886  -8.983  1.00 39.55 ? 1566 GLY A O   1 
ATOM   675  N N   . GLU A 1 89  ? -4.166  12.213  -9.338  1.00 26.37 ? 1567 GLU A N   1 
ATOM   676  C CA  . GLU A 1 89  ? -3.228  11.163  -8.956  1.00 24.89 ? 1567 GLU A CA  1 
ATOM   677  C C   . GLU A 1 89  ? -2.535  11.471  -7.626  1.00 21.17 ? 1567 GLU A C   1 
ATOM   678  O O   . GLU A 1 89  ? -2.324  12.632  -7.274  1.00 23.50 ? 1567 GLU A O   1 
ATOM   679  C CB  . GLU A 1 89  ? -2.216  10.917  -10.078 1.00 30.73 ? 1567 GLU A CB  1 
ATOM   680  C CG  . GLU A 1 89  ? -2.898  10.542  -11.375 1.00 35.77 ? 1567 GLU A CG  1 
ATOM   681  C CD  . GLU A 1 89  ? -1.930  10.316  -12.508 1.00 43.04 ? 1567 GLU A CD  1 
ATOM   682  O OE1 . GLU A 1 89  ? -0.846  10.934  -12.496 1.00 48.08 ? 1567 GLU A OE1 1 
ATOM   683  O OE2 . GLU A 1 89  ? -2.254  9.525   -13.417 1.00 59.75 ? 1567 GLU A OE2 1 
ATOM   684  N N   . LEU A 1 90  ? -2.207  10.418  -6.884  1.00 19.93 ? 1568 LEU A N   1 
ATOM   685  C CA  . LEU A 1 90  ? -1.602  10.557  -5.557  1.00 18.54 ? 1568 LEU A CA  1 
ATOM   686  C C   . LEU A 1 90  ? -0.084  10.442  -5.613  1.00 17.86 ? 1568 LEU A C   1 
ATOM   687  O O   . LEU A 1 90  ? 0.455   9.538   -6.277  1.00 16.89 ? 1568 LEU A O   1 
ATOM   688  C CB  . LEU A 1 90  ? -2.165  9.496   -4.598  1.00 17.55 ? 1568 LEU A CB  1 
ATOM   689  C CG  . LEU A 1 90  ? -1.476  9.430   -3.232  1.00 15.93 ? 1568 LEU A CG  1 
ATOM   690  C CD1 . LEU A 1 90  ? -1.885  10.646  -2.407  1.00 18.11 ? 1568 LEU A CD1 1 
ATOM   691  C CD2 . LEU A 1 90  ? -1.818  8.163   -2.494  1.00 16.85 ? 1568 LEU A CD2 1 
ATOM   692  N N   . TYR A 1 91  ? 0.593   11.356  -4.921  1.00 17.34 ? 1569 TYR A N   1 
ATOM   693  C CA  . TYR A 1 91  ? 2.034   11.336  -4.758  1.00 13.93 ? 1569 TYR A CA  1 
ATOM   694  C C   . TYR A 1 91  ? 2.403   11.381  -3.280  1.00 19.39 ? 1569 TYR A C   1 
ATOM   695  O O   . TYR A 1 91  ? 1.783   12.107  -2.483  1.00 15.73 ? 1569 TYR A O   1 
ATOM   696  C CB  . TYR A 1 91  ? 2.683   12.513  -5.491  1.00 15.98 ? 1569 TYR A CB  1 
ATOM   697  C CG  . TYR A 1 91  ? 2.374   12.547  -6.961  1.00 20.73 ? 1569 TYR A CG  1 
ATOM   698  C CD1 . TYR A 1 91  ? 3.216   11.925  -7.863  1.00 23.01 ? 1569 TYR A CD1 1 
ATOM   699  C CD2 . TYR A 1 91  ? 1.244   13.194  -7.448  1.00 24.44 ? 1569 TYR A CD2 1 
ATOM   700  C CE1 . TYR A 1 91  ? 2.958   11.943  -9.215  1.00 26.18 ? 1569 TYR A CE1 1 
ATOM   701  C CE2 . TYR A 1 91  ? 0.969   13.217  -8.813  1.00 27.43 ? 1569 TYR A CE2 1 
ATOM   702  C CZ  . TYR A 1 91  ? 1.838   12.586  -9.688  1.00 34.42 ? 1569 TYR A CZ  1 
ATOM   703  O OH  . TYR A 1 91  ? 1.599   12.594  -11.044 1.00 34.94 ? 1569 TYR A OH  1 
ATOM   704  N N   . TYR A 1 92  ? 3.434   10.627  -2.932  1.00 15.48 ? 1570 TYR A N   1 
ATOM   705  C CA  . TYR A 1 92  ? 4.003   10.575  -1.592  1.00 13.37 ? 1570 TYR A CA  1 
ATOM   706  C C   . TYR A 1 92  ? 5.333   11.293  -1.534  1.00 16.02 ? 1570 TYR A C   1 
ATOM   707  O O   . TYR A 1 92  ? 6.176   11.122  -2.414  1.00 15.47 ? 1570 TYR A O   1 
ATOM   708  C CB  . TYR A 1 92  ? 4.270   9.121   -1.191  1.00 15.16 ? 1570 TYR A CB  1 
ATOM   709  C CG  . TYR A 1 92  ? 3.037   8.282   -0.935  1.00 15.00 ? 1570 TYR A CG  1 
ATOM   710  C CD1 . TYR A 1 92  ? 2.407   8.297   0.317   1.00 13.40 ? 1570 TYR A CD1 1 
ATOM   711  C CD2 . TYR A 1 92  ? 2.499   7.465   -1.927  1.00 13.94 ? 1570 TYR A CD2 1 
ATOM   712  C CE1 . TYR A 1 92  ? 1.298   7.522   0.562   1.00 15.04 ? 1570 TYR A CE1 1 
ATOM   713  C CE2 . TYR A 1 92  ? 1.377   6.676   -1.677  1.00 13.77 ? 1570 TYR A CE2 1 
ATOM   714  C CZ  . TYR A 1 92  ? 0.781   6.724   -0.437  1.00 14.68 ? 1570 TYR A CZ  1 
ATOM   715  O OH  . TYR A 1 92  ? -0.336  5.964   -0.173  1.00 15.93 ? 1570 TYR A OH  1 
ATOM   716  N N   . SER A 1 93  ? 5.535   12.100  -0.503  1.00 13.74 ? 1571 SER A N   1 
ATOM   717  C CA  . SER A 1 93  ? 6.853   12.635  -0.203  1.00 14.46 ? 1571 SER A CA  1 
ATOM   718  C C   . SER A 1 93  ? 7.454   11.745  0.869   1.00 14.81 ? 1571 SER A C   1 
ATOM   719  O O   . SER A 1 93  ? 6.910   11.622  1.956   1.00 13.53 ? 1571 SER A O   1 
ATOM   720  C CB  . SER A 1 93  ? 6.730   14.074  0.292   1.00 14.66 ? 1571 SER A CB  1 
ATOM   721  O OG  . SER A 1 93  ? 8.002   14.613  0.637   1.00 18.58 ? 1571 SER A OG  1 
ATOM   722  N N   . ILE A 1 94  ? 8.575   11.110  0.538   1.00 15.65 ? 1572 ILE A N   1 
ATOM   723  C CA  . ILE A 1 94  ? 9.211   10.131  1.403   1.00 15.52 ? 1572 ILE A CA  1 
ATOM   724  C C   . ILE A 1 94  ? 10.594  10.596  1.819   1.00 15.43 ? 1572 ILE A C   1 
ATOM   725  O O   . ILE A 1 94  ? 11.387  11.043  0.973   1.00 15.65 ? 1572 ILE A O   1 
ATOM   726  C CB  . ILE A 1 94  ? 9.357   8.789   0.670   1.00 16.56 ? 1572 ILE A CB  1 
ATOM   727  C CG1 . ILE A 1 94  ? 8.001   8.271   0.204   1.00 21.65 ? 1572 ILE A CG1 1 
ATOM   728  C CG2 . ILE A 1 94  ? 10.089  7.747   1.541   1.00 19.45 ? 1572 ILE A CG2 1 
ATOM   729  C CD1 . ILE A 1 94  ? 7.031   8.047   1.308   1.00 22.13 ? 1572 ILE A CD1 1 
ATOM   730  N N   . GLU A 1 95  ? 10.886  10.514  3.111   1.00 16.55 ? 1573 GLU A N   1 
ATOM   731  C CA  . GLU A 1 95  ? 12.167  10.978  3.637   1.00 17.08 ? 1573 GLU A CA  1 
ATOM   732  C C   . GLU A 1 95  ? 13.111  9.808   3.936   1.00 21.98 ? 1573 GLU A C   1 
ATOM   733  O O   . GLU A 1 95  ? 12.732  8.838   4.581   1.00 20.98 ? 1573 GLU A O   1 
ATOM   734  C CB  . GLU A 1 95  ? 11.937  11.833  4.886   1.00 22.01 ? 1573 GLU A CB  1 
ATOM   735  C CG  . GLU A 1 95  ? 13.179  12.543  5.392   1.00 28.70 ? 1573 GLU A CG  1 
ATOM   736  C CD  . GLU A 1 95  ? 12.868  13.451  6.565   1.00 35.13 ? 1573 GLU A CD  1 
ATOM   737  O OE1 . GLU A 1 95  ? 12.074  14.405  6.395   1.00 34.00 ? 1573 GLU A OE1 1 
ATOM   738  O OE2 . GLU A 1 95  ? 13.418  13.208  7.657   1.00 40.14 ? 1573 GLU A OE2 1 
ATOM   739  N N   . LYS A 1 96  ? 14.338  9.910   3.434   1.00 22.33 ? 1574 LYS A N   1 
ATOM   740  C CA  . LYS A 1 96  ? 15.388  8.947   3.720   1.00 24.78 ? 1574 LYS A CA  1 
ATOM   741  C C   . LYS A 1 96  ? 16.645  9.739   4.039   1.00 29.21 ? 1574 LYS A C   1 
ATOM   742  O O   . LYS A 1 96  ? 17.078  10.546  3.226   1.00 24.13 ? 1574 LYS A O   1 
ATOM   743  C CB  . LYS A 1 96  ? 15.648  8.056   2.505   1.00 24.03 ? 1574 LYS A CB  1 
ATOM   744  C CG  . LYS A 1 96  ? 16.693  6.969   2.732   1.00 21.99 ? 1574 LYS A CG  1 
ATOM   745  C CD  . LYS A 1 96  ? 16.903  6.160   1.452   1.00 22.81 ? 1574 LYS A CD  1 
ATOM   746  C CE  . LYS A 1 96  ? 17.894  5.030   1.651   1.00 27.20 ? 1574 LYS A CE  1 
ATOM   747  N NZ  . LYS A 1 96  ? 19.254  5.526   1.972   1.00 26.70 ? 1574 LYS A NZ  1 
ATOM   748  N N   . GLU A 1 97  ? 17.217  9.528   5.208   1.00 32.00 ? 1575 GLU A N   1 
ATOM   749  C CA  . GLU A 1 97  ? 18.385  10.291  5.627   1.00 35.07 ? 1575 GLU A CA  1 
ATOM   750  C C   . GLU A 1 97  ? 18.172  11.785  5.446   1.00 35.22 ? 1575 GLU A C   1 
ATOM   751  O O   . GLU A 1 97  ? 18.965  12.425  4.854   1.00 39.19 ? 1575 GLU A O   1 
ATOM   752  C CB  . GLU A 1 97  ? 19.659  9.869   4.888   1.00 36.82 ? 1575 GLU A CB  1 
ATOM   753  C CG  . GLU A 1 97  ? 20.094  8.460   5.098   1.00 47.82 ? 1575 GLU A CG  1 
ATOM   754  C CD  . GLU A 1 97  ? 21.560  8.233   4.771   1.00 63.88 ? 1575 GLU A CD  1 
ATOM   755  O OE1 . GLU A 1 97  ? 22.265  7.731   5.625   1.00 71.58 ? 1575 GLU A OE1 1 
ATOM   756  O OE2 . GLU A 1 97  ? 22.030  8.472   3.652   1.00 67.04 ? 1575 GLU A OE2 1 
ATOM   757  N N   . GLY A 1 98  ? 17.084  12.305  5.960   1.00 33.75 ? 1576 GLY A N   1 
ATOM   758  C CA  . GLY A 1 98  ? 16.871  13.741  5.987   1.00 32.37 ? 1576 GLY A CA  1 
ATOM   759  C C   . GLY A 1 98  ? 16.583  14.391  4.646   1.00 38.56 ? 1576 GLY A C   1 
ATOM   760  O O   . GLY A 1 98  ? 16.429  15.610  4.568   1.00 39.41 ? 1576 GLY A O   1 
ATOM   761  N N   . GLN A 1 99  ? 16.516  13.584  3.592   1.00 31.52 ? 1577 GLN A N   1 
ATOM   762  C CA  . GLN A 1 99  ? 16.198  14.075  2.252   1.00 29.90 ? 1577 GLN A CA  1 
ATOM   763  C C   . GLN A 1 99  ? 14.840  13.557  1.792   1.00 24.26 ? 1577 GLN A C   1 
ATOM   764  O O   . GLN A 1 99  ? 14.554  12.364  1.903   1.00 26.94 ? 1577 GLN A O   1 
ATOM   765  C CB  . GLN A 1 99  ? 17.276  13.641  1.251   1.00 35.07 ? 1577 GLN A CB  1 
ATOM   766  C CG  . GLN A 1 99  ? 18.542  14.482  1.298   1.00 50.57 ? 1577 GLN A CG  1 
ATOM   767  C CD  . GLN A 1 99  ? 18.398  15.786  0.538   1.00 51.14 ? 1577 GLN A CD  1 
ATOM   768  O OE1 . GLN A 1 99  ? 18.150  16.837  1.130   1.00 61.68 ? 1577 GLN A OE1 1 
ATOM   769  N NE2 . GLN A 1 99  ? 18.540  15.724  -0.782  1.00 54.71 ? 1577 GLN A NE2 1 
ATOM   770  N N   . ARG A 1 100 ? 14.011  14.442  1.254   1.00 22.90 ? 1578 ARG A N   1 
ATOM   771  C CA  . ARG A 1 100 ? 12.707  14.026  0.753   1.00 19.09 ? 1578 ARG A CA  1 
ATOM   772  C C   . ARG A 1 100 ? 12.671  13.907  -0.757  1.00 23.75 ? 1578 ARG A C   1 
ATOM   773  O O   . ARG A 1 100 ? 13.237  14.727  -1.476  1.00 23.88 ? 1578 ARG A O   1 
ATOM   774  C CB  . ARG A 1 100 ? 11.618  14.984  1.220   1.00 18.43 ? 1578 ARG A CB  1 
ATOM   775  C CG  . ARG A 1 100 ? 11.548  15.086  2.721   1.00 18.80 ? 1578 ARG A CG  1 
ATOM   776  C CD  . ARG A 1 100 ? 10.420  15.962  3.115   1.00 20.55 ? 1578 ARG A CD  1 
ATOM   777  N NE  . ARG A 1 100 ? 10.362  16.114  4.559   1.00 21.65 ? 1578 ARG A NE  1 
ATOM   778  C CZ  . ARG A 1 100 ? 9.379   16.734  5.207   1.00 21.89 ? 1578 ARG A CZ  1 
ATOM   779  N NH1 . ARG A 1 100 ? 8.355   17.241  4.541   1.00 23.48 ? 1578 ARG A NH1 1 
ATOM   780  N NH2 . ARG A 1 100 ? 9.415   16.810  6.521   1.00 22.94 ? 1578 ARG A NH2 1 
ATOM   781  N N   . LYS A 1 101 ? 11.994  12.869  -1.221  1.00 17.17 ? 1579 LYS A N   1 
ATOM   782  C CA  . LYS A 1 101 ? 11.805  12.622  -2.637  1.00 16.63 ? 1579 LYS A CA  1 
ATOM   783  C C   . LYS A 1 101 ? 10.354  12.219  -2.903  1.00 16.06 ? 1579 LYS A C   1 
ATOM   784  O O   . LYS A 1 101 ? 9.710   11.544  -2.088  1.00 16.39 ? 1579 LYS A O   1 
ATOM   785  C CB  . LYS A 1 101 ? 12.754  11.510  -3.076  1.00 20.57 ? 1579 LYS A CB  1 
ATOM   786  C CG  . LYS A 1 101 ? 12.828  11.272  -4.557  1.00 22.74 ? 1579 LYS A CG  1 
ATOM   787  C CD  . LYS A 1 101 ? 13.973  10.304  -4.838  1.00 25.95 ? 1579 LYS A CD  1 
ATOM   788  C CE  . LYS A 1 101 ? 14.159  10.072  -6.311  1.00 27.82 ? 1579 LYS A CE  1 
ATOM   789  N NZ  . LYS A 1 101 ? 15.297  9.139   -6.502  1.00 29.33 ? 1579 LYS A NZ  1 
ATOM   790  N N   . TRP A 1 102 ? 9.831   12.636  -4.045  1.00 16.78 ? 1580 TRP A N   1 
ATOM   791  C CA  . TRP A 1 102 ? 8.481   12.277  -4.443  1.00 16.03 ? 1580 TRP A CA  1 
ATOM   792  C C   . TRP A 1 102 ? 8.413   10.922  -5.112  1.00 16.61 ? 1580 TRP A C   1 
ATOM   793  O O   . TRP A 1 102 ? 9.341   10.515  -5.817  1.00 18.88 ? 1580 TRP A O   1 
ATOM   794  C CB  . TRP A 1 102 ? 7.885   13.353  -5.354  1.00 19.31 ? 1580 TRP A CB  1 
ATOM   795  C CG  . TRP A 1 102 ? 7.652   14.631  -4.636  1.00 17.04 ? 1580 TRP A CG  1 
ATOM   796  C CD1 . TRP A 1 102 ? 8.467   15.719  -4.627  1.00 17.25 ? 1580 TRP A CD1 1 
ATOM   797  C CD2 . TRP A 1 102 ? 6.538   14.949  -3.797  1.00 20.57 ? 1580 TRP A CD2 1 
ATOM   798  N NE1 . TRP A 1 102 ? 7.922   16.714  -3.840  1.00 20.50 ? 1580 TRP A NE1 1 
ATOM   799  C CE2 . TRP A 1 102 ? 6.746   16.260  -3.314  1.00 18.10 ? 1580 TRP A CE2 1 
ATOM   800  C CE3 . TRP A 1 102 ? 5.390   14.256  -3.409  1.00 20.42 ? 1580 TRP A CE3 1 
ATOM   801  C CZ2 . TRP A 1 102 ? 5.837   16.898  -2.469  1.00 21.49 ? 1580 TRP A CZ2 1 
ATOM   802  C CZ3 . TRP A 1 102 ? 4.490   14.892  -2.564  1.00 18.48 ? 1580 TRP A CZ3 1 
ATOM   803  C CH2 . TRP A 1 102 ? 4.724   16.199  -2.104  1.00 18.08 ? 1580 TRP A CH2 1 
ATOM   804  N N   . TYR A 1 103 ? 7.323   10.205  -4.842  1.00 17.33 ? 1581 TYR A N   1 
ATOM   805  C CA  . TYR A 1 103 ? 7.040   8.917   -5.459  1.00 15.41 ? 1581 TYR A CA  1 
ATOM   806  C C   . TYR A 1 103 ? 5.590   8.831   -5.860  1.00 18.13 ? 1581 TYR A C   1 
ATOM   807  O O   . TYR A 1 103 ? 4.707   9.224   -5.094  1.00 18.37 ? 1581 TYR A O   1 
ATOM   808  C CB  . TYR A 1 103 ? 7.307   7.783   -4.465  1.00 15.77 ? 1581 TYR A CB  1 
ATOM   809  C CG  . TYR A 1 103 ? 8.753   7.612   -4.136  1.00 15.95 ? 1581 TYR A CG  1 
ATOM   810  C CD1 . TYR A 1 103 ? 9.538   6.713   -4.847  1.00 16.40 ? 1581 TYR A CD1 1 
ATOM   811  C CD2 . TYR A 1 103 ? 9.360   8.384   -3.143  1.00 16.68 ? 1581 TYR A CD2 1 
ATOM   812  C CE1 . TYR A 1 103 ? 10.873  6.567   -4.568  1.00 17.44 ? 1581 TYR A CE1 1 
ATOM   813  C CE2 . TYR A 1 103 ? 10.698  8.235   -2.858  1.00 15.51 ? 1581 TYR A CE2 1 
ATOM   814  C CZ  . TYR A 1 103 ? 11.447  7.317   -3.570  1.00 15.87 ? 1581 TYR A CZ  1 
ATOM   815  O OH  . TYR A 1 103 ? 12.781  7.167   -3.301  1.00 22.04 ? 1581 TYR A OH  1 
ATOM   816  N N   . LYS A 1 104 ? 5.332   8.284   -7.038  1.00 17.37 ? 1582 LYS A N   1 
ATOM   817  C CA  . LYS A 1 104 ? 3.988   7.916   -7.444  1.00 15.67 ? 1582 LYS A CA  1 
ATOM   818  C C   . LYS A 1 104 ? 3.453   6.816   -6.534  1.00 18.84 ? 1582 LYS A C   1 
ATOM   819  O O   . LYS A 1 104 ? 4.217   6.108   -5.866  1.00 19.40 ? 1582 LYS A O   1 
ATOM   820  C CB  . LYS A 1 104 ? 3.990   7.438   -8.902  1.00 22.38 ? 1582 LYS A CB  1 
ATOM   821  C CG  . LYS A 1 104 ? 4.500   8.502   -9.872  1.00 33.19 ? 1582 LYS A CG  1 
ATOM   822  C CD  . LYS A 1 104 ? 4.555   8.010   -11.305 1.00 37.14 ? 1582 LYS A CD  1 
ATOM   823  C CE  . LYS A 1 104 ? 4.987   9.143   -12.238 1.00 38.91 ? 1582 LYS A CE  1 
ATOM   824  N NZ  . LYS A 1 104 ? 5.405   8.652   -13.588 1.00 48.16 ? 1582 LYS A NZ  1 
ATOM   825  N N   . ARG A 1 105 ? 2.136   6.667   -6.524  1.00 18.88 ? 1583 ARG A N   1 
ATOM   826  C CA  . ARG A 1 105 ? 1.475   5.646   -5.718  1.00 16.93 ? 1583 ARG A CA  1 
ATOM   827  C C   . ARG A 1 105 ? 2.054   4.243   -5.938  1.00 17.97 ? 1583 ARG A C   1 
ATOM   828  O O   . ARG A 1 105 ? 2.293   3.505   -4.986  1.00 19.68 ? 1583 ARG A O   1 
ATOM   829  C CB  . ARG A 1 105 ? -0.023  5.647   -6.009  1.00 20.34 ? 1583 ARG A CB  1 
ATOM   830  C CG  . ARG A 1 105 ? -0.807  4.681   -5.131  1.00 18.14 ? 1583 ARG A CG  1 
ATOM   831  C CD  . ARG A 1 105 ? -2.195  4.416   -5.694  1.00 20.00 ? 1583 ARG A CD  1 
ATOM   832  N NE  . ARG A 1 105 ? -3.145  5.524   -5.544  1.00 24.23 ? 1583 ARG A NE  1 
ATOM   833  C CZ  . ARG A 1 105 ? -3.826  5.775   -4.429  1.00 21.86 ? 1583 ARG A CZ  1 
ATOM   834  N NH1 . ARG A 1 105 ? -3.629  5.041   -3.340  1.00 21.13 ? 1583 ARG A NH1 1 
ATOM   835  N NH2 . ARG A 1 105 ? -4.700  6.772   -4.390  1.00 21.78 ? 1583 ARG A NH2 1 
ATOM   836  N N   A MET A 1 106 ? 2.300   3.899   -7.198  0.50 20.53 ? 1584 MET A N   1 
ATOM   837  N N   B MET A 1 106 ? 2.341   3.899   -7.158  0.50 20.55 ? 1584 MET A N   1 
ATOM   838  C CA  A MET A 1 106 ? 2.783   2.576   -7.566  0.50 23.49 ? 1584 MET A CA  1 
ATOM   839  C CA  B MET A 1 106 ? 2.775   2.575   -7.412  0.50 23.36 ? 1584 MET A CA  1 
ATOM   840  C C   A MET A 1 106 ? 4.196   2.257   -7.054  0.50 23.27 ? 1584 MET A C   1 
ATOM   841  C C   B MET A 1 106 ? 4.197   2.264   -7.031  0.50 23.27 ? 1584 MET A C   1 
ATOM   842  O O   A MET A 1 106 ? 4.620   1.092   -7.054  0.50 21.29 ? 1584 MET A O   1 
ATOM   843  O O   B MET A 1 106 ? 4.587   1.141   -7.050  0.50 21.38 ? 1584 MET A O   1 
ATOM   844  C CB  A MET A 1 106 ? 2.725   2.424   -9.092  0.50 22.62 ? 1584 MET A CB  1 
ATOM   845  C CB  B MET A 1 106 ? 2.460   2.225   -8.863  0.50 24.50 ? 1584 MET A CB  1 
ATOM   846  C CG  A MET A 1 106 ? 3.648   3.394   -9.837  0.50 22.42 ? 1584 MET A CG  1 
ATOM   847  C CG  B MET A 1 106 ? 1.251   1.274   -8.919  0.50 25.10 ? 1584 MET A CG  1 
ATOM   848  S SD  A MET A 1 106 ? 3.640   3.201   -11.640 0.50 34.23 ? 1584 MET A SD  1 
ATOM   849  S SD  B MET A 1 106 ? 0.758   0.470   -10.485 0.50 31.40 ? 1584 MET A SD  1 
ATOM   850  C CE  A MET A 1 106 ? 4.410   1.593   -11.830 0.50 30.56 ? 1584 MET A CE  1 
ATOM   851  C CE  B MET A 1 106 ? 1.633   -1.010  -10.326 0.50 26.96 ? 1584 MET A CE  1 
ATOM   852  N N   . ALA A 1 107 ? 4.922   3.282   -6.616  1.00 18.88 ? 1585 ALA A N   1 
ATOM   853  C CA  . ALA A 1 107 ? 6.304   3.117   -6.171  1.00 17.34 ? 1585 ALA A CA  1 
ATOM   854  C C   . ALA A 1 107 ? 6.433   3.070   -4.647  1.00 15.32 ? 1585 ALA A C   1 
ATOM   855  O O   . ALA A 1 107 ? 7.532   3.201   -4.106  1.00 16.97 ? 1585 ALA A O   1 
ATOM   856  C CB  . ALA A 1 107 ? 7.193   4.238   -6.749  1.00 17.43 ? 1585 ALA A CB  1 
ATOM   857  N N   . VAL A 1 108 ? 5.301   2.961   -3.949  1.00 16.86 ? 1586 VAL A N   1 
ATOM   858  C CA  . VAL A 1 108 ? 5.304   2.860   -2.497  1.00 15.43 ? 1586 VAL A CA  1 
ATOM   859  C C   . VAL A 1 108 ? 4.567   1.600   -2.052  1.00 14.95 ? 1586 VAL A C   1 
ATOM   860  O O   . VAL A 1 108 ? 3.392   1.397   -2.365  1.00 18.22 ? 1586 VAL A O   1 
ATOM   861  C CB  . VAL A 1 108 ? 4.697   4.133   -1.839  1.00 14.21 ? 1586 VAL A CB  1 
ATOM   862  C CG1 . VAL A 1 108 ? 4.706   4.013   -0.312  1.00 14.98 ? 1586 VAL A CG1 1 
ATOM   863  C CG2 . VAL A 1 108 ? 5.468   5.365   -2.307  1.00 15.25 ? 1586 VAL A CG2 1 
ATOM   864  N N   . ILE A 1 109 ? 5.277   0.738   -1.339  1.00 14.91 ? 1587 ILE A N   1 
ATOM   865  C CA  . ILE A 1 109 ? 4.687   -0.510  -0.860  1.00 13.98 ? 1587 ILE A CA  1 
ATOM   866  C C   . ILE A 1 109 ? 5.078   -0.676  0.592   1.00 14.52 ? 1587 ILE A C   1 
ATOM   867  O O   . ILE A 1 109 ? 5.870   0.105   1.112   1.00 16.49 ? 1587 ILE A O   1 
ATOM   868  C CB  . ILE A 1 109 ? 5.163   -1.732  -1.708  1.00 16.81 ? 1587 ILE A CB  1 
ATOM   869  C CG1 . ILE A 1 109 ? 6.666   -1.982  -1.529  1.00 13.18 ? 1587 ILE A CG1 1 
ATOM   870  C CG2 . ILE A 1 109 ? 4.850   -1.507  -3.187  1.00 18.86 ? 1587 ILE A CG2 1 
ATOM   871  C CD1 . ILE A 1 109 ? 7.245   -3.133  -2.394  1.00 15.30 ? 1587 ILE A CD1 1 
ATOM   872  N N   . LEU A 1 110 ? 4.530   -1.688  1.252   1.00 15.90 ? 1588 LEU A N   1 
ATOM   873  C CA  . LEU A 1 110 ? 4.889   -1.949  2.647   1.00 15.70 ? 1588 LEU A CA  1 
ATOM   874  C C   . LEU A 1 110 ? 5.463   -3.343  2.775   1.00 16.28 ? 1588 LEU A C   1 
ATOM   875  O O   . LEU A 1 110 ? 4.891   -4.300  2.257   1.00 17.30 ? 1588 LEU A O   1 
ATOM   876  C CB  . LEU A 1 110 ? 3.658   -1.836  3.550   1.00 15.89 ? 1588 LEU A CB  1 
ATOM   877  C CG  . LEU A 1 110 ? 2.801   -0.581  3.397   1.00 15.17 ? 1588 LEU A CG  1 
ATOM   878  C CD1 . LEU A 1 110 ? 1.545   -0.725  4.256   1.00 14.96 ? 1588 LEU A CD1 1 
ATOM   879  C CD2 . LEU A 1 110 ? 3.579   0.668   3.801   1.00 18.64 ? 1588 LEU A CD2 1 
ATOM   880  N N   . SER A 1 111 ? 6.576   -3.456  3.487   1.00 12.73 ? 1589 SER A N   1 
ATOM   881  C CA  . SER A 1 111 ? 7.121   -4.770  3.821   1.00 16.21 ? 1589 SER A CA  1 
ATOM   882  C C   . SER A 1 111 ? 6.179   -5.456  4.807   1.00 17.71 ? 1589 SER A C   1 
ATOM   883  O O   . SER A 1 111 ? 5.214   -4.853  5.280   1.00 16.93 ? 1589 SER A O   1 
ATOM   884  C CB  . SER A 1 111 ? 8.513   -4.637  4.431   1.00 18.97 ? 1589 SER A CB  1 
ATOM   885  O OG  . SER A 1 111 ? 8.420   -4.126  5.750   1.00 20.26 ? 1589 SER A OG  1 
ATOM   886  N N   . LEU A 1 112 ? 6.462   -6.713  5.123   1.00 16.93 ? 1590 LEU A N   1 
ATOM   887  C CA  . LEU A 1 112 ? 5.644   -7.456  6.069   1.00 16.77 ? 1590 LEU A CA  1 
ATOM   888  C C   . LEU A 1 112 ? 5.612   -6.724  7.390   1.00 20.42 ? 1590 LEU A C   1 
ATOM   889  O O   . LEU A 1 112 ? 4.550   -6.542  7.983   1.00 18.10 ? 1590 LEU A O   1 
ATOM   890  C CB  . LEU A 1 112 ? 6.223   -8.856  6.271   1.00 16.15 ? 1590 LEU A CB  1 
ATOM   891  C CG  . LEU A 1 112 ? 5.512   -9.680  7.330   1.00 17.33 ? 1590 LEU A CG  1 
ATOM   892  C CD1 . LEU A 1 112 ? 4.076   -9.937  6.889   1.00 23.58 ? 1590 LEU A CD1 1 
ATOM   893  C CD2 . LEU A 1 112 ? 6.252   -10.998 7.519   1.00 20.32 ? 1590 LEU A CD2 1 
ATOM   894  N N   . GLU A 1 113 ? 6.783   -6.291  7.843   1.00 20.53 ? 1591 GLU A N   1 
ATOM   895  C CA  . GLU A 1 113 ? 6.886   -5.615  9.128   1.00 19.91 ? 1591 GLU A CA  1 
ATOM   896  C C   . GLU A 1 113 ? 6.179   -4.257  9.111   1.00 19.07 ? 1591 GLU A C   1 
ATOM   897  O O   . GLU A 1 113 ? 5.467   -3.904  10.055  1.00 19.20 ? 1591 GLU A O   1 
ATOM   898  C CB  . GLU A 1 113 ? 8.350   -5.451  9.525   1.00 20.58 ? 1591 GLU A CB  1 
ATOM   899  C CG  . GLU A 1 113 ? 8.522   -4.881  10.923  1.00 32.47 ? 1591 GLU A CG  1 
ATOM   900  C CD  . GLU A 1 113 ? 9.975   -4.745  11.327  1.00 42.14 ? 1591 GLU A CD  1 
ATOM   901  O OE1 . GLU A 1 113 ? 10.839  -5.360  10.670  1.00 48.08 ? 1591 GLU A OE1 1 
ATOM   902  O OE2 . GLU A 1 113 ? 10.249  -4.026  12.310  1.00 57.35 ? 1591 GLU A OE2 1 
ATOM   903  N N   . GLN A 1 114 ? 6.337   -3.519  8.022   1.00 18.13 ? 1592 GLN A N   1 
ATOM   904  C CA  . GLN A 1 114 ? 5.702   -2.204  7.903   1.00 16.31 ? 1592 GLN A CA  1 
ATOM   905  C C   . GLN A 1 114 ? 4.181   -2.292  7.865   1.00 15.68 ? 1592 GLN A C   1 
ATOM   906  O O   . GLN A 1 114 ? 3.486   -1.516  8.525   1.00 19.95 ? 1592 GLN A O   1 
ATOM   907  C CB  . GLN A 1 114 ? 6.237   -1.477  6.667   1.00 19.60 ? 1592 GLN A CB  1 
ATOM   908  C CG  . GLN A 1 114 ? 7.698   -1.060  6.819   1.00 19.57 ? 1592 GLN A CG  1 
ATOM   909  C CD  . GLN A 1 114 ? 8.371   -0.731  5.504   1.00 16.96 ? 1592 GLN A CD  1 
ATOM   910  O OE1 . GLN A 1 114 ? 7.825   -0.968  4.434   1.00 16.80 ? 1592 GLN A OE1 1 
ATOM   911  N NE2 . GLN A 1 114 ? 9.569   -0.172  5.585   1.00 17.75 ? 1592 GLN A NE2 1 
ATOM   912  N N   . GLY A 1 115 ? 3.657   -3.231  7.095   1.00 17.48 ? 1593 GLY A N   1 
ATOM   913  C CA  . GLY A 1 115 ? 2.220   -3.415  7.003   1.00 16.19 ? 1593 GLY A CA  1 
ATOM   914  C C   . GLY A 1 115 ? 1.607   -3.972  8.268   1.00 21.23 ? 1593 GLY A C   1 
ATOM   915  O O   . GLY A 1 115 ? 0.511   -3.561  8.642   1.00 18.40 ? 1593 GLY A O   1 
ATOM   916  N N   . ASN A 1 116 ? 2.307   -4.894  8.926   1.00 18.30 ? 1594 ASN A N   1 
ATOM   917  C CA  . ASN A 1 116 ? 1.799   -5.483  10.162  1.00 21.04 ? 1594 ASN A CA  1 
ATOM   918  C C   . ASN A 1 116 ? 1.530   -4.422  11.228  1.00 26.89 ? 1594 ASN A C   1 
ATOM   919  O O   . ASN A 1 116 ? 0.561   -4.531  11.986  1.00 26.16 ? 1594 ASN A O   1 
ATOM   920  C CB  . ASN A 1 116 ? 2.757   -6.560  10.698  1.00 25.42 ? 1594 ASN A CB  1 
ATOM   921  C CG  . ASN A 1 116 ? 2.530   -7.916  10.057  1.00 22.40 ? 1594 ASN A CG  1 
ATOM   922  O OD1 . ASN A 1 116 ? 1.582   -8.103  9.298   1.00 25.65 ? 1594 ASN A OD1 1 
ATOM   923  N ND2 . ASN A 1 116 ? 3.415   -8.872  10.350  1.00 24.22 ? 1594 ASN A ND2 1 
ATOM   924  N N   . ARG A 1 117 ? 2.416   -3.441  11.348  1.00 24.13 ? 1595 ARG A N   1 
ATOM   925  C CA  . ARG A 1 117 ? 2.251   -2.328  12.240  1.00 28.01 ? 1595 ARG A CA  1 
ATOM   926  C C   . ARG A 1 117 ? 0.937   -1.604  12.092  1.00 31.45 ? 1595 ARG A C   1 
ATOM   927  O O   . ARG A 1 117 ? 0.469   -1.035  13.029  1.00 26.73 ? 1595 ARG A O   1 
ATOM   928  C CB  . ARG A 1 117 ? 3.308   -1.281  11.991  1.00 27.18 ? 1595 ARG A CB  1 
ATOM   929  C CG  . ARG A 1 117 ? 4.686   -1.666  12.277  1.00 29.34 ? 1595 ARG A CG  1 
ATOM   930  C CD  . ARG A 1 117 ? 5.573   -0.471  12.414  1.00 28.17 ? 1595 ARG A CD  1 
ATOM   931  N NE  . ARG A 1 117 ? 6.885   -0.937  12.704  1.00 37.91 ? 1595 ARG A NE  1 
ATOM   932  C CZ  . ARG A 1 117 ? 7.913   -0.815  11.912  1.00 32.65 ? 1595 ARG A CZ  1 
ATOM   933  N NH1 . ARG A 1 117 ? 7.813   -0.194  10.785  1.00 35.95 ? 1595 ARG A NH1 1 
ATOM   934  N NH2 . ARG A 1 117 ? 9.077   -1.291  12.285  1.00 49.10 ? 1595 ARG A NH2 1 
ATOM   935  N N   . LEU A 1 118 ? 0.380   -1.594  10.898  1.00 20.42 ? 1596 LEU A N   1 
ATOM   936  C CA  . LEU A 1 118 ? -0.827  -0.822  10.623  1.00 19.49 ? 1596 LEU A CA  1 
ATOM   937  C C   . LEU A 1 118 ? -2.120  -1.623  10.826  1.00 21.70 ? 1596 LEU A C   1 
ATOM   938  O O   . LEU A 1 118 ? -3.224  -1.079  10.718  1.00 19.76 ? 1596 LEU A O   1 
ATOM   939  C CB  . LEU A 1 118 ? -0.770  -0.244  9.200   1.00 18.19 ? 1596 LEU A CB  1 
ATOM   940  C CG  . LEU A 1 118 ? 0.336   0.760   8.866   1.00 19.66 ? 1596 LEU A CG  1 
ATOM   941  C CD1 . LEU A 1 118 ? 0.228   1.144   7.404   1.00 19.86 ? 1596 LEU A CD1 1 
ATOM   942  C CD2 . LEU A 1 118 ? 0.229   1.997   9.739   1.00 26.89 ? 1596 LEU A CD2 1 
ATOM   943  N N   . ARG A 1 119 ? -1.994  -2.914  11.122  1.00 19.12 ? 1597 ARG A N   1 
ATOM   944  C CA  . ARG A 1 119 ? -3.173  -3.771  11.175  1.00 20.94 ? 1597 ARG A CA  1 
ATOM   945  C C   . ARG A 1 119 ? -4.148  -3.382  12.275  1.00 22.28 ? 1597 ARG A C   1 
ATOM   946  O O   . ARG A 1 119 ? -5.352  -3.407  12.069  1.00 23.55 ? 1597 ARG A O   1 
ATOM   947  C CB  . ARG A 1 119 ? -2.772  -5.235  11.312  1.00 22.70 ? 1597 ARG A CB  1 
ATOM   948  C CG  . ARG A 1 119 ? -2.375  -5.854  9.990   1.00 29.25 ? 1597 ARG A CG  1 
ATOM   949  C CD  . ARG A 1 119 ? -1.985  -7.302  10.177  1.00 41.29 ? 1597 ARG A CD  1 
ATOM   950  N NE  . ARG A 1 119 ? -0.972  -7.458  11.215  1.00 31.96 ? 1597 ARG A NE  1 
ATOM   951  C CZ  . ARG A 1 119 ? -0.482  -8.630  11.602  1.00 40.42 ? 1597 ARG A CZ  1 
ATOM   952  N NH1 . ARG A 1 119 ? -0.912  -9.743  11.030  1.00 38.15 ? 1597 ARG A NH1 1 
ATOM   953  N NH2 . ARG A 1 119 ? 0.438   -8.687  12.556  1.00 40.49 ? 1597 ARG A NH2 1 
ATOM   954  N N   . GLU A 1 120 ? -3.637  -3.017  13.440  1.00 21.42 ? 1598 GLU A N   1 
ATOM   955  C CA  . GLU A 1 120 ? -4.562  -2.759  14.544  1.00 24.64 ? 1598 GLU A CA  1 
ATOM   956  C C   . GLU A 1 120 ? -5.475  -1.575  14.257  1.00 27.94 ? 1598 GLU A C   1 
ATOM   957  O O   . GLU A 1 120 ? -6.665  -1.604  14.568  1.00 28.42 ? 1598 GLU A O   1 
ATOM   958  C CB  . GLU A 1 120 ? -3.829  -2.598  15.875  1.00 34.62 ? 1598 GLU A CB  1 
ATOM   959  C CG  . GLU A 1 120 ? -4.740  -2.834  17.084  1.00 47.81 ? 1598 GLU A CG  1 
ATOM   960  C CD  . GLU A 1 120 ? -5.646  -4.060  16.921  1.00 60.24 ? 1598 GLU A CD  1 
ATOM   961  O OE1 . GLU A 1 120 ? -5.271  -5.001  16.183  1.00 65.18 ? 1598 GLU A OE1 1 
ATOM   962  O OE2 . GLU A 1 120 ? -6.737  -4.085  17.537  1.00 60.60 ? 1598 GLU A OE2 1 
ATOM   963  N N   . GLN A 1 121 ? -4.932  -0.515  13.699  1.00 23.04 ? 1599 GLN A N   1 
ATOM   964  C CA  . GLN A 1 121 ? -5.676  0.682   13.356  1.00 22.27 ? 1599 GLN A CA  1 
ATOM   965  C C   . GLN A 1 121 ? -6.426  0.589   12.036  1.00 29.44 ? 1599 GLN A C   1 
ATOM   966  O O   . GLN A 1 121 ? -7.473  1.144   11.906  1.00 26.00 ? 1599 GLN A O   1 
ATOM   967  C CB  . GLN A 1 121 ? -4.690  1.826   13.246  1.00 31.28 ? 1599 GLN A CB  1 
ATOM   968  C CG  . GLN A 1 121 ? -5.073  3.132   13.749  1.00 41.43 ? 1599 GLN A CG  1 
ATOM   969  C CD  . GLN A 1 121 ? -3.963  3.807   14.579  1.00 46.43 ? 1599 GLN A CD  1 
ATOM   970  O OE1 . GLN A 1 121 ? -2.996  4.293   14.047  1.00 42.35 ? 1599 GLN A OE1 1 
ATOM   971  N NE2 . GLN A 1 121 ? -4.136  3.817   15.878  1.00 50.00 ? 1599 GLN A NE2 1 
ATOM   972  N N   . TYR A 1 122 ? -5.853  -0.101  11.050  1.00 21.64 ? 1600 TYR A N   1 
ATOM   973  C CA  . TYR A 1 122 ? -6.372  -0.024  9.689   1.00 21.41 ? 1600 TYR A CA  1 
ATOM   974  C C   . TYR A 1 122 ? -6.833  -1.355  9.100   1.00 17.77 ? 1600 TYR A C   1 
ATOM   975  O O   . TYR A 1 122 ? -7.412  -1.376  8.016   1.00 21.39 ? 1600 TYR A O   1 
ATOM   976  C CB  . TYR A 1 122 ? -5.321  0.606   8.756   1.00 15.70 ? 1600 TYR A CB  1 
ATOM   977  C CG  . TYR A 1 122 ? -4.955  2.024   9.107   1.00 18.30 ? 1600 TYR A CG  1 
ATOM   978  C CD1 . TYR A 1 122 ? -5.715  3.088   8.657   1.00 22.24 ? 1600 TYR A CD1 1 
ATOM   979  C CD2 . TYR A 1 122 ? -3.859  2.295   9.905   1.00 20.19 ? 1600 TYR A CD2 1 
ATOM   980  C CE1 . TYR A 1 122 ? -5.392  4.382   8.989   1.00 24.21 ? 1600 TYR A CE1 1 
ATOM   981  C CE2 . TYR A 1 122 ? -3.521  3.583   10.235  1.00 25.16 ? 1600 TYR A CE2 1 
ATOM   982  C CZ  . TYR A 1 122 ? -4.291  4.625   9.779   1.00 26.27 ? 1600 TYR A CZ  1 
ATOM   983  O OH  . TYR A 1 122 ? -3.957  5.918   10.112  1.00 26.19 ? 1600 TYR A OH  1 
ATOM   984  N N   . GLY A 1 123 ? -6.587  -2.455  9.799   1.00 17.88 ? 1601 GLY A N   1 
ATOM   985  C CA  . GLY A 1 123 ? -6.904  -3.765  9.261   1.00 22.73 ? 1601 GLY A CA  1 
ATOM   986  C C   . GLY A 1 123 ? -8.392  -4.076  9.158   1.00 32.84 ? 1601 GLY A C   1 
ATOM   987  O O   . GLY A 1 123 ? -9.208  -3.573  9.942   1.00 27.52 ? 1601 GLY A O   1 
ATOM   988  N N   . LEU A 1 124 ? -8.749  -4.902  8.180   1.00 27.47 ? 1602 LEU A N   1 
ATOM   989  C CA  . LEU A 1 124 ? -10.127 -5.367  8.020   1.00 26.86 ? 1602 LEU A CA  1 
ATOM   990  C C   . LEU A 1 124 ? -10.333 -6.734  8.668   1.00 36.61 ? 1602 LEU A C   1 
ATOM   991  O O   . LEU A 1 124 ? -11.217 -7.493  8.264   1.00 38.35 ? 1602 LEU A O   1 
ATOM   992  C CB  . LEU A 1 124 ? -10.502 -5.453  6.539   1.00 33.68 ? 1602 LEU A CB  1 
ATOM   993  C CG  . LEU A 1 124 ? -11.131 -4.260  5.823   1.00 43.51 ? 1602 LEU A CG  1 
ATOM   994  C CD1 . LEU A 1 124 ? -10.207 -3.060  5.827   1.00 43.98 ? 1602 LEU A CD1 1 
ATOM   995  C CD2 . LEU A 1 124 ? -11.497 -4.652  4.396   1.00 38.63 ? 1602 LEU A CD2 1 
ATOM   996  N N   . GLY A 1 125 ? -9.513  -7.052  9.663   1.00 33.23 ? 1603 GLY A N   1 
ATOM   997  C CA  . GLY A 1 125 ? -9.638  -8.318  10.362  1.00 40.24 ? 1603 GLY A CA  1 
ATOM   998  C C   . GLY A 1 125 ? -10.756 -8.298  11.388  1.00 54.56 ? 1603 GLY A C   1 
ATOM   999  O O   . GLY A 1 125 ? -11.466 -9.289  11.574  1.00 58.38 ? 1603 GLY A O   1 
ATOM   1000 O OXT . GLY A 1 125 ? -10.982 -7.289  12.057  1.00 55.98 ? 1603 GLY A OXT 1 
HETATM 1001 N N   . MLY B 2 5   ? 7.057   -10.528 -7.295  1.00 45.59 ? 370  MLY B N   1 
HETATM 1002 C CA  . MLY B 2 5   ? 6.699   -9.412  -8.209  1.00 44.06 ? 370  MLY B CA  1 
HETATM 1003 C CB  . MLY B 2 5   ? 6.476   -8.137  -7.405  1.00 42.82 ? 370  MLY B CB  1 
HETATM 1004 C CG  . MLY B 2 5   ? 5.151   -7.480  -7.770  1.00 41.80 ? 370  MLY B CG  1 
HETATM 1005 C CD  . MLY B 2 5   ? 4.099   -7.745  -6.701  1.00 41.59 ? 370  MLY B CD  1 
HETATM 1006 C CE  . MLY B 2 5   ? 2.997   -6.693  -6.758  1.00 41.33 ? 370  MLY B CE  1 
HETATM 1007 N NZ  . MLY B 2 5   ? 1.721   -7.301  -7.158  1.00 40.32 ? 370  MLY B NZ  1 
HETATM 1008 C CH1 . MLY B 2 5   ? 0.617   -6.414  -6.769  1.00 38.50 ? 370  MLY B CH1 1 
HETATM 1009 C CH2 . MLY B 2 5   ? 1.556   -8.596  -6.485  1.00 38.98 ? 370  MLY B CH2 1 
HETATM 1010 C C   . MLY B 2 5   ? 7.773   -9.162  -9.226  1.00 44.70 ? 370  MLY B C   1 
HETATM 1011 O O   . MLY B 2 5   ? 8.956   -9.437  -8.926  1.00 46.26 ? 370  MLY B O   1 
HETATM 1012 C C1  . PGE C 3 .   ? -12.597 4.566   12.452  1.00 39.28 ? 201  PGE A C1  1 
HETATM 1013 O O1  . PGE C 3 .   ? -13.833 4.845   13.059  1.00 45.27 ? 201  PGE A O1  1 
HETATM 1014 C C2  . PGE C 3 .   ? -12.269 5.294   11.149  1.00 36.06 ? 201  PGE A C2  1 
HETATM 1015 O O2  . PGE C 3 .   ? -11.000 5.093   10.597  1.00 46.92 ? 201  PGE A O2  1 
HETATM 1016 C C3  . PGE C 3 .   ? -9.967  5.998   10.862  1.00 42.79 ? 201  PGE A C3  1 
HETATM 1017 C C4  . PGE C 3 .   ? -8.632  5.419   11.331  1.00 42.16 ? 201  PGE A C4  1 
HETATM 1018 O O4  . PGE C 3 .   ? -7.413  4.660   15.199  1.00 43.94 ? 201  PGE A O4  1 
HETATM 1019 C C6  . PGE C 3 .   ? -6.901  5.747   14.479  1.00 45.05 ? 201  PGE A C6  1 
HETATM 1020 C C5  . PGE C 3 .   ? -6.852  5.615   12.961  1.00 40.45 ? 201  PGE A C5  1 
HETATM 1021 O O3  . PGE C 3 .   ? -7.895  6.190   12.237  1.00 51.07 ? 201  PGE A O3  1 
HETATM 1022 C C1  . PGE D 3 .   ? 3.138   16.925  -12.528 1.00 47.55 ? 202  PGE A C1  1 
HETATM 1023 O O1  . PGE D 3 .   ? 2.717   17.959  -11.690 1.00 54.46 ? 202  PGE A O1  1 
HETATM 1024 C C2  . PGE D 3 .   ? 3.441   15.578  -11.878 1.00 47.70 ? 202  PGE A C2  1 
HETATM 1025 O O2  . PGE D 3 .   ? 4.371   15.542  -10.833 1.00 44.76 ? 202  PGE A O2  1 
HETATM 1026 C C3  . PGE D 3 .   ? 3.975   15.837  -9.527  1.00 39.22 ? 202  PGE A C3  1 
HETATM 1027 C C4  . PGE D 3 .   ? 4.833   15.294  -8.391  1.00 40.64 ? 202  PGE A C4  1 
HETATM 1028 O O4  . PGE D 3 .   ? 5.809   19.298  -5.752  1.00 48.87 ? 202  PGE A O4  1 
HETATM 1029 C C6  . PGE D 3 .   ? 5.084   18.109  -5.882  1.00 36.78 ? 202  PGE A C6  1 
HETATM 1030 C C5  . PGE D 3 .   ? 5.368   17.253  -7.110  1.00 37.84 ? 202  PGE A C5  1 
HETATM 1031 O O3  . PGE D 3 .   ? 4.782   15.985  -7.178  1.00 40.21 ? 202  PGE A O3  1 
HETATM 1032 S S   . SO4 E 4 .   ? -6.060  18.730  -9.107  1.00 77.87 ? 203  SO4 A S   1 
HETATM 1033 O O1  . SO4 E 4 .   ? -5.483  18.123  -7.933  1.00 56.76 ? 203  SO4 A O1  1 
HETATM 1034 O O2  . SO4 E 4 .   ? -5.671  20.091  -9.020  1.00 68.23 ? 203  SO4 A O2  1 
HETATM 1035 O O3  . SO4 E 4 .   ? -7.452  18.866  -9.164  1.00 73.11 ? 203  SO4 A O3  1 
HETATM 1036 O O4  . SO4 E 4 .   ? -5.645  18.361  -10.426 1.00 67.68 ? 203  SO4 A O4  1 
HETATM 1037 O O   . HOH F 5 .   ? 7.791   7.403   -8.672  1.00 17.66 ? 1    HOH A O   1 
HETATM 1038 O O   . HOH F 5 .   ? -1.172  4.093   -1.698  1.00 16.72 ? 2    HOH A O   1 
HETATM 1039 O O   . HOH F 5 .   ? -4.768  1.884   -2.407  1.00 19.28 ? 3    HOH A O   1 
HETATM 1040 O O   . HOH F 5 .   ? -15.736 -11.486 3.793   1.00 29.28 ? 4    HOH A O   1 
HETATM 1041 O O   . HOH F 5 .   ? 13.385  5.387   0.747   1.00 19.41 ? 6    HOH A O   1 
HETATM 1042 O O   . HOH F 5 .   ? 1.034   2.727   -2.611  1.00 17.79 ? 7    HOH A O   1 
HETATM 1043 O O   . HOH F 5 .   ? 14.446  3.006   -3.120  1.00 20.73 ? 8    HOH A O   1 
HETATM 1044 O O   . HOH F 5 .   ? -4.350  10.701  5.398   0.50 10.20 ? 9    HOH A O   1 
HETATM 1045 O O   . HOH F 5 .   ? -0.276  -2.763  -6.902  1.00 23.48 ? 10   HOH A O   1 
HETATM 1046 O O   . HOH F 5 .   ? 0.293   8.148   -8.600  1.00 27.52 ? 11   HOH A O   1 
HETATM 1047 O O   . HOH F 5 .   ? -6.628  -1.679  -8.620  1.00 30.08 ? 12   HOH A O   1 
HETATM 1048 O O   . HOH F 5 .   ? -0.880  -3.492  14.292  1.00 29.35 ? 13   HOH A O   1 
HETATM 1049 O O   . HOH F 5 .   ? -5.559  8.834   -6.603  1.00 39.33 ? 14   HOH A O   1 
HETATM 1050 O O   . HOH F 5 .   ? 5.568   -5.216  12.470  1.00 29.34 ? 15   HOH A O   1 
HETATM 1051 O O   . HOH F 5 .   ? -6.207  11.488  3.132   1.00 20.52 ? 16   HOH A O   1 
HETATM 1052 O O   . HOH F 5 .   ? 10.312  8.677   -7.541  1.00 24.54 ? 17   HOH A O   1 
HETATM 1053 O O   . HOH F 5 .   ? 5.324   0.764   8.965   0.50 27.20 ? 18   HOH A O   1 
HETATM 1054 O O   . HOH F 5 .   ? 23.786  -3.490  -7.770  1.00 29.85 ? 20   HOH A O   1 
HETATM 1055 O O   . HOH F 5 .   ? 13.991  10.007  -0.038  1.00 25.10 ? 21   HOH A O   1 
HETATM 1056 O O   . HOH F 5 .   ? 15.320  -5.978  -7.519  1.00 26.77 ? 22   HOH A O   1 
HETATM 1057 O O   . HOH F 5 .   ? 13.844  7.490   -0.930  1.00 24.05 ? 23   HOH A O   1 
HETATM 1058 O O   . HOH F 5 .   ? -1.999  -0.180  13.922  1.00 34.26 ? 24   HOH A O   1 
HETATM 1059 O O   . HOH F 5 .   ? -4.340  -13.167 3.041   1.00 36.57 ? 25   HOH A O   1 
HETATM 1060 O O   . HOH F 5 .   ? 10.848  -3.430  6.905   1.00 32.75 ? 26   HOH A O   1 
HETATM 1061 O O   . HOH F 5 .   ? 10.543  5.737   -8.418  1.00 29.59 ? 27   HOH A O   1 
HETATM 1062 O O   . HOH F 5 .   ? 7.707   17.176  1.771   1.00 34.30 ? 28   HOH A O   1 
HETATM 1063 O O   . HOH F 5 .   ? -8.436  7.746   -3.926  1.00 37.15 ? 29   HOH A O   1 
HETATM 1064 O O   . HOH F 5 .   ? -11.197 4.294   -1.426  1.00 39.19 ? 30   HOH A O   1 
HETATM 1065 O O   . HOH F 5 .   ? -7.168  -16.222 -5.022  1.00 42.86 ? 31   HOH A O   1 
HETATM 1066 O O   . HOH F 5 .   ? -18.471 -5.977  1.847   1.00 43.06 ? 32   HOH A O   1 
HETATM 1067 O O   . HOH F 5 .   ? 1.053   5.567   -9.621  1.00 30.27 ? 33   HOH A O   1 
HETATM 1068 O O   . HOH F 5 .   ? -1.168  3.901   -9.490  1.00 35.02 ? 34   HOH A O   1 
HETATM 1069 O O   . HOH F 5 .   ? -4.660  7.664   5.598   1.00 24.09 ? 35   HOH A O   1 
HETATM 1070 O O   . HOH F 5 .   ? 18.460  10.156  0.799   1.00 34.01 ? 36   HOH A O   1 
HETATM 1071 O O   . HOH F 5 .   ? -4.738  7.756   8.355   1.00 28.82 ? 37   HOH A O   1 
HETATM 1072 O O   . HOH F 5 .   ? 16.618  7.332   6.793   1.00 40.82 ? 38   HOH A O   1 
HETATM 1073 O O   . HOH F 5 .   ? 1.610   -0.315  -4.074  1.00 17.25 ? 39   HOH A O   1 
HETATM 1074 O O   . HOH F 5 .   ? -3.476  3.467   -0.617  1.00 18.83 ? 40   HOH A O   1 
HETATM 1075 O O   . HOH F 5 .   ? 4.292   19.893  -1.199  0.50 16.00 ? 41   HOH A O   1 
HETATM 1076 O O   . HOH F 5 .   ? 9.407   15.141  -1.598  1.00 22.98 ? 42   HOH A O   1 
HETATM 1077 O O   . HOH F 5 .   ? 14.561  5.430   -4.637  1.00 32.73 ? 43   HOH A O   1 
HETATM 1078 O O   . HOH F 5 .   ? 1.792   0.339   15.173  1.00 40.40 ? 44   HOH A O   1 
HETATM 1079 O O   . HOH F 5 .   ? -19.357 -8.569  -3.121  1.00 31.23 ? 45   HOH A O   1 
HETATM 1080 O O   . HOH F 5 .   ? -8.073  9.578   2.493   1.00 26.64 ? 46   HOH A O   1 
HETATM 1081 O O   . HOH F 5 .   ? 10.510  17.638  -1.438  1.00 36.60 ? 47   HOH A O   1 
HETATM 1082 O O   . HOH F 5 .   ? 3.016   -1.068  -6.306  1.00 26.07 ? 48   HOH A O   1 
HETATM 1083 O O   . HOH F 5 .   ? 16.502  10.450  -1.040  1.00 33.01 ? 49   HOH A O   1 
HETATM 1084 O O   . HOH F 5 .   ? 6.435   -17.756 -0.771  1.00 29.50 ? 50   HOH A O   1 
HETATM 1085 O O   . HOH F 5 .   ? 5.352   2.962   10.493  1.00 31.83 ? 51   HOH A O   1 
HETATM 1086 O O   . HOH F 5 .   ? -7.274  -6.956  11.334  1.00 46.66 ? 52   HOH A O   1 
HETATM 1087 O O   . HOH F 5 .   ? 12.067  -0.853  -7.665  1.00 28.16 ? 53   HOH A O   1 
HETATM 1088 O O   . HOH F 5 .   ? 19.965  7.961   0.829   1.00 33.36 ? 54   HOH A O   1 
HETATM 1089 O O   . HOH F 5 .   ? 18.850  5.281   4.663   1.00 38.25 ? 55   HOH A O   1 
HETATM 1090 O O   . HOH F 5 .   ? -4.156  -15.892 2.756   1.00 41.84 ? 56   HOH A O   1 
HETATM 1091 O O   . HOH F 5 .   ? -9.887  2.978   1.895   1.00 37.37 ? 57   HOH A O   1 
HETATM 1092 O O   . HOH F 5 .   ? 13.588  9.059   7.520   1.00 43.23 ? 58   HOH A O   1 
HETATM 1093 O O   . HOH F 5 .   ? -10.331 6.497   2.207   1.00 36.54 ? 59   HOH A O   1 
HETATM 1094 O O   . HOH F 5 .   ? 0.541   -10.326 8.153   1.00 40.16 ? 60   HOH A O   1 
HETATM 1095 O O   . HOH F 5 .   ? 16.562  3.556   4.269   1.00 35.97 ? 61   HOH A O   1 
HETATM 1096 O O   . HOH F 5 .   ? 11.912  10.727  8.607   1.00 41.09 ? 62   HOH A O   1 
HETATM 1097 O O   . HOH F 5 .   ? -7.082  6.803   6.220   1.00 32.14 ? 63   HOH A O   1 
HETATM 1098 O O   . HOH F 5 .   ? 2.957   -11.802 10.077  1.00 38.08 ? 64   HOH A O   1 
HETATM 1099 O O   . HOH F 5 .   ? 2.900   -14.243 3.310   1.00 38.07 ? 65   HOH A O   1 
HETATM 1100 O O   . HOH F 5 .   ? 10.367  -2.330  -9.235  1.00 41.36 ? 66   HOH A O   1 
HETATM 1101 O O   . HOH F 5 .   ? -8.342  5.543   3.912   1.00 31.09 ? 67   HOH A O   1 
HETATM 1102 O O   . HOH F 5 .   ? 3.194   -5.479  14.276  1.00 36.95 ? 68   HOH A O   1 
HETATM 1103 O O   . HOH F 5 .   ? 11.299  -3.397  2.434   1.00 31.06 ? 69   HOH A O   1 
HETATM 1104 O O   . HOH F 5 .   ? -5.622  9.291   -1.419  1.00 31.30 ? 70   HOH A O   1 
HETATM 1105 O O   . HOH F 5 .   ? 8.560   -8.455  3.870   1.00 30.10 ? 71   HOH A O   1 
HETATM 1106 O O   . HOH F 5 .   ? -6.402  9.596   -4.056  1.00 37.58 ? 72   HOH A O   1 
HETATM 1107 O O   . HOH F 5 .   ? 11.973  -1.423  3.742   1.00 32.45 ? 73   HOH A O   1 
HETATM 1108 O O   . HOH F 5 .   ? -0.764  6.008   11.558  1.00 36.47 ? 74   HOH A O   1 
HETATM 1109 O O   . HOH F 5 .   ? -0.614  13.829  -12.038 1.00 42.64 ? 75   HOH A O   1 
HETATM 1110 O O   . HOH F 5 .   ? 1.617   -5.066  -14.492 1.00 43.74 ? 76   HOH A O   1 
HETATM 1111 O O   . HOH F 5 .   ? -12.871 -17.121 -4.714  1.00 37.13 ? 77   HOH A O   1 
HETATM 1112 O O   . HOH F 5 .   ? 1.158   9.168   -11.216 1.00 37.11 ? 78   HOH A O   1 
HETATM 1113 O O   . HOH F 5 .   ? -12.096 -10.127 7.755   1.00 43.60 ? 79   HOH A O   1 
HETATM 1114 O O   . HOH F 5 .   ? -2.070  -12.563 -1.289  1.00 39.86 ? 80   HOH A O   1 
HETATM 1115 O O   . HOH F 5 .   ? -3.836  -14.226 -0.517  1.00 40.20 ? 81   HOH A O   1 
HETATM 1116 O O   . HOH F 5 .   ? -0.089  8.912   11.006  1.00 34.85 ? 82   HOH A O   1 
HETATM 1117 O O   . HOH F 5 .   ? 9.523   -11.564 -0.031  1.00 34.28 ? 83   HOH A O   1 
HETATM 1118 O O   . HOH F 5 .   ? 14.636  17.160  1.137   1.00 35.54 ? 84   HOH A O   1 
HETATM 1119 O O   . HOH F 5 .   ? -16.438 -5.001  -8.046  1.00 42.81 ? 85   HOH A O   1 
HETATM 1120 O O   . HOH F 5 .   ? 12.632  18.602  0.331   1.00 40.85 ? 86   HOH A O   1 
HETATM 1121 O O   . HOH F 5 .   ? -14.649 -9.575  6.942   1.00 40.60 ? 87   HOH A O   1 
HETATM 1122 O O   . HOH F 5 .   ? 6.881   -3.653  -6.797  1.00 39.52 ? 88   HOH A O   1 
HETATM 1123 O O   . HOH F 5 .   ? -12.372 -15.503 8.620   1.00 42.85 ? 89   HOH A O   1 
HETATM 1124 O O   . HOH F 5 .   ? -2.488  -12.298 1.258   1.00 36.11 ? 90   HOH A O   1 
HETATM 1125 O O   . HOH F 5 .   ? -0.460  2.016   -7.360  1.00 27.57 ? 91   HOH A O   1 
HETATM 1126 O O   . HOH F 5 .   ? 13.859  -0.693  -14.880 1.00 45.16 ? 92   HOH A O   1 
HETATM 1127 O O   . HOH F 5 .   ? -21.518 -5.749  2.870   1.00 42.41 ? 93   HOH A O   1 
HETATM 1128 O O   . HOH F 5 .   ? 15.874  10.456  7.819   1.00 45.36 ? 94   HOH A O   1 
HETATM 1129 O O   . HOH F 5 .   ? -1.460  2.455   12.849  1.00 38.00 ? 95   HOH A O   1 
HETATM 1130 O O   . HOH F 5 .   ? -3.975  -12.177 -11.534 1.00 44.18 ? 96   HOH A O   1 
HETATM 1131 O O   . HOH F 5 .   ? -13.562 3.151   15.185  1.00 48.59 ? 97   HOH A O   1 
HETATM 1132 O O   . HOH F 5 .   ? 1.812   11.451  12.279  1.00 39.63 ? 98   HOH A O   1 
HETATM 1133 O O   . HOH F 5 .   ? -17.762 -7.739  4.588   1.00 43.05 ? 99   HOH A O   1 
HETATM 1134 O O   . HOH F 5 .   ? -20.291 -8.009  4.599   1.00 43.39 ? 100  HOH A O   1 
HETATM 1135 O O   . HOH F 5 .   ? -22.638 -8.808  3.852   1.00 42.03 ? 101  HOH A O   1 
HETATM 1136 O O   . HOH F 5 .   ? 12.739  -6.674  -7.860  1.00 37.32 ? 102  HOH A O   1 
HETATM 1137 O O   . HOH F 5 .   ? -10.739 -8.643  -8.742  1.00 42.53 ? 103  HOH A O   1 
HETATM 1138 O O   . HOH F 5 .   ? -13.802 -19.256 -3.369  1.00 37.41 ? 104  HOH A O   1 
HETATM 1139 O O   . HOH F 5 .   ? -1.739  -9.290  8.301   1.00 44.23 ? 105  HOH A O   1 
HETATM 1140 O O   . HOH F 5 .   ? 10.605  10.642  11.019  1.00 44.22 ? 106  HOH A O   1 
HETATM 1141 O O   . HOH F 5 .   ? 10.323  19.486  1.382   1.00 41.25 ? 107  HOH A O   1 
HETATM 1142 O O   . HOH F 5 .   ? -2.737  -13.907 -10.301 0.50 42.37 ? 108  HOH A O   1 
HETATM 1143 O O   . HOH F 5 .   ? 1.038   10.914  -14.705 1.00 44.61 ? 109  HOH A O   1 
HETATM 1144 O O   . HOH F 5 .   ? -8.307  6.493   8.419   0.50 31.19 ? 110  HOH A O   1 
HETATM 1145 O O   . HOH F 5 .   ? 4.737   3.617   12.566  1.00 38.13 ? 111  HOH A O   1 
HETATM 1146 O O   . HOH F 5 .   ? -3.630  1.085   -11.822 1.00 44.33 ? 112  HOH A O   1 
HETATM 1147 O O   . HOH F 5 .   ? -7.849  10.387  -0.525  1.00 36.00 ? 113  HOH A O   1 
HETATM 1148 O O   . HOH F 5 .   ? 20.702  8.437   -1.853  1.00 38.28 ? 114  HOH A O   1 
HETATM 1149 O O   . HOH F 5 .   ? -1.103  -13.790 6.099   1.00 40.97 ? 115  HOH A O   1 
HETATM 1150 O O   . HOH F 5 .   ? -19.380 -3.590  4.908   1.00 51.13 ? 116  HOH A O   1 
HETATM 1151 O O   . HOH F 5 .   ? -16.666 0.486   -7.273  1.00 50.83 ? 117  HOH A O   1 
HETATM 1152 O O   . HOH F 5 .   ? -24.236 -2.125  1.749   1.00 49.30 ? 118  HOH A O   1 
HETATM 1153 O O   . HOH F 5 .   ? -6.790  5.943   -7.029  1.00 47.18 ? 119  HOH A O   1 
HETATM 1154 O O   . HOH F 5 .   ? 2.147   -13.265 8.515   1.00 42.79 ? 120  HOH A O   1 
HETATM 1155 O O   . HOH F 5 .   ? -4.750  -8.621  12.478  1.00 49.43 ? 121  HOH A O   1 
HETATM 1156 O O   . HOH F 5 .   ? -9.369  -11.767 11.483  1.00 46.14 ? 122  HOH A O   1 
HETATM 1157 O O   . HOH F 5 .   ? 0.501   -11.793 10.990  1.00 42.41 ? 123  HOH A O   1 
HETATM 1158 O O   . HOH F 5 .   ? 3.729   -11.558 -9.764  1.00 45.25 ? 124  HOH A O   1 
HETATM 1159 O O   . HOH F 5 .   ? 2.410   -17.965 -1.061  1.00 46.86 ? 125  HOH A O   1 
HETATM 1160 O O   . HOH F 5 .   ? -6.091  -2.338  -11.772 1.00 47.71 ? 126  HOH A O   1 
HETATM 1161 O O   . HOH F 5 .   ? -5.406  2.173   -10.725 1.00 45.11 ? 127  HOH A O   1 
HETATM 1162 O O   . HOH F 5 .   ? -24.416 -5.566  1.671   1.00 47.06 ? 128  HOH A O   1 
HETATM 1163 O O   . HOH F 5 .   ? -26.118 -7.865  1.310   1.00 46.75 ? 129  HOH A O   1 
HETATM 1164 O O   . HOH F 5 .   ? -12.885 -21.183 -4.055  1.00 37.54 ? 130  HOH A O   1 
HETATM 1165 O O   . HOH F 5 .   ? -9.178  5.438   -8.007  1.00 50.59 ? 131  HOH A O   1 
HETATM 1166 O O   . HOH F 5 .   ? -7.443  -17.984 -1.375  1.00 47.29 ? 132  HOH A O   1 
HETATM 1167 O O   . HOH F 5 .   ? 8.005   1.254   -9.918  1.00 48.66 ? 133  HOH A O   1 
HETATM 1168 O O   . HOH F 5 .   ? 13.337  4.692   7.840   1.00 40.52 ? 134  HOH A O   1 
HETATM 1169 O O   . HOH F 5 .   ? 23.326  5.070   4.965   1.00 46.05 ? 135  HOH A O   1 
HETATM 1170 O O   . HOH F 5 .   ? -6.857  16.249  -7.490  1.00 46.00 ? 136  HOH A O   1 
HETATM 1171 O O   . HOH F 5 .   ? -9.107  3.276   13.077  1.00 46.40 ? 137  HOH A O   1 
HETATM 1172 O O   . HOH F 5 .   ? -10.942 0.697   13.488  1.00 53.34 ? 138  HOH A O   1 
HETATM 1173 O O   . HOH F 5 .   ? 7.602   -3.745  14.332  1.00 42.40 ? 139  HOH A O   1 
HETATM 1174 O O   . HOH F 5 .   ? 3.792   -1.773  16.159  1.00 44.92 ? 140  HOH A O   1 
HETATM 1175 O O   . HOH F 5 .   ? 2.644   3.612   11.878  1.00 39.60 ? 141  HOH A O   1 
HETATM 1176 O O   . HOH F 5 .   ? -1.365  1.005   16.749  1.00 44.85 ? 142  HOH A O   1 
HETATM 1177 O O   . HOH F 5 .   ? -7.436  2.793   16.573  1.00 49.36 ? 143  HOH A O   1 
HETATM 1178 O O   . HOH F 5 .   ? -7.695  -4.821  13.319  1.00 50.10 ? 144  HOH A O   1 
HETATM 1179 O O   . HOH F 5 .   ? -6.537  -16.842 0.902   1.00 43.93 ? 145  HOH A O   1 
HETATM 1180 O O   . HOH F 5 .   ? 7.693   -5.723  -5.631  1.00 36.70 ? 147  HOH A O   1 
HETATM 1181 O O   . HOH G 5 .   ? 2.764   -8.789  -9.177  1.00 41.68 ? 5    HOH B O   1 
# 
loop_
_pdbx_poly_seq_scheme.asym_id 
_pdbx_poly_seq_scheme.entity_id 
_pdbx_poly_seq_scheme.seq_id 
_pdbx_poly_seq_scheme.mon_id 
_pdbx_poly_seq_scheme.ndb_seq_num 
_pdbx_poly_seq_scheme.pdb_seq_num 
_pdbx_poly_seq_scheme.auth_seq_num 
_pdbx_poly_seq_scheme.pdb_mon_id 
_pdbx_poly_seq_scheme.auth_mon_id 
_pdbx_poly_seq_scheme.pdb_strand_id 
_pdbx_poly_seq_scheme.pdb_ins_code 
_pdbx_poly_seq_scheme.hetero 
A 1 1   GLY 1   1479 ?    ?   ?   A . n 
A 1 2   PRO 2   1480 ?    ?   ?   A . n 
A 1 3   LEU 3   1481 ?    ?   ?   A . n 
A 1 4   GLY 4   1482 ?    ?   ?   A . n 
A 1 5   SER 5   1483 ?    ?   ?   A . n 
A 1 6   ASN 6   1484 ?    ?   ?   A . n 
A 1 7   SER 7   1485 1485 SER SER A . n 
A 1 8   PHE 8   1486 1486 PHE PHE A . n 
A 1 9   VAL 9   1487 1487 VAL VAL A . n 
A 1 10  GLY 10  1488 1488 GLY GLY A . n 
A 1 11  LEU 11  1489 1489 LEU LEU A . n 
A 1 12  ARG 12  1490 1490 ARG ARG A . n 
A 1 13  VAL 13  1491 1491 VAL VAL A . n 
A 1 14  VAL 14  1492 1492 VAL VAL A . n 
A 1 15  ALA 15  1493 1493 ALA ALA A . n 
A 1 16  LYS 16  1494 1494 LYS LYS A . n 
A 1 17  TRP 17  1495 1495 TRP TRP A . n 
A 1 18  SER 18  1496 1496 SER SER A . n 
A 1 19  SER 19  1497 1497 SER SER A . n 
A 1 20  ASN 20  1498 1498 ASN ASN A . n 
A 1 21  GLY 21  1499 1499 GLY GLY A . n 
A 1 22  TYR 22  1500 1500 TYR TYR A . n 
A 1 23  PHE 23  1501 1501 PHE PHE A . n 
A 1 24  TYR 24  1502 1502 TYR TYR A . n 
A 1 25  SER 25  1503 1503 SER SER A . n 
A 1 26  GLY 26  1504 1504 GLY GLY A . n 
A 1 27  LYS 27  1505 1505 LYS LYS A . n 
A 1 28  ILE 28  1506 1506 ILE ILE A . n 
A 1 29  THR 29  1507 1507 THR THR A . n 
A 1 30  ARG 30  1508 1508 ARG ARG A . n 
A 1 31  ASP 31  1509 1509 ASP ASP A . n 
A 1 32  VAL 32  1510 1510 VAL VAL A . n 
A 1 33  GLY 33  1511 1511 GLY GLY A . n 
A 1 34  ALA 34  1512 1512 ALA ALA A . n 
A 1 35  GLY 35  1513 1513 GLY GLY A . n 
A 1 36  LYS 36  1514 1514 LYS LYS A . n 
A 1 37  TYR 37  1515 1515 TYR TYR A . n 
A 1 38  LYS 38  1516 1516 LYS LYS A . n 
A 1 39  LEU 39  1517 1517 LEU LEU A . n 
A 1 40  LEU 40  1518 1518 LEU LEU A . n 
A 1 41  PHE 41  1519 1519 PHE PHE A . n 
A 1 42  ASP 42  1520 1520 ASP ASP A . n 
A 1 43  ASP 43  1521 1521 ASP ASP A . n 
A 1 44  GLY 44  1522 1522 GLY GLY A . n 
A 1 45  TYR 45  1523 1523 TYR TYR A . n 
A 1 46  GLU 46  1524 1524 GLU GLU A . n 
A 1 47  CYS 47  1525 1525 CYS CYS A . n 
A 1 48  ASP 48  1526 1526 ASP ASP A . n 
A 1 49  VAL 49  1527 1527 VAL VAL A . n 
A 1 50  LEU 50  1528 1528 LEU LEU A . n 
A 1 51  GLY 51  1529 1529 GLY GLY A . n 
A 1 52  LYS 52  1530 1530 LYS LYS A . n 
A 1 53  ASP 53  1531 1531 ASP ASP A . n 
A 1 54  ILE 54  1532 1532 ILE ILE A . n 
A 1 55  LEU 55  1533 1533 LEU LEU A . n 
A 1 56  LEU 56  1534 1534 LEU LEU A . n 
A 1 57  CYS 57  1535 1535 CYS CYS A . n 
A 1 58  ASP 58  1536 1536 ASP ASP A . n 
A 1 59  PRO 59  1537 1537 PRO PRO A . n 
A 1 60  ILE 60  1538 1538 ILE ILE A . n 
A 1 61  PRO 61  1539 1539 PRO PRO A . n 
A 1 62  LEU 62  1540 1540 LEU LEU A . n 
A 1 63  ASP 63  1541 1541 ASP ASP A . n 
A 1 64  THR 64  1542 1542 THR THR A . n 
A 1 65  GLU 65  1543 1543 GLU GLU A . n 
A 1 66  VAL 66  1544 1544 VAL VAL A . n 
A 1 67  THR 67  1545 1545 THR THR A . n 
A 1 68  ALA 68  1546 1546 ALA ALA A . n 
A 1 69  LEU 69  1547 1547 LEU LEU A . n 
A 1 70  SER 70  1548 1548 SER SER A . n 
A 1 71  GLU 71  1549 1549 GLU GLU A . n 
A 1 72  ASP 72  1550 1550 ASP ASP A . n 
A 1 73  GLU 73  1551 1551 GLU GLU A . n 
A 1 74  TYR 74  1552 1552 TYR TYR A . n 
A 1 75  PHE 75  1553 1553 PHE PHE A . n 
A 1 76  SER 76  1554 1554 SER SER A . n 
A 1 77  ALA 77  1555 1555 ALA ALA A . n 
A 1 78  GLY 78  1556 1556 GLY GLY A . n 
A 1 79  VAL 79  1557 1557 VAL VAL A . n 
A 1 80  VAL 80  1558 1558 VAL VAL A . n 
A 1 81  LYS 81  1559 1559 LYS LYS A . n 
A 1 82  GLY 82  1560 1560 GLY GLY A . n 
A 1 83  HIS 83  1561 1561 HIS HIS A . n 
A 1 84  ARG 84  1562 1562 ARG ARG A . n 
A 1 85  LYS 85  1563 1563 LYS LYS A . n 
A 1 86  GLU 86  1564 1564 GLU GLU A . n 
A 1 87  SER 87  1565 1565 SER SER A . n 
A 1 88  GLY 88  1566 1566 GLY GLY A . n 
A 1 89  GLU 89  1567 1567 GLU GLU A . n 
A 1 90  LEU 90  1568 1568 LEU LEU A . n 
A 1 91  TYR 91  1569 1569 TYR TYR A . n 
A 1 92  TYR 92  1570 1570 TYR TYR A . n 
A 1 93  SER 93  1571 1571 SER SER A . n 
A 1 94  ILE 94  1572 1572 ILE ILE A . n 
A 1 95  GLU 95  1573 1573 GLU GLU A . n 
A 1 96  LYS 96  1574 1574 LYS LYS A . n 
A 1 97  GLU 97  1575 1575 GLU GLU A . n 
A 1 98  GLY 98  1576 1576 GLY GLY A . n 
A 1 99  GLN 99  1577 1577 GLN GLN A . n 
A 1 100 ARG 100 1578 1578 ARG ARG A . n 
A 1 101 LYS 101 1579 1579 LYS LYS A . n 
A 1 102 TRP 102 1580 1580 TRP TRP A . n 
A 1 103 TYR 103 1581 1581 TYR TYR A . n 
A 1 104 LYS 104 1582 1582 LYS LYS A . n 
A 1 105 ARG 105 1583 1583 ARG ARG A . n 
A 1 106 MET 106 1584 1584 MET MET A . n 
A 1 107 ALA 107 1585 1585 ALA ALA A . n 
A 1 108 VAL 108 1586 1586 VAL VAL A . n 
A 1 109 ILE 109 1587 1587 ILE ILE A . n 
A 1 110 LEU 110 1588 1588 LEU LEU A . n 
A 1 111 SER 111 1589 1589 SER SER A . n 
A 1 112 LEU 112 1590 1590 LEU LEU A . n 
A 1 113 GLU 113 1591 1591 GLU GLU A . n 
A 1 114 GLN 114 1592 1592 GLN GLN A . n 
A 1 115 GLY 115 1593 1593 GLY GLY A . n 
A 1 116 ASN 116 1594 1594 ASN ASN A . n 
A 1 117 ARG 117 1595 1595 ARG ARG A . n 
A 1 118 LEU 118 1596 1596 LEU LEU A . n 
A 1 119 ARG 119 1597 1597 ARG ARG A . n 
A 1 120 GLU 120 1598 1598 GLU GLU A . n 
A 1 121 GLN 121 1599 1599 GLN GLN A . n 
A 1 122 TYR 122 1600 1600 TYR TYR A . n 
A 1 123 GLY 123 1601 1601 GLY GLY A . n 
A 1 124 LEU 124 1602 1602 LEU LEU A . n 
A 1 125 GLY 125 1603 1603 GLY GLY A . n 
B 2 1   SER 1   366  ?    ?   ?   B . n 
B 2 2   SER 2   367  ?    ?   ?   B . n 
B 2 3   HIS 3   368  ?    ?   ?   B . n 
B 2 4   LEU 4   369  ?    ?   ?   B . n 
B 2 5   MLY 5   370  370  MLY MLY B . n 
B 2 6   SER 6   371  ?    ?   ?   B . n 
B 2 7   LYS 7   372  ?    ?   ?   B . n 
B 2 8   LYS 8   373  ?    ?   ?   B . n 
B 2 9   GLY 9   374  ?    ?   ?   B . n 
B 2 10  GLN 10  375  ?    ?   ?   B . n 
# 
loop_
_pdbx_nonpoly_scheme.asym_id 
_pdbx_nonpoly_scheme.entity_id 
_pdbx_nonpoly_scheme.mon_id 
_pdbx_nonpoly_scheme.ndb_seq_num 
_pdbx_nonpoly_scheme.pdb_seq_num 
_pdbx_nonpoly_scheme.auth_seq_num 
_pdbx_nonpoly_scheme.pdb_mon_id 
_pdbx_nonpoly_scheme.auth_mon_id 
_pdbx_nonpoly_scheme.pdb_strand_id 
_pdbx_nonpoly_scheme.pdb_ins_code 
C 3 PGE 1   201 201 PGE PGE A . 
D 3 PGE 1   202 202 PGE PGE A . 
E 4 SO4 1   203 203 SO4 SO4 A . 
F 5 HOH 1   1   1   HOH HOH A . 
F 5 HOH 2   2   2   HOH HOH A . 
F 5 HOH 3   3   3   HOH HOH A . 
F 5 HOH 4   4   4   HOH HOH A . 
F 5 HOH 5   6   6   HOH HOH A . 
F 5 HOH 6   7   7   HOH HOH A . 
F 5 HOH 7   8   8   HOH HOH A . 
F 5 HOH 8   9   9   HOH HOH A . 
F 5 HOH 9   10  10  HOH HOH A . 
F 5 HOH 10  11  11  HOH HOH A . 
F 5 HOH 11  12  12  HOH HOH A . 
F 5 HOH 12  13  13  HOH HOH A . 
F 5 HOH 13  14  14  HOH HOH A . 
F 5 HOH 14  15  15  HOH HOH A . 
F 5 HOH 15  16  16  HOH HOH A . 
F 5 HOH 16  17  17  HOH HOH A . 
F 5 HOH 17  18  18  HOH HOH A . 
F 5 HOH 18  20  20  HOH HOH A . 
F 5 HOH 19  21  21  HOH HOH A . 
F 5 HOH 20  22  22  HOH HOH A . 
F 5 HOH 21  23  23  HOH HOH A . 
F 5 HOH 22  24  24  HOH HOH A . 
F 5 HOH 23  25  25  HOH HOH A . 
F 5 HOH 24  26  26  HOH HOH A . 
F 5 HOH 25  27  27  HOH HOH A . 
F 5 HOH 26  28  28  HOH HOH A . 
F 5 HOH 27  29  29  HOH HOH A . 
F 5 HOH 28  30  30  HOH HOH A . 
F 5 HOH 29  31  31  HOH HOH A . 
F 5 HOH 30  32  32  HOH HOH A . 
F 5 HOH 31  33  33  HOH HOH A . 
F 5 HOH 32  34  34  HOH HOH A . 
F 5 HOH 33  35  35  HOH HOH A . 
F 5 HOH 34  36  36  HOH HOH A . 
F 5 HOH 35  37  37  HOH HOH A . 
F 5 HOH 36  38  38  HOH HOH A . 
F 5 HOH 37  39  39  HOH HOH A . 
F 5 HOH 38  40  40  HOH HOH A . 
F 5 HOH 39  41  41  HOH HOH A . 
F 5 HOH 40  42  42  HOH HOH A . 
F 5 HOH 41  43  43  HOH HOH A . 
F 5 HOH 42  44  44  HOH HOH A . 
F 5 HOH 43  45  45  HOH HOH A . 
F 5 HOH 44  46  46  HOH HOH A . 
F 5 HOH 45  47  47  HOH HOH A . 
F 5 HOH 46  48  48  HOH HOH A . 
F 5 HOH 47  49  49  HOH HOH A . 
F 5 HOH 48  50  50  HOH HOH A . 
F 5 HOH 49  51  51  HOH HOH A . 
F 5 HOH 50  52  52  HOH HOH A . 
F 5 HOH 51  53  53  HOH HOH A . 
F 5 HOH 52  54  54  HOH HOH A . 
F 5 HOH 53  55  55  HOH HOH A . 
F 5 HOH 54  56  56  HOH HOH A . 
F 5 HOH 55  57  57  HOH HOH A . 
F 5 HOH 56  58  58  HOH HOH A . 
F 5 HOH 57  59  59  HOH HOH A . 
F 5 HOH 58  60  60  HOH HOH A . 
F 5 HOH 59  61  61  HOH HOH A . 
F 5 HOH 60  62  62  HOH HOH A . 
F 5 HOH 61  63  63  HOH HOH A . 
F 5 HOH 62  64  64  HOH HOH A . 
F 5 HOH 63  65  65  HOH HOH A . 
F 5 HOH 64  66  66  HOH HOH A . 
F 5 HOH 65  67  67  HOH HOH A . 
F 5 HOH 66  68  68  HOH HOH A . 
F 5 HOH 67  69  69  HOH HOH A . 
F 5 HOH 68  70  70  HOH HOH A . 
F 5 HOH 69  71  71  HOH HOH A . 
F 5 HOH 70  72  72  HOH HOH A . 
F 5 HOH 71  73  73  HOH HOH A . 
F 5 HOH 72  74  74  HOH HOH A . 
F 5 HOH 73  75  75  HOH HOH A . 
F 5 HOH 74  76  76  HOH HOH A . 
F 5 HOH 75  77  77  HOH HOH A . 
F 5 HOH 76  78  78  HOH HOH A . 
F 5 HOH 77  79  79  HOH HOH A . 
F 5 HOH 78  80  80  HOH HOH A . 
F 5 HOH 79  81  81  HOH HOH A . 
F 5 HOH 80  82  82  HOH HOH A . 
F 5 HOH 81  83  83  HOH HOH A . 
F 5 HOH 82  84  84  HOH HOH A . 
F 5 HOH 83  85  85  HOH HOH A . 
F 5 HOH 84  86  86  HOH HOH A . 
F 5 HOH 85  87  87  HOH HOH A . 
F 5 HOH 86  88  88  HOH HOH A . 
F 5 HOH 87  89  89  HOH HOH A . 
F 5 HOH 88  90  90  HOH HOH A . 
F 5 HOH 89  91  91  HOH HOH A . 
F 5 HOH 90  92  92  HOH HOH A . 
F 5 HOH 91  93  93  HOH HOH A . 
F 5 HOH 92  94  94  HOH HOH A . 
F 5 HOH 93  95  95  HOH HOH A . 
F 5 HOH 94  96  96  HOH HOH A . 
F 5 HOH 95  97  97  HOH HOH A . 
F 5 HOH 96  98  98  HOH HOH A . 
F 5 HOH 97  99  99  HOH HOH A . 
F 5 HOH 98  100 100 HOH HOH A . 
F 5 HOH 99  101 101 HOH HOH A . 
F 5 HOH 100 102 102 HOH HOH A . 
F 5 HOH 101 103 103 HOH HOH A . 
F 5 HOH 102 104 104 HOH HOH A . 
F 5 HOH 103 105 105 HOH HOH A . 
F 5 HOH 104 106 106 HOH HOH A . 
F 5 HOH 105 107 107 HOH HOH A . 
F 5 HOH 106 108 108 HOH HOH A . 
F 5 HOH 107 109 109 HOH HOH A . 
F 5 HOH 108 110 110 HOH HOH A . 
F 5 HOH 109 111 111 HOH HOH A . 
F 5 HOH 110 112 112 HOH HOH A . 
F 5 HOH 111 113 113 HOH HOH A . 
F 5 HOH 112 114 114 HOH HOH A . 
F 5 HOH 113 115 115 HOH HOH A . 
F 5 HOH 114 116 116 HOH HOH A . 
F 5 HOH 115 117 117 HOH HOH A . 
F 5 HOH 116 118 118 HOH HOH A . 
F 5 HOH 117 119 119 HOH HOH A . 
F 5 HOH 118 120 120 HOH HOH A . 
F 5 HOH 119 121 121 HOH HOH A . 
F 5 HOH 120 122 122 HOH HOH A . 
F 5 HOH 121 123 123 HOH HOH A . 
F 5 HOH 122 124 124 HOH HOH A . 
F 5 HOH 123 125 125 HOH HOH A . 
F 5 HOH 124 126 126 HOH HOH A . 
F 5 HOH 125 127 127 HOH HOH A . 
F 5 HOH 126 128 128 HOH HOH A . 
F 5 HOH 127 129 129 HOH HOH A . 
F 5 HOH 128 130 130 HOH HOH A . 
F 5 HOH 129 131 131 HOH HOH A . 
F 5 HOH 130 132 132 HOH HOH A . 
F 5 HOH 131 133 133 HOH HOH A . 
F 5 HOH 132 134 134 HOH HOH A . 
F 5 HOH 133 135 135 HOH HOH A . 
F 5 HOH 134 136 136 HOH HOH A . 
F 5 HOH 135 137 137 HOH HOH A . 
F 5 HOH 136 138 138 HOH HOH A . 
F 5 HOH 137 139 139 HOH HOH A . 
F 5 HOH 138 140 140 HOH HOH A . 
F 5 HOH 139 141 141 HOH HOH A . 
F 5 HOH 140 142 142 HOH HOH A . 
F 5 HOH 141 143 143 HOH HOH A . 
F 5 HOH 142 144 144 HOH HOH A . 
F 5 HOH 143 145 145 HOH HOH A . 
F 5 HOH 144 147 147 HOH HOH A . 
G 5 HOH 1   5   5   HOH HOH B . 
# 
_pdbx_struct_mod_residue.id               1 
_pdbx_struct_mod_residue.label_asym_id    B 
_pdbx_struct_mod_residue.label_comp_id    MLY 
_pdbx_struct_mod_residue.label_seq_id     5 
_pdbx_struct_mod_residue.auth_asym_id     B 
_pdbx_struct_mod_residue.auth_comp_id     MLY 
_pdbx_struct_mod_residue.auth_seq_id      370 
_pdbx_struct_mod_residue.PDB_ins_code     ? 
_pdbx_struct_mod_residue.parent_comp_id   LYS 
_pdbx_struct_mod_residue.details          N-DIMETHYL-LYSINE 
# 
loop_
_pdbx_struct_assembly.id 
_pdbx_struct_assembly.details 
_pdbx_struct_assembly.method_details 
_pdbx_struct_assembly.oligomeric_details 
_pdbx_struct_assembly.oligomeric_count 
1 software_defined_assembly            PISA tetrameric 4 
2 author_and_software_defined_assembly PISA dimeric    2 
# 
loop_
_pdbx_struct_assembly_gen.assembly_id 
_pdbx_struct_assembly_gen.oper_expression 
_pdbx_struct_assembly_gen.asym_id_list 
1 1,2 A,B,C,D,E,F,G 
2 1   A,B,C,D,E,F,G 
# 
loop_
_pdbx_struct_assembly_prop.biol_id 
_pdbx_struct_assembly_prop.type 
_pdbx_struct_assembly_prop.value 
_pdbx_struct_assembly_prop.details 
1 'ABSA (A^2)' 3560  ? 
1 MORE         -18   ? 
1 'SSA (A^2)'  13360 ? 
2 'ABSA (A^2)' 810   ? 
2 MORE         -6    ? 
2 'SSA (A^2)'  7650  ? 
# 
loop_
_pdbx_struct_oper_list.id 
_pdbx_struct_oper_list.type 
_pdbx_struct_oper_list.name 
_pdbx_struct_oper_list.symmetry_operation 
_pdbx_struct_oper_list.matrix[1][1] 
_pdbx_struct_oper_list.matrix[1][2] 
_pdbx_struct_oper_list.matrix[1][3] 
_pdbx_struct_oper_list.vector[1] 
_pdbx_struct_oper_list.matrix[2][1] 
_pdbx_struct_oper_list.matrix[2][2] 
_pdbx_struct_oper_list.matrix[2][3] 
_pdbx_struct_oper_list.vector[2] 
_pdbx_struct_oper_list.matrix[3][1] 
_pdbx_struct_oper_list.matrix[3][2] 
_pdbx_struct_oper_list.matrix[3][3] 
_pdbx_struct_oper_list.vector[3] 
1 'identity operation'         1_555 x,y,z       1.0000000000  0.0000000000 0.0000000000  0.0000000000   0.0000000000 1.0000000000  0.0000000000  0.0000000000  0.0000000000  0.0000000000  1.0000000000  0.0000000000  
2 'crystal symmetry operation' 2_656 -x+1,y,-z+1 -0.2630543097 0.7837953195 -0.5625542883 -10.8452957749 0.7837953195 -0.1663766938 -0.5983173848 19.1209538262 -0.5625542883 -0.5983173848 -0.5705689964 12.4335024659 
# 
loop_
_pdbx_struct_special_symmetry.id 
_pdbx_struct_special_symmetry.PDB_model_num 
_pdbx_struct_special_symmetry.auth_asym_id 
_pdbx_struct_special_symmetry.auth_comp_id 
_pdbx_struct_special_symmetry.auth_seq_id 
_pdbx_struct_special_symmetry.PDB_ins_code 
_pdbx_struct_special_symmetry.label_asym_id 
_pdbx_struct_special_symmetry.label_comp_id 
_pdbx_struct_special_symmetry.label_seq_id 
1 1 A HOH 9   ? F HOH . 
2 1 A HOH 41  ? F HOH . 
3 1 A HOH 108 ? F HOH . 
4 1 A HOH 110 ? F HOH . 
# 
loop_
_pdbx_audit_revision_history.ordinal 
_pdbx_audit_revision_history.data_content_type 
_pdbx_audit_revision_history.major_revision 
_pdbx_audit_revision_history.minor_revision 
_pdbx_audit_revision_history.revision_date 
1 'Structure model' 1 0 2010-03-23 
2 'Structure model' 1 1 2011-07-13 
3 'Structure model' 1 2 2023-09-06 
# 
_pdbx_audit_revision_details.ordinal             1 
_pdbx_audit_revision_details.revision_ordinal    1 
_pdbx_audit_revision_details.data_content_type   'Structure model' 
_pdbx_audit_revision_details.provider            repository 
_pdbx_audit_revision_details.type                'Initial release' 
_pdbx_audit_revision_details.description         ? 
_pdbx_audit_revision_details.details             ? 
# 
loop_
_pdbx_audit_revision_group.ordinal 
_pdbx_audit_revision_group.revision_ordinal 
_pdbx_audit_revision_group.data_content_type 
_pdbx_audit_revision_group.group 
1 2 'Structure model' 'Version format compliance' 
2 3 'Structure model' 'Data collection'           
3 3 'Structure model' 'Database references'       
4 3 'Structure model' 'Derived calculations'      
5 3 'Structure model' 'Refinement description'    
# 
loop_
_pdbx_audit_revision_category.ordinal 
_pdbx_audit_revision_category.revision_ordinal 
_pdbx_audit_revision_category.data_content_type 
_pdbx_audit_revision_category.category 
1 3 'Structure model' chem_comp_atom                
2 3 'Structure model' chem_comp_bond                
3 3 'Structure model' database_2                    
4 3 'Structure model' pdbx_initial_refinement_model 
5 3 'Structure model' struct_ref_seq_dif            
6 3 'Structure model' struct_site                   
# 
loop_
_pdbx_audit_revision_item.ordinal 
_pdbx_audit_revision_item.revision_ordinal 
_pdbx_audit_revision_item.data_content_type 
_pdbx_audit_revision_item.item 
1 3 'Structure model' '_database_2.pdbx_DOI'                
2 3 'Structure model' '_database_2.pdbx_database_accession' 
3 3 'Structure model' '_struct_ref_seq_dif.details'         
4 3 'Structure model' '_struct_site.pdbx_auth_asym_id'      
5 3 'Structure model' '_struct_site.pdbx_auth_comp_id'      
6 3 'Structure model' '_struct_site.pdbx_auth_seq_id'       
# 
loop_
_software.name 
_software.classification 
_software.version 
_software.citation_id 
_software.pdbx_ordinal 
CrystalClear 'data collection' .                                    ? 1 
PHASER       phasing           .                                    ? 2 
PHENIX       refinement        '(phenix.refine: 2009_02_15_2320_3)' ? 3 
d*TREK       'data reduction'  .                                    ? 4 
d*TREK       'data scaling'    .                                    ? 5 
# 
loop_
_pdbx_validate_rmsd_bond.id 
_pdbx_validate_rmsd_bond.PDB_model_num 
_pdbx_validate_rmsd_bond.auth_atom_id_1 
_pdbx_validate_rmsd_bond.auth_asym_id_1 
_pdbx_validate_rmsd_bond.auth_comp_id_1 
_pdbx_validate_rmsd_bond.auth_seq_id_1 
_pdbx_validate_rmsd_bond.PDB_ins_code_1 
_pdbx_validate_rmsd_bond.label_alt_id_1 
_pdbx_validate_rmsd_bond.auth_atom_id_2 
_pdbx_validate_rmsd_bond.auth_asym_id_2 
_pdbx_validate_rmsd_bond.auth_comp_id_2 
_pdbx_validate_rmsd_bond.auth_seq_id_2 
_pdbx_validate_rmsd_bond.PDB_ins_code_2 
_pdbx_validate_rmsd_bond.label_alt_id_2 
_pdbx_validate_rmsd_bond.bond_value 
_pdbx_validate_rmsd_bond.bond_target_value 
_pdbx_validate_rmsd_bond.bond_deviation 
_pdbx_validate_rmsd_bond.bond_standard_deviation 
_pdbx_validate_rmsd_bond.linker_flag 
1 1 CB A SER 1503 ? B OG A SER 1503 ? B 1.332 1.418 -0.086 0.013 N 
2 1 CB A SER 1548 ? B OG A SER 1548 ? B 1.336 1.418 -0.082 0.013 N 
# 
loop_
_pdbx_unobs_or_zero_occ_residues.id 
_pdbx_unobs_or_zero_occ_residues.PDB_model_num 
_pdbx_unobs_or_zero_occ_residues.polymer_flag 
_pdbx_unobs_or_zero_occ_residues.occupancy_flag 
_pdbx_unobs_or_zero_occ_residues.auth_asym_id 
_pdbx_unobs_or_zero_occ_residues.auth_comp_id 
_pdbx_unobs_or_zero_occ_residues.auth_seq_id 
_pdbx_unobs_or_zero_occ_residues.PDB_ins_code 
_pdbx_unobs_or_zero_occ_residues.label_asym_id 
_pdbx_unobs_or_zero_occ_residues.label_comp_id 
_pdbx_unobs_or_zero_occ_residues.label_seq_id 
1  1 Y 1 A GLY 1479 ? A GLY 1  
2  1 Y 1 A PRO 1480 ? A PRO 2  
3  1 Y 1 A LEU 1481 ? A LEU 3  
4  1 Y 1 A GLY 1482 ? A GLY 4  
5  1 Y 1 A SER 1483 ? A SER 5  
6  1 Y 1 A ASN 1484 ? A ASN 6  
7  1 Y 1 B SER 366  ? B SER 1  
8  1 Y 1 B SER 367  ? B SER 2  
9  1 Y 1 B HIS 368  ? B HIS 3  
10 1 Y 1 B LEU 369  ? B LEU 4  
11 1 Y 1 B SER 371  ? B SER 6  
12 1 Y 1 B LYS 372  ? B LYS 7  
13 1 Y 1 B LYS 373  ? B LYS 8  
14 1 Y 1 B GLY 374  ? B GLY 9  
15 1 Y 1 B GLN 375  ? B GLN 10 
# 
loop_
_chem_comp_atom.comp_id 
_chem_comp_atom.atom_id 
_chem_comp_atom.type_symbol 
_chem_comp_atom.pdbx_aromatic_flag 
_chem_comp_atom.pdbx_stereo_config 
_chem_comp_atom.pdbx_ordinal 
ALA N    N N N 1   
ALA CA   C N S 2   
ALA C    C N N 3   
ALA O    O N N 4   
ALA CB   C N N 5   
ALA OXT  O N N 6   
ALA H    H N N 7   
ALA H2   H N N 8   
ALA HA   H N N 9   
ALA HB1  H N N 10  
ALA HB2  H N N 11  
ALA HB3  H N N 12  
ALA HXT  H N N 13  
ARG N    N N N 14  
ARG CA   C N S 15  
ARG C    C N N 16  
ARG O    O N N 17  
ARG CB   C N N 18  
ARG CG   C N N 19  
ARG CD   C N N 20  
ARG NE   N N N 21  
ARG CZ   C N N 22  
ARG NH1  N N N 23  
ARG NH2  N N N 24  
ARG OXT  O N N 25  
ARG H    H N N 26  
ARG H2   H N N 27  
ARG HA   H N N 28  
ARG HB2  H N N 29  
ARG HB3  H N N 30  
ARG HG2  H N N 31  
ARG HG3  H N N 32  
ARG HD2  H N N 33  
ARG HD3  H N N 34  
ARG HE   H N N 35  
ARG HH11 H N N 36  
ARG HH12 H N N 37  
ARG HH21 H N N 38  
ARG HH22 H N N 39  
ARG HXT  H N N 40  
ASN N    N N N 41  
ASN CA   C N S 42  
ASN C    C N N 43  
ASN O    O N N 44  
ASN CB   C N N 45  
ASN CG   C N N 46  
ASN OD1  O N N 47  
ASN ND2  N N N 48  
ASN OXT  O N N 49  
ASN H    H N N 50  
ASN H2   H N N 51  
ASN HA   H N N 52  
ASN HB2  H N N 53  
ASN HB3  H N N 54  
ASN HD21 H N N 55  
ASN HD22 H N N 56  
ASN HXT  H N N 57  
ASP N    N N N 58  
ASP CA   C N S 59  
ASP C    C N N 60  
ASP O    O N N 61  
ASP CB   C N N 62  
ASP CG   C N N 63  
ASP OD1  O N N 64  
ASP OD2  O N N 65  
ASP OXT  O N N 66  
ASP H    H N N 67  
ASP H2   H N N 68  
ASP HA   H N N 69  
ASP HB2  H N N 70  
ASP HB3  H N N 71  
ASP HD2  H N N 72  
ASP HXT  H N N 73  
CYS N    N N N 74  
CYS CA   C N R 75  
CYS C    C N N 76  
CYS O    O N N 77  
CYS CB   C N N 78  
CYS SG   S N N 79  
CYS OXT  O N N 80  
CYS H    H N N 81  
CYS H2   H N N 82  
CYS HA   H N N 83  
CYS HB2  H N N 84  
CYS HB3  H N N 85  
CYS HG   H N N 86  
CYS HXT  H N N 87  
GLN N    N N N 88  
GLN CA   C N S 89  
GLN C    C N N 90  
GLN O    O N N 91  
GLN CB   C N N 92  
GLN CG   C N N 93  
GLN CD   C N N 94  
GLN OE1  O N N 95  
GLN NE2  N N N 96  
GLN OXT  O N N 97  
GLN H    H N N 98  
GLN H2   H N N 99  
GLN HA   H N N 100 
GLN HB2  H N N 101 
GLN HB3  H N N 102 
GLN HG2  H N N 103 
GLN HG3  H N N 104 
GLN HE21 H N N 105 
GLN HE22 H N N 106 
GLN HXT  H N N 107 
GLU N    N N N 108 
GLU CA   C N S 109 
GLU C    C N N 110 
GLU O    O N N 111 
GLU CB   C N N 112 
GLU CG   C N N 113 
GLU CD   C N N 114 
GLU OE1  O N N 115 
GLU OE2  O N N 116 
GLU OXT  O N N 117 
GLU H    H N N 118 
GLU H2   H N N 119 
GLU HA   H N N 120 
GLU HB2  H N N 121 
GLU HB3  H N N 122 
GLU HG2  H N N 123 
GLU HG3  H N N 124 
GLU HE2  H N N 125 
GLU HXT  H N N 126 
GLY N    N N N 127 
GLY CA   C N N 128 
GLY C    C N N 129 
GLY O    O N N 130 
GLY OXT  O N N 131 
GLY H    H N N 132 
GLY H2   H N N 133 
GLY HA2  H N N 134 
GLY HA3  H N N 135 
GLY HXT  H N N 136 
HIS N    N N N 137 
HIS CA   C N S 138 
HIS C    C N N 139 
HIS O    O N N 140 
HIS CB   C N N 141 
HIS CG   C Y N 142 
HIS ND1  N Y N 143 
HIS CD2  C Y N 144 
HIS CE1  C Y N 145 
HIS NE2  N Y N 146 
HIS OXT  O N N 147 
HIS H    H N N 148 
HIS H2   H N N 149 
HIS HA   H N N 150 
HIS HB2  H N N 151 
HIS HB3  H N N 152 
HIS HD1  H N N 153 
HIS HD2  H N N 154 
HIS HE1  H N N 155 
HIS HE2  H N N 156 
HIS HXT  H N N 157 
HOH O    O N N 158 
HOH H1   H N N 159 
HOH H2   H N N 160 
ILE N    N N N 161 
ILE CA   C N S 162 
ILE C    C N N 163 
ILE O    O N N 164 
ILE CB   C N S 165 
ILE CG1  C N N 166 
ILE CG2  C N N 167 
ILE CD1  C N N 168 
ILE OXT  O N N 169 
ILE H    H N N 170 
ILE H2   H N N 171 
ILE HA   H N N 172 
ILE HB   H N N 173 
ILE HG12 H N N 174 
ILE HG13 H N N 175 
ILE HG21 H N N 176 
ILE HG22 H N N 177 
ILE HG23 H N N 178 
ILE HD11 H N N 179 
ILE HD12 H N N 180 
ILE HD13 H N N 181 
ILE HXT  H N N 182 
LEU N    N N N 183 
LEU CA   C N S 184 
LEU C    C N N 185 
LEU O    O N N 186 
LEU CB   C N N 187 
LEU CG   C N N 188 
LEU CD1  C N N 189 
LEU CD2  C N N 190 
LEU OXT  O N N 191 
LEU H    H N N 192 
LEU H2   H N N 193 
LEU HA   H N N 194 
LEU HB2  H N N 195 
LEU HB3  H N N 196 
LEU HG   H N N 197 
LEU HD11 H N N 198 
LEU HD12 H N N 199 
LEU HD13 H N N 200 
LEU HD21 H N N 201 
LEU HD22 H N N 202 
LEU HD23 H N N 203 
LEU HXT  H N N 204 
LYS N    N N N 205 
LYS CA   C N S 206 
LYS C    C N N 207 
LYS O    O N N 208 
LYS CB   C N N 209 
LYS CG   C N N 210 
LYS CD   C N N 211 
LYS CE   C N N 212 
LYS NZ   N N N 213 
LYS OXT  O N N 214 
LYS H    H N N 215 
LYS H2   H N N 216 
LYS HA   H N N 217 
LYS HB2  H N N 218 
LYS HB3  H N N 219 
LYS HG2  H N N 220 
LYS HG3  H N N 221 
LYS HD2  H N N 222 
LYS HD3  H N N 223 
LYS HE2  H N N 224 
LYS HE3  H N N 225 
LYS HZ1  H N N 226 
LYS HZ2  H N N 227 
LYS HZ3  H N N 228 
LYS HXT  H N N 229 
MET N    N N N 230 
MET CA   C N S 231 
MET C    C N N 232 
MET O    O N N 233 
MET CB   C N N 234 
MET CG   C N N 235 
MET SD   S N N 236 
MET CE   C N N 237 
MET OXT  O N N 238 
MET H    H N N 239 
MET H2   H N N 240 
MET HA   H N N 241 
MET HB2  H N N 242 
MET HB3  H N N 243 
MET HG2  H N N 244 
MET HG3  H N N 245 
MET HE1  H N N 246 
MET HE2  H N N 247 
MET HE3  H N N 248 
MET HXT  H N N 249 
MLY N    N N N 250 
MLY CA   C N S 251 
MLY CB   C N N 252 
MLY CG   C N N 253 
MLY CD   C N N 254 
MLY CE   C N N 255 
MLY NZ   N N N 256 
MLY CH1  C N N 257 
MLY CH2  C N N 258 
MLY C    C N N 259 
MLY O    O N N 260 
MLY OXT  O N N 261 
MLY H    H N N 262 
MLY H2   H N N 263 
MLY HA   H N N 264 
MLY HB2  H N N 265 
MLY HB3  H N N 266 
MLY HG2  H N N 267 
MLY HG3  H N N 268 
MLY HD2  H N N 269 
MLY HD3  H N N 270 
MLY HE2  H N N 271 
MLY HE3  H N N 272 
MLY HH11 H N N 273 
MLY HH12 H N N 274 
MLY HH13 H N N 275 
MLY HH21 H N N 276 
MLY HH22 H N N 277 
MLY HH23 H N N 278 
MLY HXT  H N N 279 
PGE C1   C N N 280 
PGE O1   O N N 281 
PGE C2   C N N 282 
PGE O2   O N N 283 
PGE C3   C N N 284 
PGE C4   C N N 285 
PGE O4   O N N 286 
PGE C6   C N N 287 
PGE C5   C N N 288 
PGE O3   O N N 289 
PGE H1   H N N 290 
PGE H12  H N N 291 
PGE HO1  H N N 292 
PGE H2   H N N 293 
PGE H22  H N N 294 
PGE H3   H N N 295 
PGE H32  H N N 296 
PGE H4   H N N 297 
PGE H42  H N N 298 
PGE HO4  H N N 299 
PGE H6   H N N 300 
PGE H62  H N N 301 
PGE H5   H N N 302 
PGE H52  H N N 303 
PHE N    N N N 304 
PHE CA   C N S 305 
PHE C    C N N 306 
PHE O    O N N 307 
PHE CB   C N N 308 
PHE CG   C Y N 309 
PHE CD1  C Y N 310 
PHE CD2  C Y N 311 
PHE CE1  C Y N 312 
PHE CE2  C Y N 313 
PHE CZ   C Y N 314 
PHE OXT  O N N 315 
PHE H    H N N 316 
PHE H2   H N N 317 
PHE HA   H N N 318 
PHE HB2  H N N 319 
PHE HB3  H N N 320 
PHE HD1  H N N 321 
PHE HD2  H N N 322 
PHE HE1  H N N 323 
PHE HE2  H N N 324 
PHE HZ   H N N 325 
PHE HXT  H N N 326 
PRO N    N N N 327 
PRO CA   C N S 328 
PRO C    C N N 329 
PRO O    O N N 330 
PRO CB   C N N 331 
PRO CG   C N N 332 
PRO CD   C N N 333 
PRO OXT  O N N 334 
PRO H    H N N 335 
PRO HA   H N N 336 
PRO HB2  H N N 337 
PRO HB3  H N N 338 
PRO HG2  H N N 339 
PRO HG3  H N N 340 
PRO HD2  H N N 341 
PRO HD3  H N N 342 
PRO HXT  H N N 343 
SER N    N N N 344 
SER CA   C N S 345 
SER C    C N N 346 
SER O    O N N 347 
SER CB   C N N 348 
SER OG   O N N 349 
SER OXT  O N N 350 
SER H    H N N 351 
SER H2   H N N 352 
SER HA   H N N 353 
SER HB2  H N N 354 
SER HB3  H N N 355 
SER HG   H N N 356 
SER HXT  H N N 357 
SO4 S    S N N 358 
SO4 O1   O N N 359 
SO4 O2   O N N 360 
SO4 O3   O N N 361 
SO4 O4   O N N 362 
THR N    N N N 363 
THR CA   C N S 364 
THR C    C N N 365 
THR O    O N N 366 
THR CB   C N R 367 
THR OG1  O N N 368 
THR CG2  C N N 369 
THR OXT  O N N 370 
THR H    H N N 371 
THR H2   H N N 372 
THR HA   H N N 373 
THR HB   H N N 374 
THR HG1  H N N 375 
THR HG21 H N N 376 
THR HG22 H N N 377 
THR HG23 H N N 378 
THR HXT  H N N 379 
TRP N    N N N 380 
TRP CA   C N S 381 
TRP C    C N N 382 
TRP O    O N N 383 
TRP CB   C N N 384 
TRP CG   C Y N 385 
TRP CD1  C Y N 386 
TRP CD2  C Y N 387 
TRP NE1  N Y N 388 
TRP CE2  C Y N 389 
TRP CE3  C Y N 390 
TRP CZ2  C Y N 391 
TRP CZ3  C Y N 392 
TRP CH2  C Y N 393 
TRP OXT  O N N 394 
TRP H    H N N 395 
TRP H2   H N N 396 
TRP HA   H N N 397 
TRP HB2  H N N 398 
TRP HB3  H N N 399 
TRP HD1  H N N 400 
TRP HE1  H N N 401 
TRP HE3  H N N 402 
TRP HZ2  H N N 403 
TRP HZ3  H N N 404 
TRP HH2  H N N 405 
TRP HXT  H N N 406 
TYR N    N N N 407 
TYR CA   C N S 408 
TYR C    C N N 409 
TYR O    O N N 410 
TYR CB   C N N 411 
TYR CG   C Y N 412 
TYR CD1  C Y N 413 
TYR CD2  C Y N 414 
TYR CE1  C Y N 415 
TYR CE2  C Y N 416 
TYR CZ   C Y N 417 
TYR OH   O N N 418 
TYR OXT  O N N 419 
TYR H    H N N 420 
TYR H2   H N N 421 
TYR HA   H N N 422 
TYR HB2  H N N 423 
TYR HB3  H N N 424 
TYR HD1  H N N 425 
TYR HD2  H N N 426 
TYR HE1  H N N 427 
TYR HE2  H N N 428 
TYR HH   H N N 429 
TYR HXT  H N N 430 
VAL N    N N N 431 
VAL CA   C N S 432 
VAL C    C N N 433 
VAL O    O N N 434 
VAL CB   C N N 435 
VAL CG1  C N N 436 
VAL CG2  C N N 437 
VAL OXT  O N N 438 
VAL H    H N N 439 
VAL H2   H N N 440 
VAL HA   H N N 441 
VAL HB   H N N 442 
VAL HG11 H N N 443 
VAL HG12 H N N 444 
VAL HG13 H N N 445 
VAL HG21 H N N 446 
VAL HG22 H N N 447 
VAL HG23 H N N 448 
VAL HXT  H N N 449 
# 
loop_
_chem_comp_bond.comp_id 
_chem_comp_bond.atom_id_1 
_chem_comp_bond.atom_id_2 
_chem_comp_bond.value_order 
_chem_comp_bond.pdbx_aromatic_flag 
_chem_comp_bond.pdbx_stereo_config 
_chem_comp_bond.pdbx_ordinal 
ALA N   CA   sing N N 1   
ALA N   H    sing N N 2   
ALA N   H2   sing N N 3   
ALA CA  C    sing N N 4   
ALA CA  CB   sing N N 5   
ALA CA  HA   sing N N 6   
ALA C   O    doub N N 7   
ALA C   OXT  sing N N 8   
ALA CB  HB1  sing N N 9   
ALA CB  HB2  sing N N 10  
ALA CB  HB3  sing N N 11  
ALA OXT HXT  sing N N 12  
ARG N   CA   sing N N 13  
ARG N   H    sing N N 14  
ARG N   H2   sing N N 15  
ARG CA  C    sing N N 16  
ARG CA  CB   sing N N 17  
ARG CA  HA   sing N N 18  
ARG C   O    doub N N 19  
ARG C   OXT  sing N N 20  
ARG CB  CG   sing N N 21  
ARG CB  HB2  sing N N 22  
ARG CB  HB3  sing N N 23  
ARG CG  CD   sing N N 24  
ARG CG  HG2  sing N N 25  
ARG CG  HG3  sing N N 26  
ARG CD  NE   sing N N 27  
ARG CD  HD2  sing N N 28  
ARG CD  HD3  sing N N 29  
ARG NE  CZ   sing N N 30  
ARG NE  HE   sing N N 31  
ARG CZ  NH1  sing N N 32  
ARG CZ  NH2  doub N N 33  
ARG NH1 HH11 sing N N 34  
ARG NH1 HH12 sing N N 35  
ARG NH2 HH21 sing N N 36  
ARG NH2 HH22 sing N N 37  
ARG OXT HXT  sing N N 38  
ASN N   CA   sing N N 39  
ASN N   H    sing N N 40  
ASN N   H2   sing N N 41  
ASN CA  C    sing N N 42  
ASN CA  CB   sing N N 43  
ASN CA  HA   sing N N 44  
ASN C   O    doub N N 45  
ASN C   OXT  sing N N 46  
ASN CB  CG   sing N N 47  
ASN CB  HB2  sing N N 48  
ASN CB  HB3  sing N N 49  
ASN CG  OD1  doub N N 50  
ASN CG  ND2  sing N N 51  
ASN ND2 HD21 sing N N 52  
ASN ND2 HD22 sing N N 53  
ASN OXT HXT  sing N N 54  
ASP N   CA   sing N N 55  
ASP N   H    sing N N 56  
ASP N   H2   sing N N 57  
ASP CA  C    sing N N 58  
ASP CA  CB   sing N N 59  
ASP CA  HA   sing N N 60  
ASP C   O    doub N N 61  
ASP C   OXT  sing N N 62  
ASP CB  CG   sing N N 63  
ASP CB  HB2  sing N N 64  
ASP CB  HB3  sing N N 65  
ASP CG  OD1  doub N N 66  
ASP CG  OD2  sing N N 67  
ASP OD2 HD2  sing N N 68  
ASP OXT HXT  sing N N 69  
CYS N   CA   sing N N 70  
CYS N   H    sing N N 71  
CYS N   H2   sing N N 72  
CYS CA  C    sing N N 73  
CYS CA  CB   sing N N 74  
CYS CA  HA   sing N N 75  
CYS C   O    doub N N 76  
CYS C   OXT  sing N N 77  
CYS CB  SG   sing N N 78  
CYS CB  HB2  sing N N 79  
CYS CB  HB3  sing N N 80  
CYS SG  HG   sing N N 81  
CYS OXT HXT  sing N N 82  
GLN N   CA   sing N N 83  
GLN N   H    sing N N 84  
GLN N   H2   sing N N 85  
GLN CA  C    sing N N 86  
GLN CA  CB   sing N N 87  
GLN CA  HA   sing N N 88  
GLN C   O    doub N N 89  
GLN C   OXT  sing N N 90  
GLN CB  CG   sing N N 91  
GLN CB  HB2  sing N N 92  
GLN CB  HB3  sing N N 93  
GLN CG  CD   sing N N 94  
GLN CG  HG2  sing N N 95  
GLN CG  HG3  sing N N 96  
GLN CD  OE1  doub N N 97  
GLN CD  NE2  sing N N 98  
GLN NE2 HE21 sing N N 99  
GLN NE2 HE22 sing N N 100 
GLN OXT HXT  sing N N 101 
GLU N   CA   sing N N 102 
GLU N   H    sing N N 103 
GLU N   H2   sing N N 104 
GLU CA  C    sing N N 105 
GLU CA  CB   sing N N 106 
GLU CA  HA   sing N N 107 
GLU C   O    doub N N 108 
GLU C   OXT  sing N N 109 
GLU CB  CG   sing N N 110 
GLU CB  HB2  sing N N 111 
GLU CB  HB3  sing N N 112 
GLU CG  CD   sing N N 113 
GLU CG  HG2  sing N N 114 
GLU CG  HG3  sing N N 115 
GLU CD  OE1  doub N N 116 
GLU CD  OE2  sing N N 117 
GLU OE2 HE2  sing N N 118 
GLU OXT HXT  sing N N 119 
GLY N   CA   sing N N 120 
GLY N   H    sing N N 121 
GLY N   H2   sing N N 122 
GLY CA  C    sing N N 123 
GLY CA  HA2  sing N N 124 
GLY CA  HA3  sing N N 125 
GLY C   O    doub N N 126 
GLY C   OXT  sing N N 127 
GLY OXT HXT  sing N N 128 
HIS N   CA   sing N N 129 
HIS N   H    sing N N 130 
HIS N   H2   sing N N 131 
HIS CA  C    sing N N 132 
HIS CA  CB   sing N N 133 
HIS CA  HA   sing N N 134 
HIS C   O    doub N N 135 
HIS C   OXT  sing N N 136 
HIS CB  CG   sing N N 137 
HIS CB  HB2  sing N N 138 
HIS CB  HB3  sing N N 139 
HIS CG  ND1  sing Y N 140 
HIS CG  CD2  doub Y N 141 
HIS ND1 CE1  doub Y N 142 
HIS ND1 HD1  sing N N 143 
HIS CD2 NE2  sing Y N 144 
HIS CD2 HD2  sing N N 145 
HIS CE1 NE2  sing Y N 146 
HIS CE1 HE1  sing N N 147 
HIS NE2 HE2  sing N N 148 
HIS OXT HXT  sing N N 149 
HOH O   H1   sing N N 150 
HOH O   H2   sing N N 151 
ILE N   CA   sing N N 152 
ILE N   H    sing N N 153 
ILE N   H2   sing N N 154 
ILE CA  C    sing N N 155 
ILE CA  CB   sing N N 156 
ILE CA  HA   sing N N 157 
ILE C   O    doub N N 158 
ILE C   OXT  sing N N 159 
ILE CB  CG1  sing N N 160 
ILE CB  CG2  sing N N 161 
ILE CB  HB   sing N N 162 
ILE CG1 CD1  sing N N 163 
ILE CG1 HG12 sing N N 164 
ILE CG1 HG13 sing N N 165 
ILE CG2 HG21 sing N N 166 
ILE CG2 HG22 sing N N 167 
ILE CG2 HG23 sing N N 168 
ILE CD1 HD11 sing N N 169 
ILE CD1 HD12 sing N N 170 
ILE CD1 HD13 sing N N 171 
ILE OXT HXT  sing N N 172 
LEU N   CA   sing N N 173 
LEU N   H    sing N N 174 
LEU N   H2   sing N N 175 
LEU CA  C    sing N N 176 
LEU CA  CB   sing N N 177 
LEU CA  HA   sing N N 178 
LEU C   O    doub N N 179 
LEU C   OXT  sing N N 180 
LEU CB  CG   sing N N 181 
LEU CB  HB2  sing N N 182 
LEU CB  HB3  sing N N 183 
LEU CG  CD1  sing N N 184 
LEU CG  CD2  sing N N 185 
LEU CG  HG   sing N N 186 
LEU CD1 HD11 sing N N 187 
LEU CD1 HD12 sing N N 188 
LEU CD1 HD13 sing N N 189 
LEU CD2 HD21 sing N N 190 
LEU CD2 HD22 sing N N 191 
LEU CD2 HD23 sing N N 192 
LEU OXT HXT  sing N N 193 
LYS N   CA   sing N N 194 
LYS N   H    sing N N 195 
LYS N   H2   sing N N 196 
LYS CA  C    sing N N 197 
LYS CA  CB   sing N N 198 
LYS CA  HA   sing N N 199 
LYS C   O    doub N N 200 
LYS C   OXT  sing N N 201 
LYS CB  CG   sing N N 202 
LYS CB  HB2  sing N N 203 
LYS CB  HB3  sing N N 204 
LYS CG  CD   sing N N 205 
LYS CG  HG2  sing N N 206 
LYS CG  HG3  sing N N 207 
LYS CD  CE   sing N N 208 
LYS CD  HD2  sing N N 209 
LYS CD  HD3  sing N N 210 
LYS CE  NZ   sing N N 211 
LYS CE  HE2  sing N N 212 
LYS CE  HE3  sing N N 213 
LYS NZ  HZ1  sing N N 214 
LYS NZ  HZ2  sing N N 215 
LYS NZ  HZ3  sing N N 216 
LYS OXT HXT  sing N N 217 
MET N   CA   sing N N 218 
MET N   H    sing N N 219 
MET N   H2   sing N N 220 
MET CA  C    sing N N 221 
MET CA  CB   sing N N 222 
MET CA  HA   sing N N 223 
MET C   O    doub N N 224 
MET C   OXT  sing N N 225 
MET CB  CG   sing N N 226 
MET CB  HB2  sing N N 227 
MET CB  HB3  sing N N 228 
MET CG  SD   sing N N 229 
MET CG  HG2  sing N N 230 
MET CG  HG3  sing N N 231 
MET SD  CE   sing N N 232 
MET CE  HE1  sing N N 233 
MET CE  HE2  sing N N 234 
MET CE  HE3  sing N N 235 
MET OXT HXT  sing N N 236 
MLY N   CA   sing N N 237 
MLY N   H    sing N N 238 
MLY N   H2   sing N N 239 
MLY CA  CB   sing N N 240 
MLY CA  C    sing N N 241 
MLY CA  HA   sing N N 242 
MLY CB  CG   sing N N 243 
MLY CB  HB2  sing N N 244 
MLY CB  HB3  sing N N 245 
MLY CG  CD   sing N N 246 
MLY CG  HG2  sing N N 247 
MLY CG  HG3  sing N N 248 
MLY CD  CE   sing N N 249 
MLY CD  HD2  sing N N 250 
MLY CD  HD3  sing N N 251 
MLY CE  NZ   sing N N 252 
MLY CE  HE2  sing N N 253 
MLY CE  HE3  sing N N 254 
MLY NZ  CH1  sing N N 255 
MLY NZ  CH2  sing N N 256 
MLY CH1 HH11 sing N N 257 
MLY CH1 HH12 sing N N 258 
MLY CH1 HH13 sing N N 259 
MLY CH2 HH21 sing N N 260 
MLY CH2 HH22 sing N N 261 
MLY CH2 HH23 sing N N 262 
MLY C   O    doub N N 263 
MLY C   OXT  sing N N 264 
MLY OXT HXT  sing N N 265 
PGE C1  O1   sing N N 266 
PGE C1  C2   sing N N 267 
PGE C1  H1   sing N N 268 
PGE C1  H12  sing N N 269 
PGE O1  HO1  sing N N 270 
PGE C2  O2   sing N N 271 
PGE C2  H2   sing N N 272 
PGE C2  H22  sing N N 273 
PGE O2  C3   sing N N 274 
PGE C3  C4   sing N N 275 
PGE C3  H3   sing N N 276 
PGE C3  H32  sing N N 277 
PGE C4  O3   sing N N 278 
PGE C4  H4   sing N N 279 
PGE C4  H42  sing N N 280 
PGE O4  C6   sing N N 281 
PGE O4  HO4  sing N N 282 
PGE C6  C5   sing N N 283 
PGE C6  H6   sing N N 284 
PGE C6  H62  sing N N 285 
PGE C5  O3   sing N N 286 
PGE C5  H5   sing N N 287 
PGE C5  H52  sing N N 288 
PHE N   CA   sing N N 289 
PHE N   H    sing N N 290 
PHE N   H2   sing N N 291 
PHE CA  C    sing N N 292 
PHE CA  CB   sing N N 293 
PHE CA  HA   sing N N 294 
PHE C   O    doub N N 295 
PHE C   OXT  sing N N 296 
PHE CB  CG   sing N N 297 
PHE CB  HB2  sing N N 298 
PHE CB  HB3  sing N N 299 
PHE CG  CD1  doub Y N 300 
PHE CG  CD2  sing Y N 301 
PHE CD1 CE1  sing Y N 302 
PHE CD1 HD1  sing N N 303 
PHE CD2 CE2  doub Y N 304 
PHE CD2 HD2  sing N N 305 
PHE CE1 CZ   doub Y N 306 
PHE CE1 HE1  sing N N 307 
PHE CE2 CZ   sing Y N 308 
PHE CE2 HE2  sing N N 309 
PHE CZ  HZ   sing N N 310 
PHE OXT HXT  sing N N 311 
PRO N   CA   sing N N 312 
PRO N   CD   sing N N 313 
PRO N   H    sing N N 314 
PRO CA  C    sing N N 315 
PRO CA  CB   sing N N 316 
PRO CA  HA   sing N N 317 
PRO C   O    doub N N 318 
PRO C   OXT  sing N N 319 
PRO CB  CG   sing N N 320 
PRO CB  HB2  sing N N 321 
PRO CB  HB3  sing N N 322 
PRO CG  CD   sing N N 323 
PRO CG  HG2  sing N N 324 
PRO CG  HG3  sing N N 325 
PRO CD  HD2  sing N N 326 
PRO CD  HD3  sing N N 327 
PRO OXT HXT  sing N N 328 
SER N   CA   sing N N 329 
SER N   H    sing N N 330 
SER N   H2   sing N N 331 
SER CA  C    sing N N 332 
SER CA  CB   sing N N 333 
SER CA  HA   sing N N 334 
SER C   O    doub N N 335 
SER C   OXT  sing N N 336 
SER CB  OG   sing N N 337 
SER CB  HB2  sing N N 338 
SER CB  HB3  sing N N 339 
SER OG  HG   sing N N 340 
SER OXT HXT  sing N N 341 
SO4 S   O1   doub N N 342 
SO4 S   O2   doub N N 343 
SO4 S   O3   sing N N 344 
SO4 S   O4   sing N N 345 
THR N   CA   sing N N 346 
THR N   H    sing N N 347 
THR N   H2   sing N N 348 
THR CA  C    sing N N 349 
THR CA  CB   sing N N 350 
THR CA  HA   sing N N 351 
THR C   O    doub N N 352 
THR C   OXT  sing N N 353 
THR CB  OG1  sing N N 354 
THR CB  CG2  sing N N 355 
THR CB  HB   sing N N 356 
THR OG1 HG1  sing N N 357 
THR CG2 HG21 sing N N 358 
THR CG2 HG22 sing N N 359 
THR CG2 HG23 sing N N 360 
THR OXT HXT  sing N N 361 
TRP N   CA   sing N N 362 
TRP N   H    sing N N 363 
TRP N   H2   sing N N 364 
TRP CA  C    sing N N 365 
TRP CA  CB   sing N N 366 
TRP CA  HA   sing N N 367 
TRP C   O    doub N N 368 
TRP C   OXT  sing N N 369 
TRP CB  CG   sing N N 370 
TRP CB  HB2  sing N N 371 
TRP CB  HB3  sing N N 372 
TRP CG  CD1  doub Y N 373 
TRP CG  CD2  sing Y N 374 
TRP CD1 NE1  sing Y N 375 
TRP CD1 HD1  sing N N 376 
TRP CD2 CE2  doub Y N 377 
TRP CD2 CE3  sing Y N 378 
TRP NE1 CE2  sing Y N 379 
TRP NE1 HE1  sing N N 380 
TRP CE2 CZ2  sing Y N 381 
TRP CE3 CZ3  doub Y N 382 
TRP CE3 HE3  sing N N 383 
TRP CZ2 CH2  doub Y N 384 
TRP CZ2 HZ2  sing N N 385 
TRP CZ3 CH2  sing Y N 386 
TRP CZ3 HZ3  sing N N 387 
TRP CH2 HH2  sing N N 388 
TRP OXT HXT  sing N N 389 
TYR N   CA   sing N N 390 
TYR N   H    sing N N 391 
TYR N   H2   sing N N 392 
TYR CA  C    sing N N 393 
TYR CA  CB   sing N N 394 
TYR CA  HA   sing N N 395 
TYR C   O    doub N N 396 
TYR C   OXT  sing N N 397 
TYR CB  CG   sing N N 398 
TYR CB  HB2  sing N N 399 
TYR CB  HB3  sing N N 400 
TYR CG  CD1  doub Y N 401 
TYR CG  CD2  sing Y N 402 
TYR CD1 CE1  sing Y N 403 
TYR CD1 HD1  sing N N 404 
TYR CD2 CE2  doub Y N 405 
TYR CD2 HD2  sing N N 406 
TYR CE1 CZ   doub Y N 407 
TYR CE1 HE1  sing N N 408 
TYR CE2 CZ   sing Y N 409 
TYR CE2 HE2  sing N N 410 
TYR CZ  OH   sing N N 411 
TYR OH  HH   sing N N 412 
TYR OXT HXT  sing N N 413 
VAL N   CA   sing N N 414 
VAL N   H    sing N N 415 
VAL N   H2   sing N N 416 
VAL CA  C    sing N N 417 
VAL CA  CB   sing N N 418 
VAL CA  HA   sing N N 419 
VAL C   O    doub N N 420 
VAL C   OXT  sing N N 421 
VAL CB  CG1  sing N N 422 
VAL CB  CG2  sing N N 423 
VAL CB  HB   sing N N 424 
VAL CG1 HG11 sing N N 425 
VAL CG1 HG12 sing N N 426 
VAL CG1 HG13 sing N N 427 
VAL CG2 HG21 sing N N 428 
VAL CG2 HG22 sing N N 429 
VAL CG2 HG23 sing N N 430 
VAL OXT HXT  sing N N 431 
# 
loop_
_pdbx_entity_nonpoly.entity_id 
_pdbx_entity_nonpoly.name 
_pdbx_entity_nonpoly.comp_id 
3 'TRIETHYLENE GLYCOL' PGE 
4 'SULFATE ION'        SO4 
5 water                HOH 
# 
_pdbx_initial_refinement_model.id               1 
_pdbx_initial_refinement_model.entity_id_list   ? 
_pdbx_initial_refinement_model.type             'experimental model' 
_pdbx_initial_refinement_model.source_name      PDB 
_pdbx_initial_refinement_model.accession_code   2G3R 
_pdbx_initial_refinement_model.details          'PDB entry 2G3R' 
# 
